data_6CK9
#
_entry.id   6CK9
#
_cell.length_a   131.900
_cell.length_b   131.900
_cell.length_c   314.860
_cell.angle_alpha   90.000
_cell.angle_beta   90.000
_cell.angle_gamma   120.000
#
_symmetry.space_group_name_H-M   'P 63'
#
loop_
_entity.id
_entity.type
_entity.pdbx_description
1 polymer 'gp41 ectodomain of Envelope glycoprotein gp160'
2 polymer '35O22 scFv heavy chain portion'
3 polymer '35O22 scFv light chain portion'
4 polymer 'gp120 of Envelope glycoprotein gp160'
5 polymer '3H109L Fab heavy chain'
6 polymer '3H109L Fab light chain'
7 branched alpha-D-mannopyranose-(1-3)-[alpha-D-mannopyranose-(1-6)]beta-D-mannopyranose-(1-4)-2-acetamido-2-deoxy-beta-D-glucopyranose-(1-4)-2-acetamido-2-deoxy-beta-D-glucopyranose
8 branched alpha-D-mannopyranose-(1-3)-alpha-D-mannopyranose-(1-6)-[alpha-D-mannopyranose-(1-3)]beta-D-mannopyranose-(1-4)-2-acetamido-2-deoxy-beta-D-glucopyranose-(1-4)-2-acetamido-2-deoxy-beta-D-glucopyranose
9 branched alpha-D-mannopyranose-(1-3)-beta-D-mannopyranose-(1-4)-2-acetamido-2-deoxy-beta-D-glucopyranose-(1-4)-2-acetamido-2-deoxy-beta-D-glucopyranose
10 branched 2-acetamido-2-deoxy-beta-D-glucopyranose-(1-4)-2-acetamido-2-deoxy-beta-D-glucopyranose
11 branched 2-acetamido-2-deoxy-beta-D-glucopyranose-(1-3)-2-acetamido-2-deoxy-beta-D-glucopyranose
12 branched alpha-D-mannopyranose-(1-2)-alpha-D-mannopyranose-(1-2)-alpha-D-mannopyranose-(1-3)-[alpha-D-mannopyranose-(1-2)-alpha-D-mannopyranose-(1-6)-[alpha-D-mannopyranose-(1-3)]alpha-D-mannopyranose-(1-6)]beta-D-mannopyranose-(1-4)-2-acetamido-2-deoxy-beta-D-glucopyranose-(1-4)-2-acetamido-2-deoxy-beta-D-glucopyranose
13 non-polymer 2-acetamido-2-deoxy-beta-D-glucopyranose
#
loop_
_entity_poly.entity_id
_entity_poly.type
_entity_poly.pdbx_seq_one_letter_code
_entity_poly.pdbx_strand_id
1 'polypeptide(L)'
;AVGIGAVFLGFLGAAGSTMGAASNTLTVQARQLLSGIVQQQSNLLRAPEAQQHMLQLTVWGFKQLQARVLAIERYLEVQQ
LLGIWGCSGKLICCTAVPWNSSWSNKSQEDIWDNMTWMQWDREISNYTDTIYRLLEESQFQQEINEKDLLALD
;
B
2 'polypeptide(L)'
;QGQLVQSGATTTKPGSSVKISCKTSGYRFNFYHINWIRQTAGRGPEWMGWISPYSGDKNLAPAFQDRVIMTTDTEVPVTS
FTSTGAAYMEIRNLTSDDTGTYFCAKGLLRDGSSTWLPYLWGQGTLLTVSSAST
;
D
3 'polypeptide(L)'
;SQSVLTQSASVSGSLGQSVTISCTGPNSVCCSHKSISWYQWPPGRAPTLIIYEDNERAPGISPRFSGYKSYWSAYLTISD
LRPEDETTYYCCSYTHNSGCVFGTGTKVSVLGQS
;
E
4 'polypeptide(L)'
;NLWVTVYYGVPVWKEAKTTLFCASDAKAYEKEVHNVWATHACVPTDPNPQEMVLENVTENFNMWKNDMVDQMHEDIISLW
DQSLKPCVKLTPLCVTLNCTNVNVTNTNNNNMKEEMKNCSFNTTTEIRDKKQKEYALFYRLDIVPLNENSSEYRLINCNT
STITQICPKVSFDPIPIHYCAPAGYAILKCNNKTFNGTGPCNNVSTVQCTHGIKPVVSTQLLLNGSLAEEEIIIRSENLT
DNAKTIIVHLNESVEINCTRPNNNTRKSIRIGPGQTFYATGDIIGDIRQAHCNISEAKWNKTLQRVKKKLKEHFPNKTIK
FAPSSGGDLEITTHSFNCRGEFFYCNTSKLFNSTYNNTTSNSTITLPCRIKQIINMWQEVGRAMYAPPIAGNITCKSNIT
GLLLTRDGGNNNNNTETFRPGGGDMRDNWRSELYKYKVVEIKPLGIAPTKCKRRVVERRRRRR
;
G
5 'polypeptide(L)'
;QVQLQESGPGLVKPSETLSLTCTVSGGSISNYYWSWIRQSPGKGLEWIGYISDSESTNYNPSLKSRVIISVDTSKNQLSL
KLNSVTAADSAIYYCARAQQGKRIYGMVSFGEFFYYYYMDVWGKGTTVTVSSASTKGPSVFPLAPSSKSTSGGTAALGCL
VKDYFPEPVTVSWNSGALTSGVHTFPAVLQSSGLYSLSSVVTVPSSSLGTQTYICNVNHKPSNTKVDKKVEPKSCDKGLE
VLFQ
;
H
6 'polypeptide(L)'
;SVTSYVRPLSVALGETASISCGRQALGSRAVQWYQHRPGQAPILLIYNNQDRPSGIPERFSGTPDINFGTRATLTISGVE
AGDEADYYCHMWDSRSGFSWSFGGATRLTVLGQPKAAPSVTLFPPSSEELQANKATLVCLISDFYPGAVTVAWKADSSPV
KAGVETTTPSKQSNNKYAASSYLSLTPMQWKMHKSYSCQVTHEGSTVEKTVAPTECS
;
L
#
loop_
_chem_comp.id
_chem_comp.type
_chem_comp.name
_chem_comp.formula
BMA D-saccharide, beta linking beta-D-mannopyranose 'C6 H12 O6'
MAN D-saccharide, alpha linking alpha-D-mannopyranose 'C6 H12 O6'
NAG D-saccharide, beta linking 2-acetamido-2-deoxy-beta-D-glucopyranose 'C8 H15 N O6'
#
# COMPACT_ATOMS: atom_id res chain seq x y z
N LEU A 9 -28.68 -3.17 -34.91
CA LEU A 9 -29.58 -4.29 -34.67
C LEU A 9 -28.84 -5.42 -33.97
N GLY A 10 -29.13 -5.60 -32.68
CA GLY A 10 -28.41 -6.57 -31.88
C GLY A 10 -29.27 -7.48 -31.02
N PHE A 11 -28.63 -8.19 -30.10
CA PHE A 11 -29.31 -9.18 -29.27
C PHE A 11 -30.20 -8.48 -28.25
N LEU A 12 -31.48 -8.86 -28.24
CA LEU A 12 -32.49 -8.31 -27.33
C LEU A 12 -32.64 -6.80 -27.46
N GLY A 13 -32.21 -6.23 -28.59
CA GLY A 13 -32.24 -4.79 -28.75
C GLY A 13 -33.63 -4.20 -28.62
N ALA A 14 -34.65 -4.92 -29.08
CA ALA A 14 -36.04 -4.48 -29.01
C ALA A 14 -36.78 -5.11 -27.83
N ALA A 15 -36.09 -5.26 -26.69
CA ALA A 15 -36.74 -5.84 -25.52
C ALA A 15 -37.82 -4.93 -24.96
N GLY A 16 -37.58 -3.63 -24.98
CA GLY A 16 -38.55 -2.64 -24.55
C GLY A 16 -39.37 -2.04 -25.68
N SER A 17 -39.25 -2.55 -26.90
CA SER A 17 -40.02 -2.05 -28.03
C SER A 17 -41.37 -2.74 -28.10
N THR A 18 -42.23 -2.22 -28.97
CA THR A 18 -43.52 -2.84 -29.21
C THR A 18 -43.36 -4.20 -29.85
N MET A 19 -44.36 -5.06 -29.67
CA MET A 19 -44.30 -6.41 -30.23
C MET A 19 -44.28 -6.38 -31.75
N GLY A 20 -44.84 -5.33 -32.36
CA GLY A 20 -44.75 -5.20 -33.80
C GLY A 20 -43.34 -4.90 -34.27
N ALA A 21 -42.61 -4.10 -33.51
CA ALA A 21 -41.22 -3.82 -33.84
C ALA A 21 -40.31 -5.00 -33.49
N ALA A 22 -40.57 -5.66 -32.37
CA ALA A 22 -39.77 -6.81 -31.97
C ALA A 22 -40.04 -8.03 -32.84
N SER A 23 -41.22 -8.13 -33.46
CA SER A 23 -41.50 -9.22 -34.39
C SER A 23 -40.66 -9.11 -35.66
N ASN A 24 -40.21 -7.89 -36.01
CA ASN A 24 -39.35 -7.71 -37.17
C ASN A 24 -37.90 -8.06 -36.86
N THR A 25 -37.52 -8.11 -35.59
CA THR A 25 -36.14 -8.37 -35.20
C THR A 25 -36.04 -9.57 -34.27
N LEU A 26 -36.73 -10.67 -34.61
CA LEU A 26 -36.68 -11.87 -33.79
C LEU A 26 -35.70 -12.92 -34.30
N THR A 27 -35.09 -12.69 -35.47
CA THR A 27 -34.06 -13.59 -35.96
C THR A 27 -32.73 -13.43 -35.23
N VAL A 28 -32.48 -12.25 -34.65
CA VAL A 28 -31.22 -12.03 -33.95
C VAL A 28 -31.17 -12.86 -32.68
N GLN A 29 -32.30 -12.98 -31.98
CA GLN A 29 -32.33 -13.80 -30.76
C GLN A 29 -32.29 -15.28 -31.09
N ALA A 30 -32.88 -15.68 -32.21
CA ALA A 30 -32.85 -17.09 -32.60
C ALA A 30 -31.51 -17.46 -33.23
N ARG A 31 -30.81 -16.50 -33.84
CA ARG A 31 -29.51 -16.74 -34.43
C ARG A 31 -28.50 -17.12 -33.35
N GLN A 32 -28.21 -16.17 -32.46
CA GLN A 32 -27.24 -16.38 -31.39
C GLN A 32 -27.91 -17.01 -30.17
N LEU A 33 -28.47 -18.19 -30.38
CA LEU A 33 -29.17 -18.93 -29.33
C LEU A 33 -28.42 -20.19 -28.88
N LEU A 34 -27.73 -20.87 -29.79
CA LEU A 34 -26.85 -21.97 -29.41
C LEU A 34 -25.41 -21.51 -29.20
N SER A 35 -24.93 -20.60 -30.06
CA SER A 35 -23.67 -19.92 -29.83
C SER A 35 -23.93 -18.66 -29.02
N GLY A 36 -22.94 -18.25 -28.22
CA GLY A 36 -23.09 -17.13 -27.33
C GLY A 36 -23.40 -15.83 -28.07
N ILE A 37 -23.72 -14.81 -27.27
CA ILE A 37 -24.04 -13.49 -27.80
C ILE A 37 -22.79 -12.89 -28.46
N VAL A 38 -22.39 -13.47 -29.58
CA VAL A 38 -21.19 -13.01 -30.29
C VAL A 38 -21.47 -12.91 -31.78
N LEU A 55 -10.44 -30.51 -20.50
CA LEU A 55 -10.48 -31.90 -20.07
C LEU A 55 -9.84 -32.07 -18.70
N GLN A 56 -9.93 -31.04 -17.87
CA GLN A 56 -9.33 -31.07 -16.54
C GLN A 56 -10.39 -31.50 -15.53
N LEU A 57 -10.16 -31.19 -14.24
CA LEU A 57 -11.06 -31.65 -13.19
C LEU A 57 -12.26 -30.72 -13.02
N THR A 58 -12.94 -30.82 -11.88
CA THR A 58 -14.23 -30.17 -11.67
C THR A 58 -14.12 -28.67 -11.39
N VAL A 59 -12.92 -28.11 -11.33
CA VAL A 59 -12.78 -26.68 -11.06
C VAL A 59 -13.45 -25.87 -12.16
N TRP A 60 -12.96 -26.01 -13.40
CA TRP A 60 -13.59 -25.38 -14.55
C TRP A 60 -14.00 -26.35 -15.64
N GLY A 61 -13.39 -27.54 -15.71
CA GLY A 61 -13.70 -28.46 -16.79
C GLY A 61 -15.09 -29.05 -16.66
N PHE A 62 -15.42 -29.57 -15.47
CA PHE A 62 -16.73 -30.16 -15.26
C PHE A 62 -17.81 -29.11 -15.08
N LYS A 63 -17.46 -27.93 -14.57
CA LYS A 63 -18.46 -26.89 -14.37
C LYS A 63 -18.89 -26.27 -15.70
N GLN A 64 -17.95 -26.07 -16.63
CA GLN A 64 -18.29 -25.52 -17.93
C GLN A 64 -18.88 -26.57 -18.86
N LEU A 65 -18.62 -27.85 -18.62
CA LEU A 65 -19.25 -28.89 -19.43
C LEU A 65 -20.73 -29.01 -19.09
N GLN A 66 -21.06 -29.11 -17.80
CA GLN A 66 -22.45 -29.09 -17.39
C GLN A 66 -23.12 -27.75 -17.70
N ALA A 67 -22.34 -26.68 -17.84
CA ALA A 67 -22.89 -25.39 -18.21
C ALA A 67 -23.38 -25.40 -19.65
N ARG A 68 -22.57 -25.93 -20.57
CA ARG A 68 -22.95 -25.94 -21.98
C ARG A 68 -23.94 -27.04 -22.31
N VAL A 69 -24.10 -28.04 -21.44
CA VAL A 69 -25.20 -28.99 -21.59
C VAL A 69 -26.52 -28.32 -21.29
N LEU A 70 -26.54 -27.42 -20.30
CA LEU A 70 -27.73 -26.62 -20.02
C LEU A 70 -28.09 -25.70 -21.18
N ALA A 71 -27.11 -25.36 -22.03
CA ALA A 71 -27.39 -24.51 -23.18
C ALA A 71 -28.27 -25.23 -24.19
N ILE A 72 -27.88 -26.44 -24.58
CA ILE A 72 -28.70 -27.22 -25.50
C ILE A 72 -29.91 -27.84 -24.80
N GLU A 73 -29.87 -27.96 -23.47
CA GLU A 73 -31.04 -28.43 -22.74
C GLU A 73 -32.16 -27.41 -22.81
N ARG A 74 -31.84 -26.13 -22.58
CA ARG A 74 -32.82 -25.06 -22.71
C ARG A 74 -33.22 -24.79 -24.15
N TYR A 75 -32.51 -25.40 -25.11
CA TYR A 75 -32.76 -25.18 -26.53
C TYR A 75 -33.65 -26.25 -27.16
N LEU A 76 -33.44 -27.52 -26.80
CA LEU A 76 -34.19 -28.60 -27.43
C LEU A 76 -35.63 -28.63 -26.95
N GLU A 77 -35.86 -28.36 -25.66
CA GLU A 77 -37.22 -28.37 -25.15
C GLU A 77 -38.07 -27.26 -25.77
N VAL A 78 -37.44 -26.19 -26.25
CA VAL A 78 -38.18 -25.19 -27.02
C VAL A 78 -38.35 -25.63 -28.46
N GLN A 79 -37.33 -26.29 -29.02
CA GLN A 79 -37.48 -26.92 -30.32
C GLN A 79 -38.41 -28.14 -30.26
N GLN A 80 -38.59 -28.72 -29.07
CA GLN A 80 -39.54 -29.83 -28.94
C GLN A 80 -40.97 -29.34 -29.05
N LEU A 81 -41.30 -28.22 -28.40
CA LEU A 81 -42.65 -27.69 -28.49
C LEU A 81 -42.99 -27.27 -29.92
N LEU A 82 -42.01 -26.73 -30.65
CA LEU A 82 -42.22 -26.42 -32.06
C LEU A 82 -42.44 -27.67 -32.89
N GLY A 83 -41.93 -28.81 -32.45
CA GLY A 83 -42.11 -30.07 -33.14
C GLY A 83 -43.50 -30.65 -33.02
N ILE A 84 -44.00 -30.74 -31.78
CA ILE A 84 -45.35 -31.27 -31.57
C ILE A 84 -46.39 -30.31 -32.12
N TRP A 85 -46.08 -29.02 -32.19
CA TRP A 85 -46.94 -28.05 -32.86
C TRP A 85 -46.63 -28.05 -34.35
N GLY A 86 -47.38 -27.25 -35.11
CA GLY A 86 -47.14 -27.15 -36.53
C GLY A 86 -46.16 -26.05 -36.88
N CYS A 87 -45.07 -25.95 -36.11
CA CYS A 87 -44.12 -24.86 -36.25
C CYS A 87 -42.68 -25.36 -36.36
N SER A 88 -42.50 -26.64 -36.67
CA SER A 88 -41.16 -27.23 -36.73
C SER A 88 -40.34 -26.59 -37.85
N GLY A 89 -39.45 -25.67 -37.49
CA GLY A 89 -38.58 -25.02 -38.45
C GLY A 89 -39.03 -23.65 -38.91
N LYS A 90 -39.96 -23.00 -38.21
CA LYS A 90 -40.47 -21.70 -38.59
C LYS A 90 -40.29 -20.72 -37.43
N LEU A 91 -39.99 -19.46 -37.75
CA LEU A 91 -39.87 -18.42 -36.75
C LEU A 91 -41.22 -17.81 -36.42
N ILE A 92 -41.95 -17.34 -37.43
CA ILE A 92 -43.36 -17.03 -37.30
C ILE A 92 -44.14 -18.26 -37.76
N CYS A 93 -45.28 -18.50 -37.12
CA CYS A 93 -46.01 -19.74 -37.36
C CYS A 93 -47.46 -19.55 -36.99
N CYS A 94 -48.36 -19.69 -37.95
CA CYS A 94 -49.78 -19.63 -37.70
C CYS A 94 -50.34 -21.02 -37.46
N THR A 95 -51.52 -21.07 -36.82
CA THR A 95 -52.14 -22.35 -36.49
C THR A 95 -53.64 -22.32 -36.78
N ALA A 96 -54.40 -23.10 -36.01
CA ALA A 96 -55.85 -23.17 -36.18
C ALA A 96 -56.60 -23.01 -34.86
N VAL A 97 -55.93 -22.60 -33.80
CA VAL A 97 -56.54 -22.42 -32.49
C VAL A 97 -57.12 -21.02 -32.43
N PRO A 98 -58.43 -20.86 -32.22
CA PRO A 98 -59.00 -19.51 -32.12
C PRO A 98 -58.58 -18.84 -30.82
N TRP A 99 -58.37 -17.53 -30.88
CA TRP A 99 -57.97 -16.78 -29.70
C TRP A 99 -59.17 -16.61 -28.77
N ASN A 100 -59.05 -17.16 -27.56
CA ASN A 100 -60.12 -17.05 -26.56
C ASN A 100 -60.10 -15.66 -25.96
N SER A 101 -61.28 -15.01 -25.93
CA SER A 101 -61.37 -13.69 -25.32
C SER A 101 -61.11 -13.73 -23.81
N SER A 102 -61.20 -14.92 -23.19
CA SER A 102 -60.86 -15.03 -21.78
C SER A 102 -59.38 -14.81 -21.54
N TRP A 103 -58.54 -15.07 -22.54
CA TRP A 103 -57.11 -14.82 -22.40
C TRP A 103 -56.81 -13.32 -22.40
N SER A 104 -57.36 -12.60 -23.37
CA SER A 104 -57.15 -11.16 -23.47
C SER A 104 -58.15 -10.59 -24.45
N ASN A 105 -58.81 -9.50 -24.06
CA ASN A 105 -59.71 -8.77 -24.92
C ASN A 105 -59.09 -7.45 -25.39
N LYS A 106 -57.78 -7.43 -25.58
CA LYS A 106 -57.06 -6.23 -25.96
C LYS A 106 -57.08 -6.02 -27.46
N SER A 107 -57.05 -4.75 -27.88
CA SER A 107 -57.10 -4.42 -29.29
C SER A 107 -55.89 -4.99 -30.03
N GLN A 108 -56.05 -5.15 -31.35
CA GLN A 108 -54.98 -5.70 -32.16
C GLN A 108 -53.79 -4.74 -32.27
N GLU A 109 -54.05 -3.44 -32.24
CA GLU A 109 -52.96 -2.46 -32.25
C GLU A 109 -52.53 -2.04 -30.86
N ASP A 110 -53.32 -2.35 -29.83
CA ASP A 110 -52.87 -2.16 -28.46
C ASP A 110 -51.89 -3.25 -28.02
N ILE A 111 -51.81 -4.34 -28.78
CA ILE A 111 -50.85 -5.41 -28.49
C ILE A 111 -49.57 -5.21 -29.29
N TRP A 112 -49.71 -5.08 -30.62
CA TRP A 112 -48.54 -5.01 -31.49
C TRP A 112 -47.95 -3.62 -31.59
N ASP A 113 -48.67 -2.58 -31.17
CA ASP A 113 -48.19 -1.20 -31.30
C ASP A 113 -48.33 -0.43 -30.00
N ASN A 114 -48.28 -1.12 -28.86
CA ASN A 114 -48.46 -0.46 -27.57
C ASN A 114 -47.97 -1.32 -26.40
N MET A 115 -47.46 -2.51 -26.69
CA MET A 115 -47.10 -3.45 -25.64
C MET A 115 -45.80 -4.14 -25.98
N THR A 116 -44.98 -4.39 -24.97
CA THR A 116 -43.75 -5.14 -25.13
C THR A 116 -43.99 -6.62 -24.86
N TRP A 117 -43.03 -7.45 -25.28
CA TRP A 117 -43.24 -8.89 -25.23
C TRP A 117 -43.26 -9.41 -23.79
N MET A 118 -42.42 -8.87 -22.92
CA MET A 118 -42.42 -9.31 -21.52
C MET A 118 -43.63 -8.74 -20.78
N GLN A 119 -44.01 -7.51 -21.10
CA GLN A 119 -45.26 -6.97 -20.55
C GLN A 119 -46.45 -7.77 -21.05
N TRP A 120 -46.38 -8.30 -22.27
CA TRP A 120 -47.43 -9.15 -22.81
C TRP A 120 -47.36 -10.56 -22.26
N ASP A 121 -46.15 -11.06 -21.95
CA ASP A 121 -46.01 -12.40 -21.37
C ASP A 121 -46.65 -12.49 -19.98
N ARG A 122 -46.76 -11.36 -19.27
CA ARG A 122 -47.34 -11.39 -17.93
C ARG A 122 -48.85 -11.55 -17.97
N GLU A 123 -49.52 -10.92 -18.94
CA GLU A 123 -50.97 -11.03 -19.05
C GLU A 123 -51.40 -12.45 -19.37
N ILE A 124 -50.60 -13.19 -20.14
CA ILE A 124 -50.94 -14.55 -20.54
C ILE A 124 -50.28 -15.59 -19.64
N SER A 125 -49.31 -15.18 -18.81
CA SER A 125 -48.61 -16.05 -17.87
C SER A 125 -49.54 -17.05 -17.17
N ASN A 126 -50.76 -16.61 -16.85
CA ASN A 126 -51.73 -17.54 -16.27
C ASN A 126 -52.23 -18.54 -17.30
N TYR A 127 -52.41 -18.10 -18.55
CA TYR A 127 -52.99 -18.94 -19.60
C TYR A 127 -51.94 -19.47 -20.57
N THR A 128 -50.66 -19.41 -20.21
CA THR A 128 -49.61 -19.89 -21.12
C THR A 128 -49.66 -21.40 -21.28
N ASP A 129 -49.89 -22.12 -20.18
CA ASP A 129 -49.85 -23.59 -20.23
C ASP A 129 -51.07 -24.17 -20.92
N THR A 130 -52.20 -23.45 -20.90
CA THR A 130 -53.41 -23.96 -21.54
C THR A 130 -53.30 -23.92 -23.06
N ILE A 131 -52.68 -22.87 -23.60
CA ILE A 131 -52.54 -22.76 -25.04
C ILE A 131 -51.55 -23.77 -25.57
N TYR A 132 -50.52 -24.11 -24.77
CA TYR A 132 -49.53 -25.10 -25.21
C TYR A 132 -50.19 -26.46 -25.44
N ARG A 133 -50.97 -26.93 -24.46
CA ARG A 133 -51.71 -28.17 -24.64
C ARG A 133 -52.70 -28.06 -25.80
N LEU A 134 -53.36 -26.91 -25.93
CA LEU A 134 -54.32 -26.71 -27.01
C LEU A 134 -53.65 -26.60 -28.37
N LEU A 135 -52.37 -26.20 -28.41
CA LEU A 135 -51.67 -26.09 -29.68
C LEU A 135 -51.31 -27.47 -30.23
N GLU A 136 -50.88 -28.39 -29.36
CA GLU A 136 -50.47 -29.71 -29.83
C GLU A 136 -51.67 -30.63 -30.04
N GLU A 137 -52.76 -30.43 -29.30
CA GLU A 137 -53.97 -31.19 -29.54
C GLU A 137 -54.58 -30.84 -30.89
N SER A 138 -54.56 -29.54 -31.25
CA SER A 138 -55.10 -29.12 -32.53
C SER A 138 -54.25 -29.64 -33.68
N GLN A 139 -52.92 -29.68 -33.50
CA GLN A 139 -52.04 -30.09 -34.60
C GLN A 139 -52.10 -31.60 -34.82
N PHE A 140 -52.25 -32.38 -33.76
CA PHE A 140 -52.36 -33.83 -33.92
C PHE A 140 -53.62 -34.20 -34.70
N GLN A 141 -54.70 -33.45 -34.49
CA GLN A 141 -55.90 -33.65 -35.30
C GLN A 141 -55.67 -33.20 -36.74
N GLN A 142 -54.88 -32.15 -36.95
CA GLN A 142 -54.50 -31.77 -38.30
C GLN A 142 -53.72 -32.89 -38.99
N GLU A 143 -52.84 -33.56 -38.24
CA GLU A 143 -52.08 -34.68 -38.80
C GLU A 143 -53.00 -35.83 -39.20
N ILE A 144 -53.85 -36.27 -38.27
CA ILE A 144 -54.74 -37.39 -38.55
C ILE A 144 -55.76 -37.04 -39.63
N ASN A 145 -56.01 -35.75 -39.88
CA ASN A 145 -56.88 -35.36 -40.98
C ASN A 145 -56.16 -35.43 -42.32
N GLU A 146 -54.95 -34.89 -42.39
CA GLU A 146 -54.15 -35.01 -43.61
C GLU A 146 -53.84 -36.46 -43.92
N LYS A 147 -53.73 -37.31 -42.89
CA LYS A 147 -53.58 -38.74 -43.10
C LYS A 147 -54.84 -39.33 -43.72
N ASP A 148 -56.02 -38.90 -43.25
CA ASP A 148 -57.27 -39.39 -43.83
C ASP A 148 -57.48 -38.84 -45.23
N LEU A 149 -57.00 -37.62 -45.51
CA LEU A 149 -57.20 -37.05 -46.83
C LEU A 149 -56.27 -37.67 -47.87
N LEU A 150 -55.09 -38.10 -47.44
CA LEU A 150 -54.15 -38.75 -48.36
C LEU A 150 -54.44 -40.23 -48.56
N ALA A 151 -55.43 -40.78 -47.85
CA ALA A 151 -55.80 -42.17 -48.03
C ALA A 151 -56.74 -42.39 -49.21
N LEU A 152 -57.07 -41.33 -49.95
CA LEU A 152 -58.00 -41.43 -51.07
C LEU A 152 -57.24 -41.80 -52.33
N ASP A 153 -57.89 -41.63 -53.49
CA ASP A 153 -57.30 -41.99 -54.77
C ASP A 153 -57.38 -40.83 -55.74
N GLN B 1 -53.50 4.47 -18.86
CA GLN B 1 -53.50 3.42 -17.84
C GLN B 1 -52.87 3.93 -16.54
N GLY B 2 -52.69 5.24 -16.44
CA GLY B 2 -52.05 5.82 -15.28
C GLY B 2 -52.84 6.92 -14.60
N GLN B 3 -52.18 8.04 -14.31
CA GLN B 3 -52.80 9.14 -13.60
C GLN B 3 -51.97 10.40 -13.83
N LEU B 4 -52.63 11.47 -14.27
CA LEU B 4 -51.98 12.75 -14.52
C LEU B 4 -52.64 13.83 -13.67
N VAL B 5 -51.83 14.57 -12.92
CA VAL B 5 -52.30 15.62 -12.02
C VAL B 5 -51.58 16.91 -12.38
N GLN B 6 -52.32 18.02 -12.41
CA GLN B 6 -51.79 19.33 -12.71
C GLN B 6 -51.81 20.20 -11.45
N SER B 7 -51.72 21.51 -11.66
CA SER B 7 -51.71 22.48 -10.56
C SER B 7 -53.09 23.11 -10.41
N GLY B 8 -53.23 23.97 -9.40
CA GLY B 8 -54.49 24.62 -9.11
C GLY B 8 -54.69 25.87 -9.93
N ALA B 9 -55.64 26.69 -9.47
CA ALA B 9 -55.99 27.93 -10.16
C ALA B 9 -54.83 28.92 -10.08
N THR B 10 -54.20 29.19 -11.21
CA THR B 10 -53.07 30.12 -11.31
C THR B 10 -53.48 31.25 -12.24
N THR B 11 -54.21 32.22 -11.70
CA THR B 11 -54.75 33.33 -12.48
C THR B 11 -53.90 34.57 -12.27
N THR B 12 -53.32 35.07 -13.36
CA THR B 12 -52.61 36.35 -13.36
C THR B 12 -53.42 37.35 -14.19
N LYS B 13 -52.74 38.36 -14.71
CA LYS B 13 -53.39 39.35 -15.56
C LYS B 13 -52.78 39.32 -16.95
N PRO B 14 -53.42 39.93 -17.95
CA PRO B 14 -52.87 39.96 -19.32
C PRO B 14 -51.42 40.43 -19.38
N GLY B 15 -50.74 40.10 -20.49
CA GLY B 15 -49.35 40.44 -20.68
C GLY B 15 -48.38 39.54 -19.95
N SER B 16 -48.83 38.84 -18.91
CA SER B 16 -47.94 38.07 -18.05
C SER B 16 -47.64 36.69 -18.64
N SER B 17 -47.33 35.73 -17.76
CA SER B 17 -47.06 34.36 -18.15
C SER B 17 -47.32 33.48 -16.94
N VAL B 18 -47.34 32.17 -17.17
CA VAL B 18 -47.61 31.19 -16.12
C VAL B 18 -47.12 29.83 -16.60
N LYS B 19 -46.82 28.95 -15.65
CA LYS B 19 -46.40 27.58 -15.94
C LYS B 19 -47.34 26.62 -15.22
N ILE B 20 -48.02 25.76 -15.97
CA ILE B 20 -48.87 24.74 -15.40
C ILE B 20 -48.07 23.46 -15.25
N SER B 21 -48.04 22.92 -14.04
CA SER B 21 -47.34 21.66 -13.81
C SER B 21 -48.22 20.50 -14.26
N CYS B 22 -47.57 19.36 -14.53
CA CYS B 22 -48.28 18.13 -14.83
C CYS B 22 -47.35 16.96 -14.53
N LYS B 23 -47.71 16.17 -13.53
CA LYS B 23 -46.94 14.99 -13.14
C LYS B 23 -47.66 13.73 -13.58
N THR B 24 -46.88 12.67 -13.77
CA THR B 24 -47.41 11.41 -14.27
C THR B 24 -47.21 10.31 -13.23
N SER B 25 -47.98 9.23 -13.40
CA SER B 25 -47.91 8.09 -12.50
C SER B 25 -48.56 6.89 -13.19
N GLY B 26 -48.21 5.70 -12.72
CA GLY B 26 -48.83 4.47 -13.16
C GLY B 26 -48.43 3.98 -14.53
N TYR B 27 -47.60 4.72 -15.27
CA TYR B 27 -47.19 4.30 -16.60
C TYR B 27 -45.80 4.85 -16.89
N ARG B 28 -45.19 4.32 -17.96
CA ARG B 28 -43.87 4.76 -18.36
C ARG B 28 -43.97 6.12 -19.05
N PHE B 29 -43.34 7.13 -18.46
CA PHE B 29 -43.49 8.51 -18.94
C PHE B 29 -42.90 8.68 -20.34
N ASN B 30 -41.76 8.05 -20.61
CA ASN B 30 -41.09 8.23 -21.89
C ASN B 30 -41.71 7.40 -23.02
N PHE B 31 -42.75 6.62 -22.75
CA PHE B 31 -43.34 5.79 -23.78
C PHE B 31 -44.43 6.50 -24.58
N TYR B 32 -45.00 7.57 -24.05
CA TYR B 32 -46.12 8.23 -24.70
C TYR B 32 -45.94 9.75 -24.62
N HIS B 33 -46.44 10.44 -25.63
CA HIS B 33 -46.32 11.88 -25.71
C HIS B 33 -47.26 12.55 -24.71
N ILE B 34 -47.10 13.87 -24.55
CA ILE B 34 -47.90 14.67 -23.64
C ILE B 34 -48.50 15.82 -24.42
N ASN B 35 -49.84 15.83 -24.52
CA ASN B 35 -50.56 16.86 -25.26
C ASN B 35 -51.05 17.95 -24.33
N TRP B 36 -51.44 19.07 -24.91
CA TRP B 36 -52.02 20.19 -24.18
C TRP B 36 -53.22 20.71 -24.96
N ILE B 37 -54.35 20.88 -24.27
CA ILE B 37 -55.58 21.33 -24.90
C ILE B 37 -56.25 22.35 -23.99
N ARG B 38 -56.61 23.50 -24.56
CA ARG B 38 -57.36 24.52 -23.85
C ARG B 38 -58.76 24.65 -24.44
N GLN B 39 -59.66 25.24 -23.65
CA GLN B 39 -61.06 25.41 -24.05
C GLN B 39 -61.53 26.79 -23.59
N THR B 40 -61.41 27.77 -24.46
CA THR B 40 -61.95 29.10 -24.21
C THR B 40 -63.41 29.14 -24.62
N ALA B 41 -64.22 29.89 -23.86
CA ALA B 41 -65.66 29.90 -24.10
C ALA B 41 -66.00 30.58 -25.41
N GLY B 42 -65.34 31.68 -25.73
CA GLY B 42 -65.61 32.38 -26.98
C GLY B 42 -65.30 31.53 -28.20
N ARG B 43 -64.19 30.80 -28.15
CA ARG B 43 -63.81 29.86 -29.20
C ARG B 43 -64.36 28.49 -28.82
N GLY B 44 -63.85 27.42 -29.45
CA GLY B 44 -64.16 26.08 -29.04
C GLY B 44 -62.93 25.43 -28.45
N PRO B 45 -62.99 24.11 -28.24
CA PRO B 45 -61.78 23.38 -27.84
C PRO B 45 -60.71 23.51 -28.91
N GLU B 46 -59.49 23.84 -28.48
CA GLU B 46 -58.38 24.10 -29.38
C GLU B 46 -57.16 23.33 -28.92
N TRP B 47 -56.67 22.44 -29.78
CA TRP B 47 -55.46 21.70 -29.48
C TRP B 47 -54.24 22.60 -29.59
N MET B 48 -53.26 22.36 -28.72
CA MET B 48 -52.08 23.22 -28.63
C MET B 48 -50.85 22.50 -29.19
N GLY B 49 -50.28 21.55 -28.46
CA GLY B 49 -49.09 20.85 -28.92
C GLY B 49 -48.80 19.63 -28.09
N TRP B 50 -47.99 18.74 -28.68
CA TRP B 50 -47.56 17.52 -28.01
C TRP B 50 -46.05 17.42 -28.07
N ILE B 51 -45.47 16.70 -27.11
CA ILE B 51 -44.03 16.55 -27.00
C ILE B 51 -43.73 15.15 -26.49
N SER B 52 -42.65 14.55 -27.01
CA SER B 52 -42.26 13.20 -26.63
C SER B 52 -41.18 13.27 -25.55
N PRO B 53 -41.39 12.64 -24.39
CA PRO B 53 -40.35 12.64 -23.36
C PRO B 53 -39.16 11.75 -23.68
N TYR B 54 -39.24 10.94 -24.74
CA TYR B 54 -38.17 10.02 -25.09
C TYR B 54 -37.13 10.65 -26.01
N SER B 55 -37.57 11.46 -26.98
CA SER B 55 -36.66 12.09 -27.92
C SER B 55 -36.72 13.61 -27.89
N GLY B 56 -37.55 14.19 -27.04
CA GLY B 56 -37.66 15.65 -26.98
C GLY B 56 -38.23 16.28 -28.22
N ASP B 57 -38.98 15.53 -29.03
CA ASP B 57 -39.53 16.06 -30.27
C ASP B 57 -40.79 16.88 -29.97
N LYS B 58 -40.97 17.94 -30.75
CA LYS B 58 -42.04 18.91 -30.51
C LYS B 58 -42.91 19.07 -31.75
N ASN B 59 -44.17 19.42 -31.52
CA ASN B 59 -45.10 19.73 -32.61
C ASN B 59 -46.18 20.63 -32.04
N LEU B 60 -46.14 21.92 -32.38
CA LEU B 60 -47.06 22.91 -31.85
C LEU B 60 -48.05 23.34 -32.94
N ALA B 61 -49.09 24.04 -32.49
CA ALA B 61 -50.04 24.63 -33.42
C ALA B 61 -49.46 25.94 -33.97
N PRO B 62 -49.72 26.25 -35.25
CA PRO B 62 -49.14 27.48 -35.83
C PRO B 62 -49.52 28.74 -35.08
N ALA B 63 -50.70 28.78 -34.45
CA ALA B 63 -51.09 29.95 -33.68
C ALA B 63 -50.32 30.06 -32.37
N PHE B 64 -49.73 28.97 -31.89
CA PHE B 64 -49.00 28.97 -30.63
C PHE B 64 -47.52 28.65 -30.81
N GLN B 65 -46.97 28.88 -32.01
CA GLN B 65 -45.55 28.72 -32.25
C GLN B 65 -44.79 30.03 -32.03
N ASP B 66 -45.29 30.91 -31.17
CA ASP B 66 -44.68 32.21 -30.94
C ASP B 66 -44.54 32.49 -29.45
N ARG B 67 -45.61 32.21 -28.70
CA ARG B 67 -45.66 32.55 -27.28
C ARG B 67 -45.81 31.33 -26.38
N VAL B 68 -45.58 30.12 -26.91
CA VAL B 68 -45.80 28.89 -26.17
C VAL B 68 -44.56 28.01 -26.28
N ILE B 69 -44.07 27.54 -25.13
CA ILE B 69 -42.98 26.57 -25.07
C ILE B 69 -43.23 25.65 -23.89
N MET B 70 -42.87 24.37 -24.04
CA MET B 70 -43.12 23.36 -23.04
C MET B 70 -41.88 22.51 -22.83
N THR B 71 -41.67 22.08 -21.59
CA THR B 71 -40.51 21.29 -21.21
C THR B 71 -40.96 19.95 -20.65
N THR B 72 -40.00 19.03 -20.54
CA THR B 72 -40.24 17.70 -20.00
C THR B 72 -39.07 17.29 -19.12
N ASP B 73 -39.37 16.91 -17.88
CA ASP B 73 -38.35 16.37 -17.00
C ASP B 73 -38.13 14.89 -17.29
N THR B 74 -36.88 14.45 -17.14
CA THR B 74 -36.54 13.07 -17.43
C THR B 74 -37.18 12.12 -16.41
N GLU B 75 -37.03 10.83 -16.67
CA GLU B 75 -37.76 9.82 -15.93
C GLU B 75 -37.16 9.58 -14.55
N VAL B 76 -38.03 9.35 -13.58
CA VAL B 76 -37.64 8.85 -12.26
C VAL B 76 -38.32 7.49 -12.11
N PRO B 77 -37.70 6.40 -12.57
CA PRO B 77 -38.42 5.13 -12.66
C PRO B 77 -38.69 4.51 -11.30
N VAL B 78 -39.77 3.74 -11.24
CA VAL B 78 -40.15 2.98 -10.05
C VAL B 78 -40.10 1.48 -10.30
N THR B 79 -40.72 1.02 -11.38
CA THR B 79 -40.66 -0.38 -11.76
C THR B 79 -40.30 -0.53 -13.24
N SER B 80 -40.51 -1.71 -13.80
CA SER B 80 -40.15 -1.95 -15.19
C SER B 80 -41.17 -1.35 -16.15
N PHE B 81 -42.42 -1.21 -15.73
CA PHE B 81 -43.48 -0.71 -16.59
C PHE B 81 -44.16 0.55 -16.07
N THR B 82 -43.83 0.99 -14.85
CA THR B 82 -44.36 2.23 -14.30
C THR B 82 -43.19 3.16 -13.95
N SER B 83 -43.46 4.46 -13.96
CA SER B 83 -42.44 5.45 -13.67
C SER B 83 -43.13 6.76 -13.29
N THR B 84 -42.33 7.77 -12.98
CA THR B 84 -42.81 9.10 -12.62
C THR B 84 -42.08 10.14 -13.45
N GLY B 85 -42.86 11.00 -14.11
CA GLY B 85 -42.29 12.05 -14.94
C GLY B 85 -43.01 13.37 -14.71
N ALA B 86 -42.61 14.37 -15.49
CA ALA B 86 -43.20 15.70 -15.38
C ALA B 86 -43.06 16.42 -16.70
N ALA B 87 -44.06 17.25 -17.02
CA ALA B 87 -44.05 18.05 -18.23
C ALA B 87 -44.90 19.28 -17.99
N TYR B 88 -44.27 20.45 -18.03
CA TYR B 88 -44.97 21.69 -17.74
C TYR B 88 -45.26 22.43 -19.05
N MET B 89 -45.76 23.67 -18.92
CA MET B 89 -46.16 24.48 -20.07
C MET B 89 -46.27 25.96 -19.73
N GLU B 90 -45.62 26.82 -20.51
CA GLU B 90 -45.64 28.26 -20.28
C GLU B 90 -46.13 28.99 -21.53
N ILE B 91 -46.89 30.06 -21.32
CA ILE B 91 -47.39 30.88 -22.41
C ILE B 91 -47.19 32.34 -22.06
N ARG B 92 -46.75 33.13 -23.05
CA ARG B 92 -46.59 34.57 -22.91
C ARG B 92 -47.73 35.28 -23.64
N ASN B 93 -47.65 36.61 -23.67
CA ASN B 93 -48.60 37.46 -24.38
C ASN B 93 -50.04 37.13 -23.99
N LEU B 94 -50.25 36.94 -22.69
CA LEU B 94 -51.58 36.60 -22.19
C LEU B 94 -52.55 37.77 -22.38
N THR B 95 -53.81 37.42 -22.65
CA THR B 95 -54.89 38.39 -22.81
C THR B 95 -56.09 37.90 -22.01
N SER B 96 -57.17 38.67 -22.08
CA SER B 96 -58.40 38.31 -21.39
C SER B 96 -59.24 37.29 -22.14
N ASP B 97 -58.78 36.84 -23.31
CA ASP B 97 -59.48 35.80 -24.07
C ASP B 97 -58.73 34.49 -24.11
N ASP B 98 -57.50 34.43 -23.60
CA ASP B 98 -56.79 33.17 -23.39
C ASP B 98 -57.25 32.47 -22.12
N THR B 99 -58.46 32.77 -21.66
CA THR B 99 -58.97 32.25 -20.40
C THR B 99 -59.78 30.98 -20.63
N GLY B 100 -59.46 29.94 -19.88
CA GLY B 100 -60.17 28.68 -20.02
C GLY B 100 -59.43 27.58 -19.29
N THR B 101 -60.01 26.39 -19.36
CA THR B 101 -59.42 25.22 -18.73
C THR B 101 -58.34 24.63 -19.63
N TYR B 102 -57.17 24.37 -19.05
CA TYR B 102 -56.05 23.78 -19.77
C TYR B 102 -55.86 22.34 -19.31
N PHE B 103 -55.66 21.45 -20.26
CA PHE B 103 -55.60 20.02 -19.99
C PHE B 103 -54.20 19.47 -20.29
N CYS B 104 -53.84 18.42 -19.55
CA CYS B 104 -52.59 17.69 -19.75
C CYS B 104 -52.95 16.28 -20.20
N ALA B 105 -52.74 15.98 -21.48
CA ALA B 105 -53.20 14.74 -22.08
C ALA B 105 -52.04 13.79 -22.33
N LYS B 106 -52.34 12.49 -22.21
CA LYS B 106 -51.38 11.42 -22.42
C LYS B 106 -51.56 10.79 -23.78
N GLY B 107 -50.47 10.34 -24.38
CA GLY B 107 -50.53 9.74 -25.71
C GLY B 107 -51.35 8.48 -25.74
N LEU B 108 -51.83 8.15 -26.94
CA LEU B 108 -52.70 6.99 -27.11
C LEU B 108 -51.90 5.70 -27.22
N LEU B 109 -51.16 5.53 -28.31
CA LEU B 109 -50.38 4.33 -28.57
C LEU B 109 -48.89 4.67 -28.63
N ARG B 110 -48.08 3.63 -28.80
CA ARG B 110 -46.63 3.79 -28.94
C ARG B 110 -46.16 3.68 -30.38
N ASP B 111 -46.98 3.11 -31.27
CA ASP B 111 -46.60 2.93 -32.66
C ASP B 111 -47.85 3.03 -33.53
N GLY B 112 -47.64 3.10 -34.84
CA GLY B 112 -48.74 3.19 -35.77
C GLY B 112 -48.98 4.60 -36.27
N SER B 113 -50.21 4.89 -36.69
CA SER B 113 -50.56 6.22 -37.18
C SER B 113 -51.23 7.10 -36.14
N SER B 114 -51.74 6.50 -35.06
CA SER B 114 -52.39 7.24 -33.98
C SER B 114 -51.66 6.94 -32.67
N THR B 115 -50.46 7.49 -32.53
CA THR B 115 -49.65 7.30 -31.33
C THR B 115 -49.61 8.52 -30.43
N TRP B 116 -49.65 9.73 -30.98
CA TRP B 116 -49.64 10.95 -30.20
C TRP B 116 -51.02 11.38 -29.74
N LEU B 117 -52.07 10.65 -30.12
CA LEU B 117 -53.43 11.10 -29.89
C LEU B 117 -53.70 11.21 -28.39
N PRO B 118 -54.34 12.29 -27.94
CA PRO B 118 -54.64 12.45 -26.51
C PRO B 118 -55.61 11.38 -26.03
N TYR B 119 -55.17 10.59 -25.04
CA TYR B 119 -55.99 9.53 -24.48
C TYR B 119 -56.34 9.83 -23.03
N LEU B 120 -55.37 9.86 -22.13
CA LEU B 120 -55.61 10.09 -20.71
C LEU B 120 -55.38 11.56 -20.40
N TRP B 121 -56.37 12.20 -19.78
CA TRP B 121 -56.36 13.62 -19.50
C TRP B 121 -56.07 13.87 -18.03
N GLY B 122 -56.34 15.09 -17.55
CA GLY B 122 -56.15 15.44 -16.17
C GLY B 122 -57.37 16.12 -15.57
N GLN B 123 -57.28 16.59 -14.32
CA GLN B 123 -58.40 17.24 -13.67
C GLN B 123 -58.71 18.62 -14.23
N GLY B 124 -57.87 19.13 -15.13
CA GLY B 124 -58.10 20.44 -15.72
C GLY B 124 -57.67 21.59 -14.83
N THR B 125 -57.00 22.58 -15.42
CA THR B 125 -56.52 23.75 -14.71
C THR B 125 -57.08 25.00 -15.38
N LEU B 126 -57.86 25.77 -14.62
CA LEU B 126 -58.40 27.02 -15.13
C LEU B 126 -57.31 28.08 -15.24
N LEU B 127 -57.61 29.14 -15.97
CA LEU B 127 -56.66 30.22 -16.20
C LEU B 127 -57.41 31.51 -16.39
N THR B 128 -57.36 32.39 -15.38
CA THR B 128 -57.99 33.71 -15.43
C THR B 128 -59.46 33.65 -15.82
N VAL C 4 -63.00 24.99 -39.15
CA VAL C 4 -63.77 24.89 -40.38
C VAL C 4 -64.33 23.48 -40.52
N LEU C 5 -64.17 22.68 -39.47
CA LEU C 5 -64.69 21.32 -39.44
C LEU C 5 -66.08 21.36 -38.83
N THR C 6 -67.10 21.15 -39.66
CA THR C 6 -68.49 21.29 -39.24
C THR C 6 -69.02 19.98 -38.68
N GLN C 7 -69.86 20.08 -37.65
CA GLN C 7 -70.52 18.91 -37.08
C GLN C 7 -72.02 19.01 -37.29
N SER C 8 -72.80 18.23 -36.55
CA SER C 8 -74.24 18.09 -36.79
C SER C 8 -75.09 18.93 -35.84
N ALA C 9 -74.66 20.16 -35.55
CA ALA C 9 -75.42 21.10 -34.73
C ALA C 9 -75.83 20.50 -33.40
N SER C 10 -77.11 20.13 -33.28
CA SER C 10 -77.63 19.49 -32.07
C SER C 10 -78.60 18.39 -32.46
N VAL C 11 -78.49 17.25 -31.79
CA VAL C 11 -79.29 16.07 -32.10
C VAL C 11 -80.05 15.65 -30.85
N SER C 12 -81.31 15.28 -31.04
CA SER C 12 -82.16 14.78 -29.96
C SER C 12 -82.30 13.27 -30.06
N GLY C 13 -82.49 12.63 -28.91
CA GLY C 13 -82.62 11.18 -28.86
C GLY C 13 -83.59 10.75 -27.79
N SER C 14 -84.00 9.49 -27.88
CA SER C 14 -84.93 8.86 -26.95
C SER C 14 -84.16 7.87 -26.07
N LEU C 15 -84.82 6.79 -25.68
CA LEU C 15 -84.23 5.76 -24.82
C LEU C 15 -84.15 4.45 -25.59
N GLY C 16 -82.93 4.01 -25.88
CA GLY C 16 -82.69 2.75 -26.54
C GLY C 16 -82.47 2.84 -28.03
N GLN C 17 -82.83 3.96 -28.65
CA GLN C 17 -82.70 4.12 -30.09
C GLN C 17 -81.26 4.55 -30.43
N SER C 18 -81.04 4.91 -31.69
CA SER C 18 -79.71 5.26 -32.18
C SER C 18 -79.76 6.61 -32.87
N VAL C 19 -78.88 7.51 -32.46
CA VAL C 19 -78.73 8.82 -33.11
C VAL C 19 -77.44 8.81 -33.92
N THR C 20 -77.31 9.81 -34.78
CA THR C 20 -76.14 9.94 -35.64
C THR C 20 -75.57 11.35 -35.56
N ILE C 21 -74.25 11.45 -35.54
CA ILE C 21 -73.54 12.72 -35.48
C ILE C 21 -72.62 12.81 -36.68
N SER C 22 -72.62 13.96 -37.34
CA SER C 22 -71.80 14.16 -38.54
C SER C 22 -70.52 14.92 -38.20
N CYS C 23 -69.55 14.81 -39.10
CA CYS C 23 -68.26 15.48 -38.92
C CYS C 23 -67.61 15.59 -40.31
N THR C 24 -67.89 16.71 -40.99
CA THR C 24 -67.38 16.96 -42.33
C THR C 24 -66.79 18.36 -42.40
N GLY C 25 -66.19 18.67 -43.54
CA GLY C 25 -65.58 19.96 -43.75
C GLY C 25 -65.04 20.13 -45.15
N PRO C 26 -64.05 21.01 -45.32
CA PRO C 26 -63.46 21.22 -46.65
C PRO C 26 -62.59 20.06 -47.08
N ASN C 27 -62.01 20.14 -48.28
CA ASN C 27 -61.11 19.10 -48.76
C ASN C 27 -59.75 19.15 -48.07
N SER C 28 -59.48 20.18 -47.28
CA SER C 28 -58.19 20.33 -46.62
C SER C 28 -58.09 19.57 -45.31
N VAL C 29 -59.20 19.38 -44.61
CA VAL C 29 -59.19 18.69 -43.32
C VAL C 29 -60.20 17.55 -43.34
N CYS C 30 -60.70 17.21 -44.53
CA CYS C 30 -61.71 16.17 -44.66
C CYS C 30 -61.74 15.72 -46.11
N CYS C 31 -61.99 14.42 -46.33
CA CYS C 31 -62.16 13.45 -45.26
C CYS C 31 -61.46 12.15 -45.60
N SER C 32 -61.28 11.90 -46.91
CA SER C 32 -60.76 10.63 -47.37
C SER C 32 -59.33 10.39 -46.90
N HIS C 33 -58.50 11.44 -46.93
CA HIS C 33 -57.08 11.31 -46.63
C HIS C 33 -56.75 11.61 -45.17
N LYS C 34 -57.73 11.50 -44.27
CA LYS C 34 -57.54 11.86 -42.88
C LYS C 34 -58.02 10.73 -41.97
N SER C 35 -57.73 10.87 -40.69
CA SER C 35 -58.24 9.97 -39.65
C SER C 35 -59.17 10.75 -38.73
N ILE C 36 -60.27 10.12 -38.35
CA ILE C 36 -61.33 10.77 -37.58
C ILE C 36 -61.37 10.17 -36.18
N SER C 37 -61.51 11.03 -35.18
CA SER C 37 -61.63 10.61 -33.79
C SER C 37 -62.72 11.42 -33.11
N TRP C 38 -63.40 10.79 -32.15
CA TRP C 38 -64.50 11.41 -31.43
C TRP C 38 -64.18 11.41 -29.93
N TYR C 39 -64.90 12.27 -29.20
CA TYR C 39 -64.67 12.42 -27.77
C TYR C 39 -65.98 12.76 -27.07
N GLN C 40 -66.17 12.19 -25.89
CA GLN C 40 -67.25 12.56 -24.98
C GLN C 40 -66.68 13.57 -23.99
N TRP C 41 -67.10 14.82 -24.11
CA TRP C 41 -66.48 15.92 -23.36
C TRP C 41 -67.56 16.81 -22.73
N PRO C 42 -67.84 16.63 -21.45
CA PRO C 42 -68.63 17.63 -20.72
C PRO C 42 -67.77 18.84 -20.39
N PRO C 43 -68.16 20.03 -20.86
CA PRO C 43 -67.34 21.23 -20.58
C PRO C 43 -67.17 21.49 -19.10
N GLY C 44 -65.93 21.33 -18.61
CA GLY C 44 -65.59 21.48 -17.20
C GLY C 44 -64.97 20.23 -16.60
N ARG C 45 -65.28 19.07 -17.15
CA ARG C 45 -64.72 17.80 -16.68
C ARG C 45 -63.63 17.33 -17.64
N ALA C 46 -63.03 16.20 -17.30
CA ALA C 46 -62.04 15.58 -18.18
C ALA C 46 -62.75 14.73 -19.23
N PRO C 47 -62.46 14.93 -20.51
CA PRO C 47 -63.16 14.16 -21.55
C PRO C 47 -62.73 12.70 -21.59
N THR C 48 -63.27 11.96 -22.55
CA THR C 48 -62.95 10.54 -22.70
C THR C 48 -62.96 10.19 -24.18
N LEU C 49 -61.95 9.42 -24.60
CA LEU C 49 -61.85 8.98 -25.99
C LEU C 49 -62.86 7.87 -26.25
N ILE C 50 -63.64 8.03 -27.32
CA ILE C 50 -64.64 7.04 -27.70
C ILE C 50 -64.12 6.19 -28.84
N ILE C 51 -63.82 6.83 -29.97
CA ILE C 51 -63.41 6.14 -31.18
C ILE C 51 -62.29 6.93 -31.84
N TYR C 52 -61.26 6.22 -32.32
CA TYR C 52 -60.16 6.81 -33.07
C TYR C 52 -59.99 6.03 -34.37
N GLU C 53 -59.17 6.58 -35.27
CA GLU C 53 -58.84 5.96 -36.55
C GLU C 53 -60.10 5.42 -37.25
N ASP C 54 -60.89 6.36 -37.76
CA ASP C 54 -62.17 6.06 -38.39
C ASP C 54 -63.11 5.35 -37.44
N ASN C 55 -63.11 4.01 -37.44
CA ASN C 55 -64.08 3.23 -36.69
C ASN C 55 -63.42 2.34 -35.62
N GLU C 56 -62.16 2.60 -35.29
CA GLU C 56 -61.46 1.82 -34.27
C GLU C 56 -61.89 2.28 -32.88
N ARG C 57 -62.43 1.37 -32.09
CA ARG C 57 -62.93 1.70 -30.77
C ARG C 57 -61.76 1.91 -29.80
N ALA C 58 -62.02 2.70 -28.74
CA ALA C 58 -61.04 2.94 -27.70
C ALA C 58 -61.13 1.87 -26.62
N PRO C 59 -60.03 1.61 -25.90
CA PRO C 59 -60.08 0.61 -24.83
C PRO C 59 -61.07 1.00 -23.74
N GLY C 60 -61.86 0.03 -23.30
CA GLY C 60 -62.86 0.29 -22.28
C GLY C 60 -64.15 0.89 -22.80
N ILE C 61 -64.41 0.81 -24.10
CA ILE C 61 -65.61 1.36 -24.71
C ILE C 61 -66.51 0.21 -25.12
N SER C 62 -67.78 0.30 -24.78
CA SER C 62 -68.73 -0.76 -25.08
C SER C 62 -68.93 -0.87 -26.59
N PRO C 63 -69.29 -2.08 -27.10
CA PRO C 63 -69.64 -2.21 -28.52
C PRO C 63 -70.87 -1.40 -28.90
N ARG C 64 -71.45 -0.72 -27.92
CA ARG C 64 -72.57 0.19 -28.13
C ARG C 64 -72.26 1.27 -29.15
N PHE C 65 -70.98 1.56 -29.40
CA PHE C 65 -70.56 2.61 -30.31
C PHE C 65 -69.97 2.01 -31.57
N SER C 66 -70.01 2.78 -32.67
CA SER C 66 -69.43 2.39 -33.94
C SER C 66 -69.19 3.64 -34.76
N GLY C 67 -68.51 3.46 -35.89
CA GLY C 67 -68.16 4.57 -36.74
C GLY C 67 -68.26 4.22 -38.20
N TYR C 68 -68.59 5.23 -39.01
CA TYR C 68 -68.66 5.11 -40.46
C TYR C 68 -67.95 6.32 -41.07
N LYS C 69 -67.29 6.10 -42.20
CA LYS C 69 -66.51 7.16 -42.85
C LYS C 69 -66.71 7.07 -44.36
N SER C 70 -67.36 8.08 -44.93
CA SER C 70 -67.48 8.19 -46.38
C SER C 70 -66.34 9.04 -46.92
N TYR C 71 -66.35 9.28 -48.23
CA TYR C 71 -65.33 10.10 -48.86
C TYR C 71 -65.51 11.58 -48.56
N TRP C 72 -66.63 11.98 -47.96
CA TRP C 72 -66.91 13.39 -47.69
C TRP C 72 -67.34 13.67 -46.26
N SER C 73 -67.56 12.66 -45.43
CA SER C 73 -67.99 12.89 -44.05
C SER C 73 -67.74 11.63 -43.23
N ALA C 74 -67.66 11.83 -41.91
CA ALA C 74 -67.53 10.73 -40.95
C ALA C 74 -68.65 10.84 -39.93
N TYR C 75 -69.10 9.68 -39.46
CA TYR C 75 -70.30 9.63 -38.62
C TYR C 75 -70.00 8.85 -37.34
N LEU C 76 -70.74 9.22 -36.28
CA LEU C 76 -70.68 8.54 -34.99
C LEU C 76 -72.10 8.24 -34.56
N THR C 77 -72.35 7.01 -34.13
CA THR C 77 -73.68 6.58 -33.74
C THR C 77 -73.64 5.87 -32.39
N ILE C 78 -74.55 6.25 -31.51
CA ILE C 78 -74.71 5.59 -30.23
C ILE C 78 -75.90 4.64 -30.32
N SER C 79 -76.08 3.81 -29.30
CA SER C 79 -77.18 2.86 -29.28
C SER C 79 -77.60 2.61 -27.83
N ASP C 80 -78.69 1.86 -27.68
CA ASP C 80 -79.23 1.49 -26.37
C ASP C 80 -79.37 2.69 -25.42
N GLU C 86 -76.51 12.27 -23.89
CA GLU C 86 -75.95 12.89 -22.69
C GLU C 86 -74.68 13.69 -23.01
N THR C 87 -74.60 14.89 -22.43
CA THR C 87 -73.44 15.77 -22.57
C THR C 87 -73.10 16.10 -24.02
N THR C 88 -71.88 16.57 -24.25
CA THR C 88 -71.44 17.08 -25.54
C THR C 88 -70.49 16.09 -26.21
N TYR C 89 -70.36 16.23 -27.53
CA TYR C 89 -69.48 15.37 -28.32
C TYR C 89 -68.73 16.22 -29.34
N TYR C 90 -67.44 15.92 -29.51
CA TYR C 90 -66.58 16.63 -30.44
C TYR C 90 -65.84 15.63 -31.32
N CYS C 91 -65.38 16.10 -32.48
CA CYS C 91 -64.60 15.29 -33.40
C CYS C 91 -63.34 16.02 -33.82
N CYS C 92 -62.30 15.25 -34.14
CA CYS C 92 -61.03 15.79 -34.59
C CYS C 92 -60.58 15.06 -35.85
N SER C 93 -59.83 15.76 -36.68
CA SER C 93 -59.20 15.21 -37.88
C SER C 93 -57.69 15.33 -37.73
N TYR C 94 -56.97 14.26 -38.06
CA TYR C 94 -55.54 14.22 -37.79
C TYR C 94 -54.86 13.22 -38.70
N THR C 95 -53.57 13.45 -38.95
CA THR C 95 -52.72 12.50 -39.65
C THR C 95 -51.84 11.79 -38.63
N HIS C 96 -50.67 11.32 -39.05
CA HIS C 96 -49.75 10.63 -38.14
C HIS C 96 -48.67 11.53 -37.58
N ASN C 97 -48.47 12.72 -38.12
CA ASN C 97 -47.42 13.62 -37.67
C ASN C 97 -47.91 14.96 -37.15
N SER C 98 -49.06 15.44 -37.62
CA SER C 98 -49.55 16.76 -37.23
C SER C 98 -50.31 16.70 -35.92
N GLY C 99 -51.27 17.62 -35.75
CA GLY C 99 -52.08 17.69 -34.57
C GLY C 99 -53.55 17.42 -34.85
N CYS C 100 -54.40 17.85 -33.94
CA CYS C 100 -55.84 17.64 -34.05
C CYS C 100 -56.51 18.92 -34.54
N VAL C 101 -57.28 18.79 -35.62
CA VAL C 101 -58.12 19.87 -36.13
C VAL C 101 -59.52 19.60 -35.61
N PHE C 102 -59.86 20.24 -34.49
CA PHE C 102 -61.14 20.01 -33.85
C PHE C 102 -62.30 20.51 -34.72
N GLY C 103 -63.50 20.03 -34.41
CA GLY C 103 -64.69 20.43 -35.13
C GLY C 103 -65.40 21.61 -34.49
N THR C 104 -66.73 21.53 -34.38
CA THR C 104 -67.55 22.53 -33.74
C THR C 104 -68.13 21.94 -32.45
N GLY C 105 -69.29 22.42 -32.04
CA GLY C 105 -69.96 21.95 -30.84
C GLY C 105 -71.25 21.23 -31.19
N THR C 106 -71.45 20.07 -30.58
CA THR C 106 -72.63 19.24 -30.83
C THR C 106 -73.05 18.56 -29.53
N LYS C 107 -74.22 18.93 -29.02
CA LYS C 107 -74.78 18.32 -27.83
C LYS C 107 -75.82 17.28 -28.22
N VAL C 108 -75.86 16.18 -27.49
CA VAL C 108 -76.82 15.12 -27.74
C VAL C 108 -77.61 14.80 -26.48
N ASN D 1 -61.94 -12.03 -36.34
CA ASN D 1 -61.50 -13.13 -35.49
C ASN D 1 -59.98 -13.30 -35.56
N LEU D 2 -59.39 -13.78 -34.48
CA LEU D 2 -57.95 -13.91 -34.37
C LEU D 2 -57.58 -15.34 -33.98
N TRP D 3 -56.32 -15.70 -34.22
CA TRP D 3 -55.82 -17.03 -33.94
C TRP D 3 -54.43 -16.91 -33.35
N VAL D 4 -54.06 -17.89 -32.52
CA VAL D 4 -52.74 -17.88 -31.90
C VAL D 4 -51.66 -18.14 -32.95
N THR D 5 -50.54 -17.45 -32.81
CA THR D 5 -49.41 -17.61 -33.72
C THR D 5 -48.13 -17.67 -32.91
N VAL D 6 -47.27 -18.64 -33.24
CA VAL D 6 -46.05 -18.90 -32.48
C VAL D 6 -44.92 -18.06 -33.04
N TYR D 7 -44.32 -17.22 -32.20
CA TYR D 7 -43.14 -16.44 -32.53
C TYR D 7 -41.95 -17.05 -31.78
N TYR D 8 -40.90 -17.41 -32.52
CA TYR D 8 -39.73 -18.05 -31.95
C TYR D 8 -38.57 -17.06 -31.94
N GLY D 9 -38.11 -16.68 -30.75
CA GLY D 9 -37.00 -15.76 -30.62
C GLY D 9 -37.43 -14.36 -30.23
N VAL D 10 -38.38 -14.26 -29.30
CA VAL D 10 -38.88 -12.96 -28.84
C VAL D 10 -38.02 -12.50 -27.67
N PRO D 11 -37.76 -11.19 -27.54
CA PRO D 11 -36.96 -10.70 -26.41
C PRO D 11 -37.67 -10.86 -25.08
N VAL D 12 -37.65 -12.06 -24.51
CA VAL D 12 -38.28 -12.36 -23.23
C VAL D 12 -37.28 -13.15 -22.39
N TRP D 13 -37.05 -12.68 -21.17
CA TRP D 13 -36.14 -13.35 -20.23
C TRP D 13 -36.86 -13.61 -18.92
N LYS D 14 -36.38 -14.63 -18.21
CA LYS D 14 -36.94 -15.00 -16.91
C LYS D 14 -35.99 -14.57 -15.79
N GLU D 15 -35.78 -15.43 -14.81
CA GLU D 15 -34.86 -15.12 -13.71
C GLU D 15 -33.51 -15.79 -13.92
N ALA D 16 -32.83 -16.15 -12.83
CA ALA D 16 -31.42 -16.53 -12.91
C ALA D 16 -31.15 -17.96 -12.46
N LYS D 17 -30.03 -18.14 -11.78
CA LYS D 17 -29.59 -19.41 -11.21
C LYS D 17 -29.25 -20.43 -12.29
N THR D 18 -28.13 -20.22 -12.98
CA THR D 18 -27.60 -21.20 -13.92
C THR D 18 -26.19 -21.61 -13.49
N THR D 19 -25.40 -22.15 -14.42
CA THR D 19 -24.03 -22.56 -14.14
C THR D 19 -23.09 -21.66 -14.93
N LEU D 20 -22.43 -20.74 -14.23
CA LEU D 20 -21.50 -19.80 -14.84
C LEU D 20 -20.11 -20.41 -14.97
N PHE D 21 -19.40 -20.05 -16.03
CA PHE D 21 -18.06 -20.54 -16.27
C PHE D 21 -17.08 -19.38 -16.39
N CYS D 22 -15.80 -19.72 -16.47
CA CYS D 22 -14.72 -18.75 -16.39
C CYS D 22 -14.28 -18.28 -17.77
N ALA D 23 -13.41 -17.28 -17.78
CA ALA D 23 -12.83 -16.74 -19.01
C ALA D 23 -11.60 -15.92 -18.64
N SER D 24 -10.54 -16.07 -19.42
CA SER D 24 -9.30 -15.35 -19.18
C SER D 24 -8.75 -14.80 -20.48
N ASP D 25 -7.83 -13.84 -20.37
CA ASP D 25 -7.25 -13.20 -21.54
C ASP D 25 -6.11 -14.02 -22.11
N ALA D 26 -5.29 -13.41 -22.96
CA ALA D 26 -4.16 -14.08 -23.58
C ALA D 26 -3.03 -14.26 -22.57
N LYS D 27 -2.41 -15.44 -22.59
CA LYS D 27 -1.34 -15.77 -21.67
C LYS D 27 -0.05 -16.06 -22.43
N HIS D 34 2.45 -19.33 -14.80
CA HIS D 34 1.44 -20.16 -14.15
C HIS D 34 0.68 -19.36 -13.11
N ASN D 35 -0.57 -19.75 -12.87
CA ASN D 35 -1.46 -19.00 -11.98
C ASN D 35 -2.12 -19.94 -10.98
N VAL D 36 -2.80 -19.34 -10.01
CA VAL D 36 -3.51 -20.09 -8.97
C VAL D 36 -4.95 -20.36 -9.38
N TRP D 37 -5.63 -19.34 -9.90
CA TRP D 37 -7.08 -19.38 -10.09
C TRP D 37 -7.48 -20.26 -11.26
N ALA D 38 -6.63 -21.21 -11.63
CA ALA D 38 -6.90 -22.18 -12.69
C ALA D 38 -7.30 -21.48 -13.98
N THR D 39 -6.70 -20.33 -14.24
CA THR D 39 -7.00 -19.57 -15.45
C THR D 39 -6.46 -20.22 -16.71
N HIS D 40 -5.60 -21.24 -16.58
CA HIS D 40 -5.19 -22.01 -17.73
C HIS D 40 -6.36 -22.79 -18.32
N ALA D 41 -7.20 -23.37 -17.46
CA ALA D 41 -8.39 -24.07 -17.91
C ALA D 41 -9.55 -23.13 -18.25
N CYS D 42 -9.39 -21.84 -17.98
CA CYS D 42 -10.40 -20.87 -18.37
C CYS D 42 -10.35 -20.65 -19.89
N VAL D 43 -11.52 -20.71 -20.53
CA VAL D 43 -11.62 -20.50 -21.97
C VAL D 43 -11.13 -19.08 -22.28
N PRO D 44 -10.56 -18.84 -23.46
CA PRO D 44 -10.03 -17.51 -23.76
C PRO D 44 -11.14 -16.48 -23.84
N THR D 45 -10.95 -15.36 -23.15
CA THR D 45 -11.90 -14.26 -23.25
C THR D 45 -11.97 -13.76 -24.68
N ASP D 46 -13.19 -13.55 -25.16
CA ASP D 46 -13.38 -13.08 -26.52
C ASP D 46 -12.61 -11.78 -26.74
N PRO D 47 -11.95 -11.62 -27.90
CA PRO D 47 -11.11 -10.42 -28.10
C PRO D 47 -11.88 -9.11 -27.93
N ASN D 48 -12.89 -8.89 -28.75
CA ASN D 48 -13.65 -7.68 -28.49
C ASN D 48 -14.97 -8.01 -27.81
N PRO D 49 -15.34 -7.27 -26.76
CA PRO D 49 -16.62 -7.54 -26.08
C PRO D 49 -17.83 -7.24 -26.94
N GLN D 50 -19.04 -7.38 -26.36
CA GLN D 50 -20.29 -7.25 -27.10
C GLN D 50 -21.28 -6.41 -26.29
N GLU D 51 -20.97 -5.11 -26.16
CA GLU D 51 -21.88 -4.21 -25.46
C GLU D 51 -23.00 -3.77 -26.41
N MET D 52 -24.23 -3.84 -25.95
CA MET D 52 -25.39 -3.42 -26.72
C MET D 52 -26.47 -2.96 -25.76
N VAL D 53 -26.93 -1.73 -25.92
CA VAL D 53 -27.90 -1.14 -25.00
C VAL D 53 -29.28 -1.72 -25.29
N LEU D 54 -30.02 -2.01 -24.21
CA LEU D 54 -31.41 -2.42 -24.30
C LEU D 54 -32.26 -1.17 -24.10
N GLU D 55 -32.57 -0.49 -25.20
CA GLU D 55 -33.31 0.76 -25.13
C GLU D 55 -34.73 0.52 -24.62
N ASN D 56 -35.25 1.51 -23.90
CA ASN D 56 -36.60 1.50 -23.32
C ASN D 56 -36.77 0.43 -22.26
N VAL D 57 -35.68 -0.17 -21.77
CA VAL D 57 -35.75 -1.29 -20.84
C VAL D 57 -35.34 -0.82 -19.46
N THR D 58 -36.23 -0.97 -18.49
CA THR D 58 -35.94 -0.75 -17.08
C THR D 58 -35.99 -2.10 -16.38
N GLU D 59 -34.90 -2.46 -15.71
CA GLU D 59 -34.77 -3.77 -15.07
C GLU D 59 -34.47 -3.59 -13.59
N ASN D 60 -35.07 -4.47 -12.77
CA ASN D 60 -34.89 -4.44 -11.33
C ASN D 60 -33.72 -5.34 -10.95
N PHE D 61 -32.73 -4.76 -10.27
CA PHE D 61 -31.55 -5.48 -9.82
C PHE D 61 -31.64 -5.72 -8.31
N ASN D 62 -30.66 -6.48 -7.81
CA ASN D 62 -30.57 -6.75 -6.37
C ASN D 62 -29.15 -7.28 -6.12
N MET D 63 -28.22 -6.37 -5.81
CA MET D 63 -26.84 -6.75 -5.64
C MET D 63 -26.62 -7.64 -4.42
N TRP D 64 -27.45 -7.48 -3.39
CA TRP D 64 -27.29 -8.24 -2.16
C TRP D 64 -27.98 -9.61 -2.20
N LYS D 65 -28.82 -9.86 -3.21
CA LYS D 65 -29.42 -11.16 -3.42
C LYS D 65 -28.97 -11.76 -4.75
N ASN D 66 -27.77 -11.39 -5.19
CA ASN D 66 -27.19 -11.96 -6.40
C ASN D 66 -26.58 -13.32 -6.10
N ASP D 67 -26.60 -14.19 -7.11
CA ASP D 67 -26.00 -15.52 -6.98
C ASP D 67 -24.66 -15.64 -7.66
N MET D 68 -24.32 -14.71 -8.56
CA MET D 68 -22.97 -14.71 -9.13
C MET D 68 -21.92 -14.50 -8.05
N VAL D 69 -22.26 -13.77 -6.99
CA VAL D 69 -21.34 -13.61 -5.87
C VAL D 69 -21.21 -14.91 -5.09
N ASP D 70 -22.35 -15.52 -4.75
CA ASP D 70 -22.32 -16.79 -4.03
C ASP D 70 -21.64 -17.89 -4.84
N GLN D 71 -21.73 -17.81 -6.18
CA GLN D 71 -21.04 -18.78 -7.02
C GLN D 71 -19.54 -18.48 -7.10
N MET D 72 -19.17 -17.19 -7.24
CA MET D 72 -17.76 -16.83 -7.24
C MET D 72 -17.12 -17.09 -5.88
N HIS D 73 -17.80 -16.70 -4.81
CA HIS D 73 -17.27 -16.95 -3.47
C HIS D 73 -17.07 -18.45 -3.23
N GLU D 74 -17.97 -19.28 -3.75
CA GLU D 74 -17.78 -20.72 -3.68
C GLU D 74 -16.73 -21.20 -4.67
N ASP D 75 -16.59 -20.51 -5.81
CA ASP D 75 -15.54 -20.86 -6.76
C ASP D 75 -14.15 -20.59 -6.18
N ILE D 76 -13.96 -19.41 -5.58
CA ILE D 76 -12.66 -19.05 -5.04
C ILE D 76 -12.28 -19.99 -3.89
N ILE D 77 -13.25 -20.34 -3.04
CA ILE D 77 -12.98 -21.27 -1.95
C ILE D 77 -12.63 -22.65 -2.50
N SER D 78 -13.41 -23.12 -3.48
CA SER D 78 -13.11 -24.40 -4.10
C SER D 78 -11.83 -24.33 -4.94
N LEU D 79 -11.49 -23.13 -5.45
CA LEU D 79 -10.26 -22.99 -6.20
C LEU D 79 -9.03 -23.17 -5.32
N TRP D 80 -9.13 -22.81 -4.05
CA TRP D 80 -7.99 -22.91 -3.15
C TRP D 80 -7.74 -24.34 -2.71
N ASP D 81 -8.80 -25.07 -2.37
CA ASP D 81 -8.63 -26.44 -1.88
C ASP D 81 -8.10 -27.36 -2.98
N GLN D 82 -8.54 -27.16 -4.21
CA GLN D 82 -8.08 -28.00 -5.31
C GLN D 82 -6.60 -27.77 -5.62
N SER D 83 -6.09 -26.58 -5.35
CA SER D 83 -4.69 -26.27 -5.58
C SER D 83 -3.79 -26.59 -4.39
N LEU D 84 -4.37 -26.82 -3.22
CA LEU D 84 -3.59 -27.08 -2.02
C LEU D 84 -3.32 -28.56 -1.78
N LYS D 85 -3.95 -29.45 -2.55
CA LYS D 85 -3.79 -30.89 -2.28
C LYS D 85 -2.37 -31.39 -2.55
N PRO D 86 -1.77 -31.16 -3.73
CA PRO D 86 -0.48 -31.78 -4.02
C PRO D 86 0.72 -31.10 -3.40
N CYS D 87 0.54 -30.04 -2.62
CA CYS D 87 1.66 -29.31 -2.07
C CYS D 87 2.10 -29.89 -0.73
N VAL D 88 3.18 -29.35 -0.17
CA VAL D 88 3.80 -29.91 1.02
C VAL D 88 2.99 -29.53 2.25
N LYS D 89 2.67 -30.51 3.08
CA LYS D 89 1.97 -30.29 4.34
C LYS D 89 2.97 -30.25 5.48
N LEU D 90 2.92 -29.18 6.27
CA LEU D 90 3.86 -28.95 7.36
C LEU D 90 3.43 -29.61 8.67
N THR D 91 2.74 -30.75 8.60
CA THR D 91 2.38 -31.46 9.82
C THR D 91 3.58 -31.86 10.66
N PRO D 92 4.68 -32.40 10.11
CA PRO D 92 5.83 -32.73 10.96
C PRO D 92 6.60 -31.52 11.47
N LEU D 93 6.17 -30.30 11.16
CA LEU D 93 6.82 -29.09 11.65
C LEU D 93 6.26 -28.60 12.97
N CYS D 94 5.38 -29.38 13.60
CA CYS D 94 4.79 -29.01 14.89
C CYS D 94 5.63 -29.49 16.06
N VAL D 95 6.95 -29.42 15.96
CA VAL D 95 7.83 -29.91 17.02
C VAL D 95 8.13 -28.74 17.96
N THR D 96 8.71 -29.04 19.11
CA THR D 96 9.04 -28.01 20.09
C THR D 96 10.00 -26.99 19.50
N LEU D 97 9.55 -25.74 19.44
CA LEU D 97 10.36 -24.65 18.90
C LEU D 97 11.09 -23.96 20.05
N ASN D 98 12.41 -24.06 20.05
CA ASN D 98 13.24 -23.38 21.05
C ASN D 98 13.53 -21.96 20.55
N CYS D 99 12.47 -21.16 20.50
CA CYS D 99 12.59 -19.80 20.01
C CYS D 99 13.37 -18.94 20.99
N THR D 100 14.16 -18.01 20.44
CA THR D 100 14.89 -17.06 21.27
C THR D 100 14.56 -15.63 20.86
N ASN D 101 15.46 -15.00 20.12
CA ASN D 101 15.26 -13.61 19.68
C ASN D 101 16.29 -13.30 18.60
N VAL D 102 15.97 -12.30 17.78
CA VAL D 102 16.90 -11.81 16.76
C VAL D 102 17.52 -10.51 17.26
N ASN D 103 18.84 -10.43 17.20
CA ASN D 103 19.55 -9.31 17.79
C ASN D 103 19.35 -8.03 16.98
N VAL D 104 19.20 -6.92 17.70
CA VAL D 104 19.08 -5.60 17.10
C VAL D 104 20.16 -4.70 17.70
N THR D 105 19.99 -3.38 17.54
CA THR D 105 20.82 -2.41 18.21
C THR D 105 20.03 -1.45 19.10
N ASN D 106 18.72 -1.34 18.92
CA ASN D 106 17.90 -0.33 19.56
C ASN D 106 16.98 -0.99 20.57
N THR D 107 17.13 -0.60 21.83
CA THR D 107 16.20 -0.99 22.89
C THR D 107 15.41 0.26 23.27
N ASN D 108 14.14 0.30 22.88
CA ASN D 108 13.31 1.48 23.13
C ASN D 108 12.21 1.19 24.14
N GLU D 114 9.73 -9.29 20.50
CA GLU D 114 9.82 -8.38 19.36
C GLU D 114 8.80 -8.77 18.29
N GLU D 115 9.15 -8.56 17.02
CA GLU D 115 8.29 -8.92 15.90
C GLU D 115 8.65 -10.26 15.28
N MET D 116 9.89 -10.72 15.47
CA MET D 116 10.35 -11.98 14.89
C MET D 116 11.23 -12.70 15.90
N LYS D 117 11.17 -14.03 15.88
CA LYS D 117 11.92 -14.85 16.82
C LYS D 117 12.72 -15.90 16.09
N ASN D 118 13.80 -16.34 16.72
CA ASN D 118 14.73 -17.31 16.15
C ASN D 118 14.48 -18.65 16.81
N CYS D 119 13.84 -19.57 16.07
CA CYS D 119 13.36 -20.83 16.62
C CYS D 119 14.16 -21.99 16.06
N SER D 120 14.65 -22.84 16.96
CA SER D 120 15.32 -24.09 16.60
C SER D 120 14.43 -25.27 16.98
N PHE D 121 14.59 -26.37 16.24
CA PHE D 121 13.70 -27.52 16.40
C PHE D 121 14.32 -28.73 15.73
N ASN D 122 13.74 -29.89 16.01
CA ASN D 122 14.06 -31.14 15.33
C ASN D 122 13.01 -31.44 14.27
N THR D 123 13.44 -31.94 13.12
CA THR D 123 12.54 -32.45 12.10
C THR D 123 13.13 -33.74 11.54
N THR D 124 12.27 -34.50 10.86
CA THR D 124 12.72 -35.76 10.28
C THR D 124 13.39 -35.51 8.93
N THR D 125 14.46 -36.25 8.68
CA THR D 125 15.23 -36.12 7.44
C THR D 125 14.95 -37.32 6.53
N GLU D 126 15.35 -38.51 6.93
CA GLU D 126 15.13 -39.70 6.11
C GLU D 126 14.36 -40.77 6.87
N ILE D 127 13.22 -40.39 7.46
CA ILE D 127 12.23 -41.29 8.04
C ILE D 127 12.82 -42.08 9.21
N ARG D 128 12.53 -41.64 10.43
CA ARG D 128 12.82 -42.38 11.66
C ARG D 128 14.31 -42.66 11.85
N ASP D 129 15.15 -42.23 10.90
CA ASP D 129 16.59 -42.38 11.03
C ASP D 129 17.19 -41.17 11.72
N LYS D 130 18.24 -40.61 11.13
CA LYS D 130 18.86 -39.41 11.69
C LYS D 130 17.95 -38.20 11.45
N LYS D 131 17.84 -37.35 12.47
CA LYS D 131 17.12 -36.10 12.38
C LYS D 131 18.10 -34.94 12.34
N GLN D 132 17.57 -33.74 12.12
CA GLN D 132 18.36 -32.53 12.06
C GLN D 132 17.88 -31.55 13.11
N LYS D 133 18.81 -30.71 13.59
CA LYS D 133 18.49 -29.63 14.52
C LYS D 133 18.72 -28.33 13.75
N GLU D 134 17.67 -27.86 13.09
CA GLU D 134 17.75 -26.68 12.23
C GLU D 134 16.92 -25.54 12.82
N TYR D 135 17.29 -24.32 12.46
CA TYR D 135 16.65 -23.12 12.99
C TYR D 135 15.88 -22.40 11.89
N ALA D 136 15.05 -21.46 12.31
CA ALA D 136 14.26 -20.65 11.40
C ALA D 136 13.92 -19.34 12.09
N LEU D 137 13.37 -18.40 11.31
CA LEU D 137 12.96 -17.10 11.81
C LEU D 137 11.45 -16.96 11.59
N PHE D 138 10.68 -17.19 12.64
CA PHE D 138 9.22 -17.10 12.56
C PHE D 138 8.75 -15.79 13.18
N TYR D 139 7.68 -15.24 12.60
CA TYR D 139 7.11 -14.01 13.13
C TYR D 139 6.46 -14.26 14.48
N ARG D 140 6.35 -13.19 15.27
CA ARG D 140 5.73 -13.30 16.58
C ARG D 140 4.27 -13.71 16.48
N LEU D 141 3.59 -13.30 15.41
CA LEU D 141 2.19 -13.67 15.21
C LEU D 141 2.03 -15.12 14.80
N ASP D 142 3.06 -15.73 14.20
CA ASP D 142 3.01 -17.12 13.76
C ASP D 142 3.26 -18.12 14.88
N ILE D 143 3.61 -17.65 16.08
CA ILE D 143 4.05 -18.52 17.16
C ILE D 143 3.26 -18.20 18.42
N VAL D 144 3.01 -19.23 19.23
CA VAL D 144 2.33 -19.07 20.52
C VAL D 144 3.09 -19.82 21.59
N PRO D 145 3.43 -19.19 22.71
CA PRO D 145 4.10 -19.90 23.79
C PRO D 145 3.15 -20.77 24.61
N LEU D 146 3.69 -21.87 25.12
CA LEU D 146 2.97 -22.80 25.97
C LEU D 146 3.59 -22.87 27.35
N ASN D 147 3.94 -21.70 27.90
CA ASN D 147 4.60 -21.61 29.20
C ASN D 147 3.71 -22.14 30.32
N SER D 151 11.84 -19.23 25.87
CA SER D 151 11.00 -20.25 26.47
C SER D 151 10.46 -21.21 25.41
N GLU D 152 9.46 -22.01 25.78
CA GLU D 152 8.89 -22.98 24.87
C GLU D 152 7.89 -22.32 23.93
N TYR D 153 7.85 -22.80 22.69
CA TYR D 153 7.01 -22.21 21.66
C TYR D 153 6.57 -23.28 20.68
N ARG D 154 5.53 -22.95 19.90
CA ARG D 154 5.04 -23.84 18.86
C ARG D 154 4.21 -23.00 17.89
N LEU D 155 3.80 -23.65 16.79
CA LEU D 155 3.01 -22.97 15.77
C LEU D 155 1.63 -22.62 16.32
N ILE D 156 1.04 -21.56 15.75
CA ILE D 156 -0.19 -21.00 16.30
C ILE D 156 -1.40 -21.87 16.04
N ASN D 157 -1.35 -22.75 15.05
CA ASN D 157 -2.54 -23.48 14.60
C ASN D 157 -2.39 -24.99 14.68
N CYS D 158 -1.51 -25.50 15.53
CA CYS D 158 -1.34 -26.94 15.57
C CYS D 158 -2.33 -27.63 16.52
N ASN D 159 -2.72 -26.98 17.61
CA ASN D 159 -3.77 -27.53 18.44
C ASN D 159 -5.16 -27.29 17.85
N THR D 160 -5.23 -26.58 16.71
CA THR D 160 -6.51 -26.36 16.02
C THR D 160 -6.77 -27.49 15.03
N SER D 161 -6.02 -27.51 13.92
CA SER D 161 -6.27 -28.47 12.86
C SER D 161 -5.01 -28.60 12.01
N THR D 162 -5.13 -29.28 10.89
CA THR D 162 -4.00 -29.59 10.02
C THR D 162 -3.44 -28.32 9.39
N ILE D 163 -2.13 -28.33 9.15
CA ILE D 163 -1.42 -27.21 8.52
C ILE D 163 -0.79 -27.72 7.23
N THR D 164 -0.80 -26.86 6.21
CA THR D 164 -0.22 -27.20 4.92
C THR D 164 0.39 -25.95 4.29
N GLN D 165 1.41 -26.15 3.48
CA GLN D 165 2.12 -25.08 2.81
C GLN D 165 1.74 -25.04 1.34
N ILE D 166 1.50 -23.83 0.82
CA ILE D 166 1.19 -23.65 -0.59
C ILE D 166 2.47 -23.78 -1.40
N CYS D 167 2.32 -24.30 -2.63
CA CYS D 167 3.48 -24.48 -3.50
C CYS D 167 4.05 -23.12 -3.90
N PRO D 168 5.38 -22.99 -3.95
CA PRO D 168 5.96 -21.74 -4.46
C PRO D 168 5.87 -21.59 -5.98
N LYS D 169 5.38 -22.62 -6.68
CA LYS D 169 5.25 -22.57 -8.14
C LYS D 169 4.00 -21.85 -8.60
N VAL D 170 3.22 -21.28 -7.70
CA VAL D 170 1.95 -20.66 -8.03
C VAL D 170 1.99 -19.19 -7.64
N SER D 171 1.11 -18.40 -8.26
CA SER D 171 1.05 -16.95 -8.04
C SER D 171 -0.39 -16.58 -7.72
N PHE D 172 -0.66 -16.30 -6.44
CA PHE D 172 -2.01 -15.93 -5.98
C PHE D 172 -2.31 -14.45 -6.19
N ASP D 173 -1.81 -13.86 -7.26
CA ASP D 173 -2.11 -12.44 -7.52
C ASP D 173 -3.40 -12.31 -8.32
N PRO D 174 -4.22 -11.30 -8.02
CA PRO D 174 -5.51 -11.18 -8.71
C PRO D 174 -5.32 -10.78 -10.16
N ILE D 175 -5.97 -11.53 -11.05
CA ILE D 175 -5.98 -11.22 -12.48
C ILE D 175 -7.42 -11.21 -12.96
N PRO D 176 -7.70 -10.53 -14.07
CA PRO D 176 -9.09 -10.44 -14.55
C PRO D 176 -9.75 -11.79 -14.73
N ILE D 177 -10.91 -11.96 -14.11
CA ILE D 177 -11.71 -13.18 -14.18
C ILE D 177 -13.05 -12.79 -14.77
N HIS D 178 -13.24 -13.02 -16.07
CA HIS D 178 -14.51 -12.76 -16.73
C HIS D 178 -15.50 -13.87 -16.38
N TYR D 179 -16.67 -13.49 -15.89
CA TYR D 179 -17.72 -14.44 -15.52
C TYR D 179 -18.78 -14.43 -16.61
N CYS D 180 -18.92 -15.57 -17.29
CA CYS D 180 -19.82 -15.70 -18.42
C CYS D 180 -21.02 -16.57 -18.06
N ALA D 181 -22.11 -16.39 -18.81
CA ALA D 181 -23.29 -17.21 -18.73
C ALA D 181 -23.44 -18.02 -20.01
N PRO D 182 -23.86 -19.29 -19.91
CA PRO D 182 -23.93 -20.13 -21.11
C PRO D 182 -25.00 -19.68 -22.09
N ALA D 183 -25.08 -20.36 -23.24
CA ALA D 183 -26.09 -20.03 -24.24
C ALA D 183 -27.48 -20.27 -23.69
N GLY D 184 -28.47 -19.61 -24.29
CA GLY D 184 -29.80 -19.60 -23.75
C GLY D 184 -29.97 -18.76 -22.49
N TYR D 185 -28.89 -18.17 -21.99
CA TYR D 185 -28.89 -17.30 -20.83
C TYR D 185 -28.18 -16.01 -21.18
N ALA D 186 -28.23 -15.05 -20.26
CA ALA D 186 -27.55 -13.78 -20.43
C ALA D 186 -27.44 -13.10 -19.08
N ILE D 187 -26.59 -12.07 -19.02
CA ILE D 187 -26.43 -11.24 -17.84
C ILE D 187 -26.72 -9.80 -18.22
N LEU D 188 -27.43 -9.10 -17.35
CA LEU D 188 -27.84 -7.72 -17.59
C LEU D 188 -26.92 -6.76 -16.85
N LYS D 189 -26.68 -5.60 -17.46
CA LYS D 189 -25.70 -4.65 -16.98
C LYS D 189 -26.36 -3.29 -16.79
N CYS D 190 -26.35 -2.79 -15.56
CA CYS D 190 -26.92 -1.49 -15.23
C CYS D 190 -25.86 -0.42 -15.41
N ASN D 191 -26.12 0.52 -16.32
CA ASN D 191 -25.16 1.57 -16.66
C ASN D 191 -25.51 2.92 -16.05
N ASN D 192 -26.57 3.01 -15.25
CA ASN D 192 -26.89 4.28 -14.60
C ASN D 192 -25.83 4.60 -13.55
N LYS D 193 -25.23 5.78 -13.66
CA LYS D 193 -24.06 6.11 -12.86
C LYS D 193 -24.36 6.21 -11.37
N THR D 194 -25.61 6.47 -10.98
CA THR D 194 -25.97 6.69 -9.58
C THR D 194 -26.82 5.56 -9.02
N PHE D 195 -26.69 4.35 -9.56
CA PHE D 195 -27.48 3.22 -9.09
C PHE D 195 -27.02 2.81 -7.69
N ASN D 196 -27.95 2.81 -6.74
CA ASN D 196 -27.59 2.59 -5.33
C ASN D 196 -27.58 1.11 -5.01
N GLY D 197 -27.32 0.28 -6.02
CA GLY D 197 -27.19 -1.16 -5.84
C GLY D 197 -28.46 -1.96 -6.00
N THR D 198 -29.59 -1.42 -5.55
CA THR D 198 -30.87 -2.12 -5.64
C THR D 198 -31.91 -1.19 -6.26
N GLY D 199 -32.98 -1.79 -6.77
CA GLY D 199 -34.05 -1.04 -7.38
C GLY D 199 -33.98 -1.04 -8.90
N PRO D 200 -34.86 -0.28 -9.53
CA PRO D 200 -34.87 -0.23 -11.00
C PRO D 200 -33.65 0.50 -11.53
N CYS D 201 -33.40 0.30 -12.83
CA CYS D 201 -32.26 0.92 -13.49
C CYS D 201 -32.58 1.09 -14.97
N ASN D 202 -32.14 2.21 -15.52
CA ASN D 202 -32.30 2.54 -16.94
C ASN D 202 -30.93 2.51 -17.62
N ASN D 203 -30.96 2.72 -18.94
CA ASN D 203 -29.78 2.57 -19.80
C ASN D 203 -29.14 1.20 -19.59
N VAL D 204 -29.99 0.18 -19.57
CA VAL D 204 -29.53 -1.19 -19.33
C VAL D 204 -28.99 -1.78 -20.62
N SER D 205 -27.85 -2.46 -20.51
CA SER D 205 -27.25 -3.17 -21.63
C SER D 205 -27.12 -4.65 -21.29
N THR D 206 -26.90 -5.46 -22.32
CA THR D 206 -26.74 -6.90 -22.17
C THR D 206 -25.38 -7.34 -22.66
N VAL D 207 -24.80 -8.31 -21.97
CA VAL D 207 -23.50 -8.88 -22.33
C VAL D 207 -23.54 -10.38 -22.06
N GLN D 208 -22.51 -11.08 -22.51
CA GLN D 208 -22.35 -12.50 -22.26
C GLN D 208 -21.40 -12.79 -21.11
N CYS D 209 -20.34 -11.99 -20.96
CA CYS D 209 -19.37 -12.14 -19.89
C CYS D 209 -19.21 -10.82 -19.16
N THR D 210 -18.87 -10.91 -17.88
CA THR D 210 -18.58 -9.72 -17.09
C THR D 210 -17.22 -9.15 -17.51
N HIS D 211 -16.91 -7.97 -16.97
CA HIS D 211 -15.64 -7.33 -17.26
C HIS D 211 -14.50 -8.05 -16.52
N GLY D 212 -13.30 -7.52 -16.69
CA GLY D 212 -12.14 -8.08 -16.00
C GLY D 212 -12.17 -7.86 -14.51
N ILE D 213 -12.73 -8.83 -13.78
CA ILE D 213 -12.87 -8.72 -12.33
C ILE D 213 -11.68 -9.42 -11.67
N LYS D 214 -10.91 -8.67 -10.90
CA LYS D 214 -9.77 -9.25 -10.19
C LYS D 214 -10.17 -9.65 -8.78
N PRO D 215 -9.92 -10.90 -8.37
CA PRO D 215 -10.30 -11.32 -7.02
C PRO D 215 -9.36 -10.78 -5.95
N VAL D 216 -9.68 -9.61 -5.41
CA VAL D 216 -8.87 -8.97 -4.38
C VAL D 216 -9.49 -9.26 -3.03
N VAL D 217 -8.73 -9.91 -2.15
CA VAL D 217 -9.17 -10.24 -0.81
C VAL D 217 -8.51 -9.26 0.15
N SER D 218 -9.31 -8.34 0.69
CA SER D 218 -8.81 -7.32 1.61
C SER D 218 -9.88 -7.05 2.67
N THR D 219 -9.54 -6.17 3.62
CA THR D 219 -10.44 -5.81 4.69
C THR D 219 -10.39 -4.30 4.88
N GLN D 220 -11.56 -3.71 5.18
CA GLN D 220 -11.69 -2.29 5.47
C GLN D 220 -11.38 -1.39 4.28
N LEU D 221 -10.65 -1.91 3.30
CA LEU D 221 -10.27 -1.16 2.11
C LEU D 221 -10.43 -2.04 0.90
N LEU D 222 -11.07 -1.51 -0.15
CA LEU D 222 -11.23 -2.21 -1.41
C LEU D 222 -10.13 -1.76 -2.37
N LEU D 223 -9.38 -2.72 -2.89
CA LEU D 223 -8.17 -2.44 -3.66
C LEU D 223 -8.33 -2.90 -5.10
N ASN D 224 -7.82 -2.08 -6.04
CA ASN D 224 -7.83 -2.38 -7.47
C ASN D 224 -9.24 -2.66 -7.98
N GLY D 225 -10.25 -2.06 -7.37
CA GLY D 225 -11.62 -2.22 -7.83
C GLY D 225 -12.01 -1.19 -8.88
N SER D 226 -13.20 -1.36 -9.43
CA SER D 226 -13.72 -0.45 -10.44
C SER D 226 -14.17 0.84 -9.77
N LEU D 227 -13.62 1.97 -10.23
CA LEU D 227 -13.95 3.25 -9.62
C LEU D 227 -15.37 3.68 -9.97
N ALA D 228 -15.97 4.44 -9.06
CA ALA D 228 -17.25 5.05 -9.32
C ALA D 228 -17.09 6.29 -10.20
N GLU D 229 -18.16 6.64 -10.90
CA GLU D 229 -18.15 7.78 -11.81
C GLU D 229 -19.12 8.85 -11.31
N GLU D 230 -19.00 10.04 -11.90
CA GLU D 230 -19.75 11.22 -11.49
C GLU D 230 -19.47 11.53 -10.02
N GLU D 231 -20.48 11.34 -9.17
CA GLU D 231 -20.33 11.58 -7.74
C GLU D 231 -20.12 10.27 -6.99
N ILE D 232 -19.80 10.40 -5.70
CA ILE D 232 -19.52 9.23 -4.88
C ILE D 232 -20.78 8.40 -4.71
N ILE D 233 -20.62 7.08 -4.69
CA ILE D 233 -21.73 6.14 -4.59
C ILE D 233 -21.64 5.39 -3.26
N ILE D 234 -22.80 5.13 -2.66
CA ILE D 234 -22.91 4.32 -1.45
C ILE D 234 -23.96 3.24 -1.71
N ARG D 235 -23.74 2.06 -1.13
CA ARG D 235 -24.66 0.95 -1.29
C ARG D 235 -24.74 0.14 0.00
N SER D 236 -25.94 -0.30 0.33
CA SER D 236 -26.20 -1.08 1.54
C SER D 236 -27.51 -1.83 1.35
N GLU D 237 -27.97 -2.49 2.41
CA GLU D 237 -29.29 -3.12 2.39
C GLU D 237 -30.28 -2.27 3.19
N ASN D 238 -30.63 -2.74 4.39
CA ASN D 238 -31.46 -1.99 5.32
C ASN D 238 -30.56 -0.98 6.01
N LEU D 239 -30.44 0.21 5.41
CA LEU D 239 -29.51 1.20 5.94
C LEU D 239 -29.90 1.66 7.33
N THR D 240 -31.19 1.62 7.66
CA THR D 240 -31.61 1.91 9.03
C THR D 240 -31.13 0.83 10.00
N ASP D 241 -31.02 -0.41 9.53
CA ASP D 241 -30.48 -1.49 10.35
C ASP D 241 -28.96 -1.34 10.44
N ASN D 242 -28.47 -1.11 11.66
CA ASN D 242 -27.04 -0.89 11.85
C ASN D 242 -26.22 -2.18 11.77
N ALA D 243 -26.86 -3.34 11.96
CA ALA D 243 -26.14 -4.61 11.90
C ALA D 243 -25.83 -5.07 10.48
N LYS D 244 -26.33 -4.36 9.46
CA LYS D 244 -26.03 -4.69 8.08
C LYS D 244 -24.78 -3.95 7.62
N THR D 245 -23.98 -4.62 6.80
CA THR D 245 -22.72 -4.06 6.32
C THR D 245 -22.99 -3.01 5.25
N ILE D 246 -22.08 -2.04 5.15
CA ILE D 246 -22.18 -0.93 4.21
C ILE D 246 -20.95 -0.95 3.30
N ILE D 247 -21.19 -0.89 2.00
CA ILE D 247 -20.13 -0.84 1.00
C ILE D 247 -20.11 0.56 0.40
N VAL D 248 -18.92 1.16 0.35
CA VAL D 248 -18.74 2.52 -0.17
C VAL D 248 -17.96 2.42 -1.48
N HIS D 249 -18.42 3.14 -2.50
CA HIS D 249 -17.70 3.26 -3.75
C HIS D 249 -16.96 4.59 -3.79
N LEU D 250 -15.92 4.65 -4.62
CA LEU D 250 -15.02 5.81 -4.68
C LEU D 250 -15.10 6.43 -6.06
N ASN D 251 -15.45 7.72 -6.12
CA ASN D 251 -15.46 8.46 -7.37
C ASN D 251 -14.09 9.03 -7.72
N GLU D 252 -13.20 9.15 -6.73
CA GLU D 252 -11.80 9.46 -6.97
C GLU D 252 -10.94 8.50 -6.16
N SER D 253 -9.93 7.93 -6.80
CA SER D 253 -9.13 6.89 -6.16
C SER D 253 -8.05 7.47 -5.26
N VAL D 254 -7.65 6.68 -4.27
CA VAL D 254 -6.61 7.03 -3.32
C VAL D 254 -5.54 5.95 -3.37
N GLU D 255 -4.32 6.32 -3.74
CA GLU D 255 -3.24 5.37 -3.81
C GLU D 255 -2.81 4.92 -2.42
N ILE D 256 -2.15 3.76 -2.37
CA ILE D 256 -1.62 3.22 -1.12
C ILE D 256 -0.46 2.29 -1.45
N ASN D 257 0.75 2.70 -1.05
CA ASN D 257 1.98 1.94 -1.33
C ASN D 257 2.43 1.28 -0.04
N CYS D 258 2.38 -0.04 -0.01
CA CYS D 258 2.74 -0.83 1.16
C CYS D 258 4.02 -1.61 0.86
N THR D 259 4.97 -1.57 1.79
CA THR D 259 6.26 -2.22 1.61
C THR D 259 6.63 -2.99 2.86
N ARG D 260 7.56 -3.94 2.69
CA ARG D 260 8.21 -4.64 3.79
C ARG D 260 9.71 -4.47 3.60
N PRO D 261 10.33 -3.48 4.27
CA PRO D 261 11.72 -3.12 4.01
C PRO D 261 12.75 -3.99 4.74
N ASN D 262 12.54 -5.30 4.69
CA ASN D 262 13.47 -6.27 5.26
C ASN D 262 13.93 -7.21 4.16
N ASN D 263 15.25 -7.45 4.10
CA ASN D 263 15.85 -8.33 3.09
C ASN D 263 15.89 -9.73 3.67
N ASN D 264 14.79 -10.47 3.53
CA ASN D 264 14.68 -11.80 4.09
C ASN D 264 15.49 -12.81 3.28
N THR D 265 15.79 -13.94 3.91
CA THR D 265 16.45 -15.06 3.27
C THR D 265 15.51 -16.25 3.32
N ARG D 266 15.68 -17.17 2.37
CA ARG D 266 14.78 -18.31 2.20
C ARG D 266 15.59 -19.61 2.37
N LYS D 267 15.48 -20.23 3.54
CA LYS D 267 16.09 -21.53 3.76
C LYS D 267 15.24 -22.62 3.12
N SER D 268 15.91 -23.68 2.68
CA SER D 268 15.25 -24.81 2.02
C SER D 268 15.57 -26.08 2.80
N ILE D 269 14.96 -26.22 3.97
CA ILE D 269 15.14 -27.42 4.77
C ILE D 269 14.25 -28.52 4.22
N ARG D 270 14.64 -29.78 4.46
CA ARG D 270 14.04 -30.93 3.81
C ARG D 270 13.41 -31.84 4.84
N ILE D 271 12.10 -32.05 4.73
CA ILE D 271 11.41 -33.14 5.43
C ILE D 271 11.22 -34.25 4.41
N GLY D 272 12.30 -34.94 4.06
CA GLY D 272 12.30 -35.91 3.01
C GLY D 272 11.32 -37.04 3.25
N PRO D 273 10.91 -37.73 2.17
CA PRO D 273 11.37 -37.48 0.80
C PRO D 273 10.46 -36.53 0.03
N GLY D 274 11.05 -35.53 -0.61
CA GLY D 274 10.32 -34.59 -1.46
C GLY D 274 9.74 -33.38 -0.76
N GLN D 275 9.16 -33.57 0.42
CA GLN D 275 8.59 -32.47 1.19
C GLN D 275 9.70 -31.54 1.64
N THR D 276 9.87 -30.43 0.92
CA THR D 276 10.86 -29.42 1.24
C THR D 276 10.13 -28.18 1.74
N PHE D 277 10.37 -27.82 3.01
CA PHE D 277 9.71 -26.69 3.64
C PHE D 277 10.62 -25.47 3.60
N TYR D 278 10.10 -24.36 3.08
CA TYR D 278 10.85 -23.13 2.91
C TYR D 278 10.52 -22.19 4.07
N ALA D 279 11.49 -22.00 4.96
CA ALA D 279 11.35 -21.09 6.09
C ALA D 279 12.12 -19.80 5.83
N THR D 280 11.88 -18.83 6.69
CA THR D 280 12.61 -17.55 6.60
C THR D 280 14.03 -17.75 7.10
N GLY D 281 15.01 -17.45 6.24
CA GLY D 281 16.40 -17.67 6.58
C GLY D 281 16.92 -16.74 7.64
N ASP D 282 17.49 -15.61 7.22
CA ASP D 282 18.04 -14.63 8.15
C ASP D 282 18.00 -13.26 7.49
N ILE D 283 17.57 -12.25 8.24
CA ILE D 283 17.46 -10.91 7.70
C ILE D 283 18.87 -10.37 7.45
N ILE D 284 19.10 -9.94 6.21
CA ILE D 284 20.40 -9.40 5.80
C ILE D 284 20.23 -7.90 5.63
N GLY D 285 20.67 -7.14 6.64
CA GLY D 285 20.57 -5.69 6.58
C GLY D 285 20.00 -5.08 7.83
N ASP D 286 19.11 -4.11 7.66
CA ASP D 286 18.51 -3.39 8.78
C ASP D 286 17.20 -4.03 9.20
N ILE D 287 16.82 -3.79 10.46
CA ILE D 287 15.58 -4.30 11.03
C ILE D 287 14.58 -3.16 11.00
N ARG D 288 13.71 -3.17 10.00
CA ARG D 288 12.63 -2.20 9.88
C ARG D 288 11.29 -2.92 9.96
N GLN D 289 10.22 -2.13 9.99
CA GLN D 289 8.86 -2.65 10.13
C GLN D 289 8.06 -2.35 8.87
N ALA D 290 7.20 -3.30 8.50
CA ALA D 290 6.34 -3.13 7.33
C ALA D 290 5.38 -1.96 7.55
N HIS D 291 5.03 -1.30 6.45
CA HIS D 291 4.24 -0.08 6.55
C HIS D 291 3.49 0.16 5.25
N CYS D 292 2.44 0.97 5.35
CA CYS D 292 1.59 1.34 4.23
C CYS D 292 1.59 2.86 4.10
N ASN D 293 1.97 3.37 2.92
CA ASN D 293 2.03 4.80 2.68
C ASN D 293 0.76 5.24 1.95
N ILE D 294 0.03 6.16 2.57
CA ILE D 294 -1.16 6.76 1.98
C ILE D 294 -0.98 8.28 2.03
N SER D 295 -1.45 8.97 1.00
CA SER D 295 -1.32 10.42 0.96
C SER D 295 -2.33 11.05 1.91
N GLU D 296 -1.83 11.73 2.94
CA GLU D 296 -2.72 12.35 3.92
C GLU D 296 -3.55 13.46 3.28
N ALA D 297 -2.94 14.24 2.38
CA ALA D 297 -3.69 15.28 1.68
C ALA D 297 -4.77 14.68 0.80
N LYS D 298 -4.53 13.48 0.26
CA LYS D 298 -5.54 12.83 -0.57
C LYS D 298 -6.60 12.14 0.28
N TRP D 299 -6.20 11.52 1.39
CA TRP D 299 -7.16 10.81 2.22
C TRP D 299 -8.04 11.78 3.01
N ASN D 300 -7.45 12.85 3.56
CA ASN D 300 -8.23 13.79 4.36
C ASN D 300 -9.29 14.49 3.51
N LYS D 301 -9.02 14.69 2.22
CA LYS D 301 -10.02 15.29 1.34
C LYS D 301 -11.01 14.25 0.83
N THR D 302 -10.54 13.03 0.54
CA THR D 302 -11.42 12.00 0.04
C THR D 302 -12.35 11.48 1.15
N LEU D 303 -11.83 11.33 2.36
CA LEU D 303 -12.70 10.99 3.49
C LEU D 303 -13.69 12.11 3.79
N GLN D 304 -13.30 13.35 3.49
CA GLN D 304 -14.22 14.47 3.66
C GLN D 304 -15.37 14.42 2.67
N ARG D 305 -15.11 13.88 1.47
CA ARG D 305 -16.17 13.79 0.46
C ARG D 305 -17.06 12.57 0.67
N VAL D 306 -16.53 11.52 1.32
CA VAL D 306 -17.40 10.44 1.78
C VAL D 306 -18.24 10.92 2.95
N LYS D 307 -17.69 11.81 3.79
CA LYS D 307 -18.47 12.40 4.87
C LYS D 307 -19.62 13.23 4.33
N LYS D 308 -19.47 13.79 3.12
CA LYS D 308 -20.54 14.57 2.52
C LYS D 308 -21.69 13.68 2.07
N LYS D 309 -21.37 12.60 1.36
CA LYS D 309 -22.41 11.66 0.93
C LYS D 309 -23.05 10.96 2.11
N LEU D 310 -22.29 10.74 3.18
CA LEU D 310 -22.87 10.18 4.40
C LEU D 310 -23.91 11.12 4.99
N LYS D 311 -23.62 12.42 5.01
CA LYS D 311 -24.56 13.39 5.55
C LYS D 311 -25.84 13.44 4.74
N GLU D 312 -25.78 13.08 3.45
CA GLU D 312 -26.98 13.11 2.62
C GLU D 312 -27.96 12.02 3.00
N HIS D 313 -27.47 10.87 3.49
CA HIS D 313 -28.32 9.76 3.86
C HIS D 313 -28.80 9.84 5.31
N PHE D 314 -28.67 11.01 5.95
CA PHE D 314 -29.07 11.18 7.34
C PHE D 314 -29.57 12.60 7.52
N PRO D 315 -30.45 12.86 8.49
CA PRO D 315 -30.94 14.23 8.70
C PRO D 315 -29.86 15.18 9.23
N ASN D 316 -28.89 15.52 8.39
CA ASN D 316 -27.83 16.48 8.71
C ASN D 316 -27.07 16.09 9.98
N LYS D 317 -26.95 14.80 10.24
CA LYS D 317 -26.29 14.32 11.45
C LYS D 317 -24.78 14.24 11.21
N THR D 318 -24.02 14.99 12.00
CA THR D 318 -22.56 14.92 11.92
C THR D 318 -22.08 13.53 12.31
N ILE D 319 -21.33 12.90 11.42
CA ILE D 319 -20.93 11.50 11.57
C ILE D 319 -19.47 11.43 11.97
N LYS D 320 -19.18 10.60 12.96
CA LYS D 320 -17.83 10.40 13.47
C LYS D 320 -17.26 9.08 12.93
N PHE D 321 -15.94 9.02 12.85
CA PHE D 321 -15.21 7.82 12.45
C PHE D 321 -14.34 7.35 13.60
N ALA D 322 -14.27 6.04 13.78
CA ALA D 322 -13.52 5.44 14.88
C ALA D 322 -12.96 4.12 14.43
N PRO D 323 -11.90 3.62 15.07
CA PRO D 323 -11.35 2.30 14.72
C PRO D 323 -12.33 1.17 15.01
N SER D 324 -11.86 -0.07 14.87
CA SER D 324 -12.72 -1.24 15.03
C SER D 324 -13.04 -1.46 16.51
N SER D 325 -13.86 -2.49 16.78
CA SER D 325 -14.33 -2.78 18.12
C SER D 325 -13.57 -3.97 18.71
N GLY D 326 -14.05 -5.18 18.43
CA GLY D 326 -13.46 -6.38 19.00
C GLY D 326 -13.19 -7.47 17.98
N GLY D 327 -12.91 -7.09 16.75
CA GLY D 327 -12.60 -8.07 15.72
C GLY D 327 -11.23 -8.71 15.93
N ASP D 328 -10.95 -9.70 15.10
CA ASP D 328 -9.68 -10.41 15.16
C ASP D 328 -8.60 -9.57 14.50
N LEU D 329 -7.44 -10.17 14.25
CA LEU D 329 -6.40 -9.50 13.49
C LEU D 329 -6.82 -9.25 12.05
N GLU D 330 -7.76 -10.05 11.52
CA GLU D 330 -8.22 -9.92 10.16
C GLU D 330 -9.37 -8.93 9.99
N ILE D 331 -9.91 -8.41 11.09
CA ILE D 331 -11.03 -7.48 11.05
C ILE D 331 -10.61 -6.08 11.51
N THR D 332 -9.89 -5.99 12.63
CA THR D 332 -9.47 -4.71 13.16
C THR D 332 -8.37 -4.05 12.33
N THR D 333 -7.79 -4.76 11.36
CA THR D 333 -6.70 -4.23 10.55
C THR D 333 -6.99 -4.46 9.07
N HIS D 334 -6.33 -3.66 8.24
CA HIS D 334 -6.41 -3.81 6.79
C HIS D 334 -5.67 -5.08 6.39
N SER D 335 -6.35 -6.21 6.55
CA SER D 335 -5.77 -7.52 6.28
C SER D 335 -5.83 -7.77 4.78
N PHE D 336 -4.74 -7.47 4.08
CA PHE D 336 -4.64 -7.68 2.65
C PHE D 336 -3.38 -8.48 2.35
N ASN D 337 -3.12 -8.69 1.06
CA ASN D 337 -1.98 -9.49 0.61
C ASN D 337 -1.21 -8.72 -0.45
N CYS D 338 0.11 -8.71 -0.34
CA CYS D 338 0.96 -8.02 -1.31
C CYS D 338 1.59 -9.03 -2.27
N ARG D 339 2.85 -8.81 -2.67
CA ARG D 339 3.54 -9.70 -3.59
C ARG D 339 3.98 -11.02 -2.94
N GLY D 340 3.14 -11.62 -2.09
CA GLY D 340 3.50 -12.87 -1.43
C GLY D 340 3.01 -12.94 0.01
N GLU D 341 3.55 -12.07 0.86
CA GLU D 341 3.24 -12.12 2.28
C GLU D 341 1.89 -11.46 2.56
N PHE D 342 1.34 -11.80 3.73
CA PHE D 342 0.05 -11.29 4.17
C PHE D 342 0.26 -10.19 5.20
N PHE D 343 -0.31 -9.02 4.96
CA PHE D 343 -0.13 -7.86 5.81
C PHE D 343 -1.35 -7.64 6.71
N TYR D 344 -1.11 -6.92 7.80
CA TYR D 344 -2.17 -6.57 8.78
C TYR D 344 -1.83 -5.18 9.29
N CYS D 345 -2.36 -4.16 8.63
CA CYS D 345 -2.03 -2.77 8.92
C CYS D 345 -3.03 -2.20 9.91
N ASN D 346 -2.52 -1.74 11.06
CA ASN D 346 -3.34 -1.10 12.08
C ASN D 346 -3.94 0.19 11.53
N THR D 347 -5.24 0.19 11.29
CA THR D 347 -5.94 1.31 10.64
C THR D 347 -6.58 2.26 11.64
N SER D 348 -6.01 2.38 12.84
CA SER D 348 -6.52 3.35 13.81
C SER D 348 -6.18 4.79 13.42
N LYS D 349 -5.28 4.98 12.46
CA LYS D 349 -4.82 6.32 12.11
C LYS D 349 -5.78 7.02 11.17
N LEU D 350 -6.26 6.32 10.14
CA LEU D 350 -7.18 6.93 9.19
C LEU D 350 -8.54 7.20 9.81
N PHE D 351 -8.98 6.35 10.73
CA PHE D 351 -10.27 6.50 11.39
C PHE D 351 -10.15 7.23 12.72
N ASN D 352 -8.96 7.74 13.06
CA ASN D 352 -8.72 8.48 14.30
C ASN D 352 -9.18 7.71 15.53
N ASN D 361 -0.09 17.72 5.90
CA ASN D 361 -0.22 18.00 4.48
C ASN D 361 0.72 17.09 3.68
N SER D 362 1.40 16.20 4.38
CA SER D 362 2.38 15.30 3.78
C SER D 362 1.77 13.89 3.69
N THR D 363 2.47 12.85 4.12
CA THR D 363 2.02 11.47 3.96
C THR D 363 1.75 10.84 5.32
N ILE D 364 0.86 9.83 5.31
CA ILE D 364 0.55 9.05 6.50
C ILE D 364 1.11 7.65 6.31
N THR D 365 1.52 7.04 7.42
CA THR D 365 2.17 5.73 7.39
C THR D 365 1.60 4.85 8.49
N LEU D 366 1.14 3.63 8.11
CA LEU D 366 0.50 2.68 9.01
C LEU D 366 1.51 1.64 9.51
N PRO D 367 1.33 1.14 10.74
CA PRO D 367 2.17 0.04 11.22
C PRO D 367 1.61 -1.32 10.84
N CYS D 368 2.17 -1.94 9.80
CA CYS D 368 1.67 -3.20 9.28
C CYS D 368 2.47 -4.36 9.86
N ARG D 369 1.76 -5.37 10.35
CA ARG D 369 2.36 -6.63 10.78
C ARG D 369 2.19 -7.68 9.69
N ILE D 370 2.97 -8.74 9.80
CA ILE D 370 2.98 -9.82 8.81
C ILE D 370 2.84 -11.15 9.51
N LYS D 371 1.90 -11.97 9.04
CA LYS D 371 1.68 -13.32 9.54
C LYS D 371 1.81 -14.29 8.38
N GLN D 372 2.39 -15.47 8.65
CA GLN D 372 2.63 -16.45 7.62
C GLN D 372 1.62 -17.60 7.62
N ILE D 373 1.06 -17.94 8.77
CA ILE D 373 0.09 -19.03 8.89
C ILE D 373 -1.26 -18.39 9.17
N ILE D 374 -2.05 -18.19 8.11
CA ILE D 374 -3.35 -17.55 8.23
C ILE D 374 -4.44 -18.57 7.99
N ASN D 375 -5.68 -18.16 8.30
CA ASN D 375 -6.88 -19.00 8.11
C ASN D 375 -7.88 -18.15 7.32
N MET D 376 -7.64 -18.04 6.02
CA MET D 376 -8.48 -17.17 5.18
C MET D 376 -9.90 -17.71 5.12
N TRP D 377 -10.86 -16.80 4.94
CA TRP D 377 -12.29 -17.06 4.92
C TRP D 377 -12.82 -17.58 6.26
N GLN D 378 -11.99 -17.59 7.30
CA GLN D 378 -12.36 -18.06 8.63
C GLN D 378 -12.93 -19.48 8.57
N GLU D 379 -12.04 -20.41 8.23
CA GLU D 379 -12.39 -21.81 8.07
C GLU D 379 -11.90 -22.63 9.25
N VAL D 380 -12.46 -23.84 9.37
CA VAL D 380 -12.04 -24.82 10.37
C VAL D 380 -11.41 -25.98 9.62
N GLY D 381 -10.14 -26.25 9.90
CA GLY D 381 -9.37 -27.25 9.19
C GLY D 381 -8.36 -26.68 8.22
N ARG D 382 -8.44 -25.39 7.91
CA ARG D 382 -7.54 -24.74 6.98
C ARG D 382 -6.40 -24.05 7.73
N ALA D 383 -5.17 -24.23 7.22
CA ALA D 383 -4.02 -23.54 7.76
C ALA D 383 -2.96 -23.50 6.66
N MET D 384 -2.86 -22.37 5.98
CA MET D 384 -1.92 -22.20 4.88
C MET D 384 -0.61 -21.59 5.37
N TYR D 385 0.47 -21.87 4.64
CA TYR D 385 1.77 -21.30 4.92
C TYR D 385 2.26 -20.56 3.68
N ALA D 386 2.44 -19.26 3.80
CA ALA D 386 2.97 -18.46 2.70
C ALA D 386 4.49 -18.51 2.72
N PRO D 387 5.13 -19.02 1.67
CA PRO D 387 6.59 -19.10 1.67
C PRO D 387 7.20 -17.72 1.70
N PRO D 388 8.37 -17.57 2.32
CA PRO D 388 8.99 -16.25 2.42
C PRO D 388 9.47 -15.76 1.07
N ILE D 389 9.21 -14.49 0.79
CA ILE D 389 9.69 -13.84 -0.42
C ILE D 389 11.10 -13.33 -0.16
N ALA D 390 11.89 -13.22 -1.23
CA ALA D 390 13.32 -12.92 -1.10
C ALA D 390 13.60 -11.47 -0.72
N GLY D 391 12.80 -10.91 0.19
CA GLY D 391 13.08 -9.60 0.74
C GLY D 391 12.83 -8.42 -0.16
N ASN D 392 12.64 -7.25 0.44
CA ASN D 392 12.43 -5.99 -0.27
C ASN D 392 11.25 -6.08 -1.25
N ILE D 393 10.07 -6.30 -0.68
CA ILE D 393 8.85 -6.40 -1.46
C ILE D 393 8.10 -5.07 -1.41
N THR D 394 7.58 -4.65 -2.56
CA THR D 394 6.84 -3.39 -2.67
C THR D 394 5.61 -3.62 -3.52
N CYS D 395 4.45 -3.17 -3.04
CA CYS D 395 3.20 -3.27 -3.76
C CYS D 395 2.58 -1.88 -3.93
N LYS D 396 2.18 -1.56 -5.15
CA LYS D 396 1.46 -0.33 -5.44
C LYS D 396 -0.01 -0.66 -5.63
N SER D 397 -0.86 -0.09 -4.80
CA SER D 397 -2.28 -0.42 -4.78
C SER D 397 -3.12 0.82 -5.09
N ASN D 398 -4.43 0.67 -4.95
CA ASN D 398 -5.38 1.74 -5.24
C ASN D 398 -6.63 1.50 -4.40
N ILE D 399 -6.91 2.40 -3.47
CA ILE D 399 -8.11 2.31 -2.66
C ILE D 399 -9.29 2.78 -3.50
N THR D 400 -10.17 1.86 -3.87
CA THR D 400 -11.34 2.17 -4.67
C THR D 400 -12.65 2.00 -3.91
N GLY D 401 -12.59 1.67 -2.62
CA GLY D 401 -13.81 1.47 -1.86
C GLY D 401 -13.50 1.43 -0.38
N LEU D 402 -14.55 1.18 0.40
CA LEU D 402 -14.45 1.05 1.85
C LEU D 402 -15.33 -0.11 2.28
N LEU D 403 -15.36 -0.35 3.59
CA LEU D 403 -16.19 -1.41 4.15
C LEU D 403 -16.45 -1.06 5.62
N LEU D 404 -17.53 -0.33 5.85
CA LEU D 404 -17.85 0.24 7.16
C LEU D 404 -19.03 -0.48 7.78
N THR D 405 -19.15 -0.34 9.11
CA THR D 405 -20.27 -0.85 9.88
C THR D 405 -20.74 0.24 10.84
N ARG D 406 -21.74 -0.09 11.65
CA ARG D 406 -22.24 0.83 12.67
C ARG D 406 -22.53 0.06 13.94
N ASP D 407 -22.83 0.78 15.01
CA ASP D 407 -23.02 0.18 16.32
C ASP D 407 -24.17 0.86 17.05
N GLY D 408 -24.92 0.07 17.83
CA GLY D 408 -25.92 0.64 18.71
C GLY D 408 -27.01 1.34 17.96
N GLY D 409 -27.54 2.39 18.58
CA GLY D 409 -28.59 3.20 17.97
C GLY D 409 -28.92 4.43 18.80
N ASN D 413 -26.41 8.37 20.84
CA ASN D 413 -27.03 9.68 20.92
C ASN D 413 -27.10 10.34 19.53
N ASN D 414 -27.39 11.64 19.50
CA ASN D 414 -27.69 12.32 18.24
C ASN D 414 -26.45 12.56 17.39
N THR D 415 -25.59 11.56 17.29
CA THR D 415 -24.49 11.53 16.33
C THR D 415 -24.37 10.11 15.80
N GLU D 416 -23.52 9.93 14.80
CA GLU D 416 -23.34 8.63 14.17
C GLU D 416 -21.86 8.28 14.10
N THR D 417 -21.53 7.06 14.49
CA THR D 417 -20.16 6.55 14.46
C THR D 417 -20.07 5.40 13.47
N PHE D 418 -19.14 5.51 12.53
CA PHE D 418 -18.93 4.49 11.51
C PHE D 418 -17.54 3.89 11.69
N ARG D 419 -17.48 2.58 11.90
CA ARG D 419 -16.25 1.85 12.13
C ARG D 419 -15.98 0.89 10.98
N PRO D 420 -14.71 0.64 10.66
CA PRO D 420 -14.40 -0.29 9.57
C PRO D 420 -14.63 -1.74 9.99
N GLY D 421 -15.14 -2.53 9.05
CA GLY D 421 -15.42 -3.94 9.30
C GLY D 421 -15.06 -4.77 8.08
N GLY D 422 -15.25 -6.08 8.24
CA GLY D 422 -14.96 -7.02 7.17
C GLY D 422 -15.66 -8.34 7.35
N GLY D 423 -14.93 -9.35 7.84
CA GLY D 423 -15.51 -10.64 8.11
C GLY D 423 -15.89 -11.43 6.87
N ASP D 424 -17.02 -11.10 6.27
CA ASP D 424 -17.53 -11.83 5.12
C ASP D 424 -16.87 -11.31 3.85
N MET D 425 -16.17 -12.20 3.14
CA MET D 425 -15.51 -11.84 1.89
C MET D 425 -16.49 -11.74 0.71
N ARG D 426 -17.74 -12.15 0.89
CA ARG D 426 -18.71 -12.04 -0.19
C ARG D 426 -18.97 -10.59 -0.58
N ASP D 427 -18.82 -9.66 0.38
CA ASP D 427 -19.01 -8.26 0.06
C ASP D 427 -17.94 -7.75 -0.91
N ASN D 428 -16.76 -8.37 -0.90
CA ASN D 428 -15.73 -7.99 -1.87
C ASN D 428 -16.17 -8.30 -3.29
N TRP D 429 -16.85 -9.43 -3.48
CA TRP D 429 -17.35 -9.78 -4.81
C TRP D 429 -18.64 -9.06 -5.16
N ARG D 430 -19.42 -8.63 -4.14
CA ARG D 430 -20.62 -7.84 -4.43
C ARG D 430 -20.25 -6.43 -4.89
N SER D 431 -19.08 -5.93 -4.50
CA SER D 431 -18.69 -4.58 -4.88
C SER D 431 -18.47 -4.46 -6.39
N GLU D 432 -18.14 -5.57 -7.05
CA GLU D 432 -17.94 -5.57 -8.50
C GLU D 432 -19.06 -6.28 -9.25
N LEU D 433 -19.77 -7.21 -8.61
CA LEU D 433 -20.90 -7.89 -9.21
C LEU D 433 -22.23 -7.25 -8.83
N TYR D 434 -22.21 -5.96 -8.45
CA TYR D 434 -23.45 -5.30 -8.05
C TYR D 434 -24.35 -5.00 -9.24
N LYS D 435 -23.76 -4.76 -10.40
CA LYS D 435 -24.50 -4.36 -11.59
C LYS D 435 -24.77 -5.51 -12.56
N TYR D 436 -24.77 -6.74 -12.05
CA TYR D 436 -25.00 -7.91 -12.89
C TYR D 436 -26.07 -8.81 -12.27
N LYS D 437 -26.98 -9.29 -13.11
CA LYS D 437 -27.92 -10.33 -12.75
C LYS D 437 -28.10 -11.24 -13.94
N VAL D 438 -28.23 -12.54 -13.67
CA VAL D 438 -28.37 -13.53 -14.73
C VAL D 438 -29.83 -13.63 -15.15
N VAL D 439 -30.05 -13.86 -16.44
CA VAL D 439 -31.38 -14.07 -16.98
C VAL D 439 -31.28 -15.15 -18.06
N GLU D 440 -32.26 -16.04 -18.09
CA GLU D 440 -32.35 -17.03 -19.17
C GLU D 440 -33.09 -16.40 -20.35
N ILE D 441 -33.46 -17.23 -21.32
CA ILE D 441 -34.17 -16.75 -22.51
C ILE D 441 -35.43 -17.58 -22.66
N LYS D 442 -36.56 -16.91 -22.88
CA LYS D 442 -37.81 -17.57 -23.22
C LYS D 442 -38.17 -17.24 -24.66
N PRO D 443 -37.57 -17.94 -25.63
CA PRO D 443 -37.73 -17.54 -27.04
C PRO D 443 -39.14 -17.71 -27.57
N LEU D 444 -39.94 -18.58 -26.97
CA LEU D 444 -41.30 -18.81 -27.47
C LEU D 444 -42.17 -17.58 -27.22
N GLY D 445 -42.86 -17.15 -28.27
CA GLY D 445 -43.78 -16.04 -28.17
C GLY D 445 -45.14 -16.38 -28.76
N ILE D 446 -46.19 -16.24 -27.97
CA ILE D 446 -47.55 -16.53 -28.41
C ILE D 446 -48.35 -15.23 -28.37
N ALA D 447 -49.03 -14.93 -29.48
CA ALA D 447 -49.82 -13.71 -29.59
C ALA D 447 -50.85 -13.92 -30.69
N PRO D 448 -51.98 -13.22 -30.63
CA PRO D 448 -53.01 -13.40 -31.66
C PRO D 448 -52.87 -12.44 -32.85
N THR D 449 -53.05 -13.00 -34.04
CA THR D 449 -53.19 -12.22 -35.25
C THR D 449 -54.06 -13.01 -36.21
N LYS D 450 -54.80 -12.29 -37.06
CA LYS D 450 -55.73 -12.92 -37.99
C LYS D 450 -54.98 -13.74 -39.04
N CYS D 451 -54.67 -14.99 -38.70
CA CYS D 451 -53.89 -15.86 -39.56
C CYS D 451 -54.32 -17.30 -39.32
N LYS D 452 -54.53 -18.05 -40.41
CA LYS D 452 -55.08 -19.39 -40.36
C LYS D 452 -54.15 -20.37 -41.06
N ARG D 453 -54.61 -21.61 -41.20
CA ARG D 453 -53.88 -22.68 -41.88
C ARG D 453 -54.88 -23.45 -42.72
N ARG D 454 -54.57 -24.71 -43.03
CA ARG D 454 -55.36 -25.53 -43.93
C ARG D 454 -55.92 -26.73 -43.16
N VAL D 455 -56.76 -27.49 -43.86
CA VAL D 455 -57.39 -28.67 -43.29
C VAL D 455 -56.39 -29.82 -43.18
N GLN E 1 40.29 26.42 20.39
CA GLN E 1 39.01 26.71 21.04
C GLN E 1 38.92 26.01 22.39
N VAL E 2 39.03 24.69 22.38
CA VAL E 2 38.89 23.87 23.58
C VAL E 2 40.24 23.28 23.93
N GLN E 3 40.61 23.35 25.21
CA GLN E 3 41.84 22.77 25.70
C GLN E 3 41.53 21.87 26.89
N LEU E 4 42.39 20.88 27.11
CA LEU E 4 42.20 19.89 28.16
C LEU E 4 43.45 19.79 29.02
N GLN E 5 43.30 19.18 30.19
CA GLN E 5 44.42 19.04 31.13
C GLN E 5 44.05 17.96 32.14
N GLU E 6 44.75 16.82 32.08
CA GLU E 6 44.53 15.72 32.99
C GLU E 6 45.46 15.87 34.19
N SER E 7 44.90 16.20 35.34
CA SER E 7 45.66 16.40 36.58
C SER E 7 45.41 15.21 37.49
N GLY E 8 46.35 14.27 37.50
CA GLY E 8 46.22 13.08 38.32
C GLY E 8 47.41 12.89 39.24
N PRO E 9 47.32 11.89 40.12
CA PRO E 9 48.44 11.64 41.05
C PRO E 9 49.68 11.12 40.34
N GLY E 10 49.55 9.98 39.65
CA GLY E 10 50.65 9.37 38.93
C GLY E 10 51.05 8.01 39.45
N LEU E 11 50.71 7.68 40.70
CA LEU E 11 51.09 6.40 41.29
C LEU E 11 50.22 6.16 42.50
N VAL E 12 49.41 5.09 42.46
CA VAL E 12 48.51 4.74 43.55
C VAL E 12 48.67 3.25 43.86
N LYS E 13 48.69 2.93 45.15
CA LYS E 13 48.78 1.55 45.59
C LYS E 13 47.51 0.79 45.23
N PRO E 14 47.59 -0.54 45.11
CA PRO E 14 46.41 -1.32 44.73
C PRO E 14 45.29 -1.23 45.77
N SER E 15 44.08 -1.52 45.31
CA SER E 15 42.88 -1.59 46.16
C SER E 15 42.60 -0.25 46.84
N GLU E 16 42.57 0.81 46.03
CA GLU E 16 42.29 2.15 46.52
C GLU E 16 41.43 2.90 45.51
N THR E 17 41.00 4.09 45.89
CA THR E 17 40.21 4.95 45.01
C THR E 17 41.14 5.85 44.20
N LEU E 18 40.96 5.85 42.89
CA LEU E 18 41.81 6.60 41.97
C LEU E 18 41.11 7.90 41.59
N SER E 19 41.62 9.01 42.11
CA SER E 19 41.10 10.33 41.77
C SER E 19 41.83 10.85 40.53
N LEU E 20 41.08 11.57 39.68
CA LEU E 20 41.63 12.09 38.43
C LEU E 20 40.71 13.13 37.83
N THR E 21 41.23 14.31 37.52
CA THR E 21 40.43 15.42 37.03
C THR E 21 40.92 15.87 35.65
N CYS E 22 39.96 16.32 34.84
CA CYS E 22 40.23 16.83 33.49
C CYS E 22 39.59 18.21 33.38
N THR E 23 40.41 19.25 33.24
CA THR E 23 39.94 20.62 33.21
C THR E 23 39.77 21.10 31.77
N VAL E 24 38.68 21.81 31.52
CA VAL E 24 38.39 22.37 30.20
C VAL E 24 38.56 23.89 30.28
N SER E 25 38.74 24.50 29.10
CA SER E 25 38.96 25.94 29.02
C SER E 25 37.85 26.63 28.22
N GLY E 26 37.85 26.49 26.89
CA GLY E 26 36.90 27.19 26.06
C GLY E 26 35.57 26.51 25.82
N GLY E 27 35.38 25.31 26.35
CA GLY E 27 34.13 24.57 26.19
C GLY E 27 33.43 24.37 27.51
N SER E 28 32.10 24.45 27.49
CA SER E 28 31.29 24.23 28.68
C SER E 28 31.01 22.75 28.86
N ILE E 29 30.82 22.34 30.11
CA ILE E 29 30.66 20.92 30.41
C ILE E 29 29.20 20.50 30.27
N SER E 30 28.27 21.43 30.45
CA SER E 30 26.85 21.13 30.34
C SER E 30 26.33 21.23 28.91
N ASN E 31 27.22 21.14 27.92
CA ASN E 31 26.84 21.23 26.52
C ASN E 31 27.22 20.02 25.68
N TYR E 32 28.31 19.33 26.01
CA TYR E 32 28.80 18.22 25.21
C TYR E 32 29.01 16.99 26.09
N TYR E 33 29.30 15.87 25.44
CA TYR E 33 29.63 14.63 26.12
C TYR E 33 31.13 14.55 26.33
N TRP E 34 31.53 13.83 27.40
CA TRP E 34 32.93 13.67 27.75
C TRP E 34 33.19 12.20 28.07
N SER E 35 34.19 11.62 27.41
CA SER E 35 34.49 10.21 27.54
C SER E 35 35.94 10.02 27.98
N TRP E 36 36.17 9.05 28.87
CA TRP E 36 37.49 8.69 29.34
C TRP E 36 37.94 7.41 28.66
N ILE E 37 39.18 7.40 28.18
CA ILE E 37 39.77 6.25 27.50
C ILE E 37 41.14 5.98 28.11
N ARG E 38 41.48 4.70 28.24
CA ARG E 38 42.79 4.29 28.73
C ARG E 38 43.45 3.35 27.73
N GLN E 39 44.78 3.35 27.71
CA GLN E 39 45.56 2.53 26.80
C GLN E 39 46.67 1.85 27.59
N SER E 40 46.57 0.52 27.77
CA SER E 40 47.46 -0.30 28.57
C SER E 40 48.66 -0.77 27.76
N PRO E 41 49.83 -0.88 28.39
CA PRO E 41 51.02 -1.41 27.70
C PRO E 41 50.82 -2.89 27.40
N GLY E 42 50.96 -3.25 26.13
CA GLY E 42 50.71 -4.61 25.69
C GLY E 42 49.28 -4.92 25.36
N LYS E 43 48.37 -3.95 25.47
CA LYS E 43 46.97 -4.12 25.17
C LYS E 43 46.52 -3.02 24.20
N GLY E 44 45.24 -3.03 23.87
CA GLY E 44 44.66 -2.03 23.00
C GLY E 44 44.03 -0.89 23.77
N LEU E 45 43.09 -0.22 23.11
CA LEU E 45 42.37 0.89 23.70
C LEU E 45 41.15 0.38 24.44
N GLU E 46 40.94 0.86 25.66
CA GLU E 46 39.82 0.46 26.50
C GLU E 46 38.93 1.68 26.76
N TRP E 47 37.80 1.75 26.05
CA TRP E 47 36.83 2.80 26.31
C TRP E 47 36.11 2.49 27.62
N ILE E 48 36.16 3.45 28.56
CA ILE E 48 35.67 3.22 29.91
C ILE E 48 34.22 3.65 30.03
N GLY E 49 33.93 4.91 29.76
CA GLY E 49 32.58 5.40 29.89
C GLY E 49 32.42 6.78 29.32
N TYR E 50 31.30 7.43 29.67
CA TYR E 50 31.02 8.76 29.17
C TYR E 50 29.93 9.39 30.04
N ILE E 51 29.92 10.72 30.07
CA ILE E 51 28.88 11.48 30.75
C ILE E 51 28.24 12.43 29.74
N SER E 52 26.96 12.70 29.95
CA SER E 52 26.19 13.56 29.07
C SER E 52 26.10 14.98 29.62
N ASP E 53 25.56 15.87 28.80
CA ASP E 53 25.25 17.22 29.27
C ASP E 53 24.15 17.21 30.31
N SER E 54 23.37 16.14 30.38
CA SER E 54 22.37 15.94 31.42
C SER E 54 22.92 15.26 32.66
N GLU E 55 24.24 15.02 32.71
CA GLU E 55 24.91 14.40 33.85
C GLU E 55 24.36 13.00 34.13
N SER E 56 24.41 12.17 33.11
CA SER E 56 24.03 10.76 33.21
C SER E 56 25.13 9.90 32.62
N THR E 57 25.46 8.81 33.30
CA THR E 57 26.60 7.98 32.95
C THR E 57 26.17 6.64 32.38
N ASN E 58 27.11 5.99 31.71
CA ASN E 58 26.95 4.63 31.21
C ASN E 58 28.34 4.03 31.08
N TYR E 59 28.55 2.87 31.69
CA TYR E 59 29.90 2.32 31.87
C TYR E 59 30.13 1.13 30.95
N ASN E 60 31.42 0.85 30.73
CA ASN E 60 31.81 -0.34 30.00
C ASN E 60 31.42 -1.59 30.79
N PRO E 61 30.87 -2.61 30.13
CA PRO E 61 30.39 -3.79 30.89
C PRO E 61 31.49 -4.59 31.58
N SER E 62 32.75 -4.46 31.13
CA SER E 62 33.82 -5.22 31.75
C SER E 62 34.17 -4.67 33.14
N LEU E 63 34.15 -3.34 33.29
CA LEU E 63 34.49 -2.70 34.55
C LEU E 63 33.36 -1.79 35.04
N LYS E 64 32.11 -2.12 34.70
CA LYS E 64 30.97 -1.37 35.19
C LYS E 64 30.87 -1.40 36.71
N SER E 65 31.43 -2.43 37.35
CA SER E 65 31.33 -2.61 38.79
C SER E 65 32.21 -1.67 39.59
N ARG E 66 33.01 -0.81 38.94
CA ARG E 66 33.99 -0.02 39.66
C ARG E 66 33.96 1.47 39.31
N VAL E 67 33.97 1.78 38.02
CA VAL E 67 34.19 3.15 37.59
C VAL E 67 33.04 4.05 38.02
N ILE E 68 33.36 5.20 38.58
CA ILE E 68 32.40 6.23 38.98
C ILE E 68 32.86 7.55 38.39
N ILE E 69 32.01 8.19 37.60
CA ILE E 69 32.33 9.45 36.94
C ILE E 69 31.39 10.53 37.46
N SER E 70 31.96 11.65 37.90
CA SER E 70 31.20 12.77 38.45
C SER E 70 31.36 13.99 37.56
N VAL E 71 30.96 15.15 38.10
CA VAL E 71 31.00 16.41 37.36
C VAL E 71 30.92 17.55 38.36
N ASP E 72 31.76 18.56 38.16
CA ASP E 72 31.76 19.76 38.99
C ASP E 72 31.46 20.95 38.07
N THR E 73 30.19 21.36 38.02
CA THR E 73 29.77 22.43 37.13
C THR E 73 30.16 23.82 37.63
N SER E 74 30.72 23.92 38.85
CA SER E 74 31.21 25.21 39.32
C SER E 74 32.31 25.73 38.41
N LYS E 75 33.34 24.93 38.20
CA LYS E 75 34.37 25.21 37.21
C LYS E 75 34.10 24.35 35.97
N ASN E 76 35.10 24.22 35.10
CA ASN E 76 35.01 23.33 33.94
C ASN E 76 35.66 21.98 34.21
N GLN E 77 35.72 21.56 35.47
CA GLN E 77 36.43 20.35 35.85
C GLN E 77 35.49 19.15 35.87
N LEU E 78 35.99 18.01 35.41
CA LEU E 78 35.28 16.75 35.48
C LEU E 78 36.23 15.68 36.01
N SER E 79 35.70 14.78 36.83
CA SER E 79 36.53 13.81 37.54
C SER E 79 35.96 12.40 37.37
N LEU E 80 36.78 11.41 37.70
CA LEU E 80 36.35 10.03 37.75
C LEU E 80 36.90 9.39 39.03
N LYS E 81 36.46 8.17 39.28
CA LYS E 81 36.95 7.38 40.41
C LYS E 81 36.92 5.91 40.03
N LEU E 82 37.92 5.17 40.51
CA LEU E 82 38.06 3.74 40.19
C LEU E 82 38.58 3.04 41.43
N ASN E 83 37.74 2.19 42.01
CA ASN E 83 38.05 1.48 43.24
C ASN E 83 38.55 0.08 42.95
N SER E 84 39.22 -0.51 43.95
CA SER E 84 39.75 -1.88 43.86
C SER E 84 40.69 -2.03 42.67
N VAL E 85 41.65 -1.11 42.57
CA VAL E 85 42.61 -1.15 41.47
C VAL E 85 43.62 -2.26 41.70
N THR E 86 44.15 -2.81 40.60
CA THR E 86 45.18 -3.83 40.64
C THR E 86 46.29 -3.44 39.68
N ALA E 87 47.33 -4.29 39.62
CA ALA E 87 48.48 -4.01 38.77
C ALA E 87 48.14 -4.04 37.28
N ALA E 88 46.95 -4.52 36.91
CA ALA E 88 46.56 -4.56 35.51
C ALA E 88 45.90 -3.28 35.03
N ASP E 89 45.56 -2.36 35.93
CA ASP E 89 44.90 -1.10 35.57
C ASP E 89 45.89 0.03 35.30
N SER E 90 47.19 -0.20 35.47
CA SER E 90 48.17 0.84 35.20
C SER E 90 48.26 1.09 33.70
N ALA E 91 47.98 2.32 33.28
CA ALA E 91 47.96 2.70 31.88
C ALA E 91 47.95 4.22 31.78
N ILE E 92 47.83 4.71 30.55
CA ILE E 92 47.70 6.13 30.28
C ILE E 92 46.21 6.44 30.13
N TYR E 93 45.72 7.45 30.86
CA TYR E 93 44.31 7.80 30.87
C TYR E 93 44.10 9.09 30.11
N TYR E 94 43.25 9.05 29.09
CA TYR E 94 43.01 10.17 28.19
C TYR E 94 41.66 10.82 28.49
N CYS E 95 41.56 12.09 28.13
CA CYS E 95 40.34 12.87 28.25
C CYS E 95 39.94 13.35 26.86
N ALA E 96 38.67 13.17 26.51
CA ALA E 96 38.21 13.46 25.16
C ALA E 96 36.81 14.05 25.18
N ARG E 97 36.54 14.92 24.22
CA ARG E 97 35.23 15.53 24.05
C ARG E 97 34.43 14.70 23.06
N ALA E 98 33.36 14.07 23.55
CA ALA E 98 32.53 13.18 22.73
C ALA E 98 31.37 13.96 22.12
N GLN E 99 31.08 13.66 20.86
CA GLN E 99 29.95 14.26 20.14
C GLN E 99 28.91 13.20 19.83
N GLN E 100 27.65 13.57 19.98
CA GLN E 100 26.55 12.64 19.72
C GLN E 100 26.33 12.48 18.22
N GLY E 101 25.98 11.26 17.81
CA GLY E 101 25.70 10.99 16.41
C GLY E 101 24.48 10.13 16.23
N LYS E 102 23.50 10.62 15.48
CA LYS E 102 22.26 9.90 15.22
C LYS E 102 22.31 9.35 13.80
N ARG E 103 22.39 8.03 13.67
CA ARG E 103 22.43 7.36 12.37
C ARG E 103 21.03 6.82 12.07
N ILE E 104 20.33 7.48 11.16
CA ILE E 104 18.97 7.11 10.79
C ILE E 104 19.01 6.36 9.47
N TYR E 105 18.59 5.10 9.49
CA TYR E 105 18.52 4.28 8.28
C TYR E 105 17.11 4.01 7.81
N GLY E 106 16.10 4.28 8.63
CA GLY E 106 14.71 4.12 8.24
C GLY E 106 13.90 5.37 8.52
N MET E 107 12.83 5.23 9.30
CA MET E 107 12.01 6.35 9.73
C MET E 107 12.06 6.47 11.24
N VAL E 108 12.08 7.71 11.74
CA VAL E 108 12.27 7.95 13.16
C VAL E 108 11.08 7.48 13.98
N SER E 109 9.90 7.34 13.36
CA SER E 109 8.72 6.95 14.12
C SER E 109 8.85 5.53 14.66
N PHE E 110 9.32 4.60 13.83
CA PHE E 110 9.45 3.21 14.25
C PHE E 110 10.83 2.99 14.84
N GLY E 111 11.42 4.03 15.41
CA GLY E 111 12.80 3.96 15.84
C GLY E 111 13.72 3.89 14.63
N GLU E 112 14.26 2.70 14.36
CA GLU E 112 15.08 2.46 13.17
C GLU E 112 16.29 3.40 13.11
N PHE E 113 16.84 3.75 14.27
CA PHE E 113 18.07 4.51 14.33
C PHE E 113 18.85 4.06 15.56
N PHE E 114 20.13 4.45 15.61
CA PHE E 114 20.97 4.16 16.76
C PHE E 114 21.93 5.33 16.95
N TYR E 115 22.35 5.52 18.21
CA TYR E 115 23.23 6.61 18.57
C TYR E 115 24.67 6.09 18.66
N TYR E 116 25.57 6.73 17.91
CA TYR E 116 26.99 6.42 17.96
C TYR E 116 27.74 7.65 18.46
N TYR E 117 28.79 7.42 19.25
CA TYR E 117 29.54 8.49 19.90
C TYR E 117 30.97 8.50 19.37
N TYR E 118 31.45 9.69 19.01
CA TYR E 118 32.80 9.88 18.51
C TYR E 118 33.45 11.06 19.22
N MET E 119 34.74 10.93 19.50
CA MET E 119 35.52 11.97 20.16
C MET E 119 36.45 12.63 19.16
N ASP E 120 36.41 13.96 19.09
CA ASP E 120 37.21 14.70 18.14
C ASP E 120 38.29 15.58 18.78
N VAL E 121 38.13 15.93 20.06
CA VAL E 121 39.10 16.76 20.77
C VAL E 121 39.64 15.94 21.94
N TRP E 122 40.93 15.64 21.91
CA TRP E 122 41.57 14.77 22.89
C TRP E 122 42.49 15.56 23.81
N GLY E 123 42.85 14.91 24.92
CA GLY E 123 43.84 15.44 25.83
C GLY E 123 45.15 14.68 25.72
N LYS E 124 46.19 15.26 26.34
CA LYS E 124 47.52 14.65 26.28
C LYS E 124 47.58 13.35 27.07
N GLY E 125 46.79 13.23 28.13
CA GLY E 125 46.76 12.01 28.92
C GLY E 125 47.83 11.98 30.01
N THR E 126 47.45 11.51 31.19
CA THR E 126 48.36 11.40 32.32
C THR E 126 48.69 9.93 32.58
N THR E 127 49.90 9.71 33.09
CA THR E 127 50.39 8.36 33.34
C THR E 127 50.05 7.94 34.77
N VAL E 128 49.58 6.71 34.93
CA VAL E 128 49.23 6.15 36.22
C VAL E 128 49.86 4.76 36.33
N THR E 129 50.57 4.52 37.43
CA THR E 129 51.20 3.24 37.70
C THR E 129 50.63 2.66 38.98
N VAL E 130 50.43 1.35 38.99
CA VAL E 130 49.86 0.65 40.15
C VAL E 130 50.92 -0.29 40.68
N SER E 131 51.47 0.04 41.85
CA SER E 131 52.48 -0.79 42.50
C SER E 131 52.63 -0.32 43.94
N SER E 132 52.83 -1.27 44.86
CA SER E 132 53.03 -0.94 46.26
C SER E 132 54.38 -0.29 46.54
N ALA E 133 55.22 -0.13 45.52
CA ALA E 133 56.51 0.51 45.70
C ALA E 133 56.34 2.02 45.87
N SER E 134 57.23 2.62 46.67
CA SER E 134 57.11 4.02 47.03
C SER E 134 57.70 4.91 45.94
N THR E 135 57.49 6.21 46.11
CA THR E 135 58.01 7.22 45.19
C THR E 135 59.42 7.61 45.61
N LYS E 136 60.23 8.00 44.62
CA LYS E 136 61.61 8.41 44.87
C LYS E 136 61.99 9.55 43.93
N GLY E 137 62.60 10.59 44.49
CA GLY E 137 63.09 11.70 43.72
C GLY E 137 64.34 11.33 42.95
N PRO E 138 64.47 11.86 41.73
CA PRO E 138 65.60 11.50 40.88
C PRO E 138 66.89 12.18 41.31
N SER E 139 68.00 11.57 40.92
CA SER E 139 69.34 12.10 41.17
C SER E 139 69.84 12.74 39.87
N VAL E 140 69.98 14.05 39.87
CA VAL E 140 70.37 14.81 38.69
C VAL E 140 71.87 15.06 38.74
N PHE E 141 72.56 14.69 37.67
CA PHE E 141 73.99 14.90 37.52
C PHE E 141 74.27 15.60 36.20
N PRO E 142 75.30 16.46 36.15
CA PRO E 142 75.59 17.18 34.91
C PRO E 142 76.62 16.47 34.04
N LEU E 143 76.24 16.15 32.80
CA LEU E 143 77.16 15.54 31.84
C LEU E 143 77.95 16.66 31.18
N ALA E 144 79.21 16.80 31.58
CA ALA E 144 80.03 17.89 31.06
C ALA E 144 80.47 17.59 29.63
N PRO E 145 80.54 18.61 28.78
CA PRO E 145 81.02 18.41 27.41
C PRO E 145 82.54 18.30 27.38
N SER E 146 83.07 18.13 26.17
CA SER E 146 84.52 17.98 25.99
C SER E 146 84.88 18.40 24.59
N SER E 147 85.59 19.52 24.47
CA SER E 147 86.10 20.02 23.19
C SER E 147 85.00 20.17 22.14
N GLY E 153 84.27 20.26 14.84
CA GLY E 153 83.00 20.77 14.38
C GLY E 153 82.18 21.43 15.47
N THR E 154 81.33 20.64 16.13
CA THR E 154 80.48 21.12 17.20
C THR E 154 80.72 20.28 18.46
N ALA E 155 79.90 20.51 19.48
CA ALA E 155 80.00 19.77 20.74
C ALA E 155 78.60 19.62 21.32
N ALA E 156 78.52 18.93 22.44
CA ALA E 156 77.23 18.68 23.09
C ALA E 156 77.45 18.34 24.56
N LEU E 157 76.48 18.74 25.39
CA LEU E 157 76.50 18.43 26.81
C LEU E 157 75.13 17.89 27.21
N GLY E 158 75.09 17.23 28.38
CA GLY E 158 73.89 16.53 28.80
C GLY E 158 73.59 16.77 30.26
N CYS E 159 72.49 16.13 30.71
CA CYS E 159 72.02 16.21 32.09
C CYS E 159 71.47 14.86 32.47
N LEU E 160 72.20 14.12 33.30
CA LEU E 160 71.80 12.77 33.66
C LEU E 160 70.74 12.77 34.75
N VAL E 161 69.75 11.90 34.59
CA VAL E 161 68.70 11.69 35.58
C VAL E 161 68.77 10.23 36.00
N LYS E 162 69.07 9.98 37.28
CA LYS E 162 69.44 8.66 37.77
C LYS E 162 68.49 8.23 38.88
N ASP E 163 67.85 7.07 38.69
CA ASP E 163 67.06 6.40 39.72
C ASP E 163 65.89 7.25 40.24
N TYR E 164 64.71 7.04 39.66
CA TYR E 164 63.48 7.62 40.19
C TYR E 164 62.35 6.63 39.97
N PHE E 165 61.19 6.96 40.52
CA PHE E 165 59.99 6.14 40.38
C PHE E 165 58.77 6.95 40.79
N PRO E 166 57.67 6.90 40.02
CA PRO E 166 57.61 6.20 38.74
C PRO E 166 57.74 7.15 37.54
N GLU E 167 57.51 6.61 36.35
CA GLU E 167 57.44 7.43 35.15
C GLU E 167 56.29 8.42 35.29
N PRO E 168 56.42 9.64 34.72
CA PRO E 168 57.53 10.20 33.97
C PRO E 168 58.27 11.34 34.68
N VAL E 169 59.10 12.04 33.92
CA VAL E 169 59.86 13.19 34.40
C VAL E 169 59.86 14.24 33.29
N THR E 170 59.31 15.42 33.57
CA THR E 170 59.34 16.51 32.62
C THR E 170 60.69 17.23 32.71
N VAL E 171 61.37 17.34 31.58
CA VAL E 171 62.72 17.90 31.51
C VAL E 171 62.70 19.14 30.64
N SER E 172 63.37 20.19 31.11
CA SER E 172 63.50 21.44 30.36
C SER E 172 64.92 21.95 30.51
N TRP E 173 65.27 22.91 29.65
CA TRP E 173 66.59 23.54 29.68
C TRP E 173 66.42 25.05 29.82
N ASN E 174 67.10 25.61 30.82
CA ASN E 174 67.02 27.03 31.14
C ASN E 174 65.58 27.46 31.42
N SER E 175 64.77 26.55 31.97
CA SER E 175 63.37 26.79 32.29
C SER E 175 62.59 27.24 31.06
N GLY E 176 62.52 26.35 30.07
CA GLY E 176 61.77 26.59 28.86
C GLY E 176 62.42 27.53 27.87
N ALA E 177 63.51 28.20 28.24
CA ALA E 177 64.16 29.13 27.31
C ALA E 177 64.84 28.38 26.17
N LEU E 178 65.81 27.54 26.48
CA LEU E 178 66.52 26.76 25.47
C LEU E 178 65.60 25.67 24.93
N THR E 179 65.22 25.78 23.66
CA THR E 179 64.28 24.86 23.03
C THR E 179 64.93 23.97 21.98
N SER E 180 65.61 24.56 21.01
CA SER E 180 66.21 23.77 19.93
C SER E 180 67.40 22.98 20.45
N GLY E 181 67.57 21.77 19.91
CA GLY E 181 68.65 20.90 20.31
C GLY E 181 68.36 20.00 21.50
N VAL E 182 67.25 20.23 22.20
CA VAL E 182 66.91 19.40 23.35
C VAL E 182 66.50 18.02 22.86
N HIS E 183 67.19 16.99 23.35
CA HIS E 183 66.95 15.60 22.96
C HIS E 183 66.89 14.76 24.23
N THR E 184 65.70 14.67 24.82
CA THR E 184 65.50 13.87 26.01
C THR E 184 65.23 12.43 25.61
N PHE E 185 66.11 11.52 26.04
CA PHE E 185 66.01 10.12 25.66
C PHE E 185 65.03 9.37 26.56
N PRO E 186 64.43 8.29 26.07
CA PRO E 186 63.56 7.48 26.91
C PRO E 186 64.35 6.75 27.98
N ALA E 187 63.71 6.57 29.14
CA ALA E 187 64.37 5.98 30.29
C ALA E 187 64.52 4.46 30.12
N VAL E 188 65.05 3.82 31.14
CA VAL E 188 65.23 2.37 31.16
C VAL E 188 64.86 1.87 32.55
N LEU E 189 64.12 0.77 32.61
CA LEU E 189 63.71 0.16 33.87
C LEU E 189 64.83 -0.76 34.34
N GLN E 190 65.61 -0.31 35.32
CA GLN E 190 66.68 -1.11 35.86
C GLN E 190 66.13 -2.30 36.64
N SER E 191 67.02 -3.23 36.97
CA SER E 191 66.62 -4.42 37.72
C SER E 191 66.10 -4.06 39.10
N SER E 192 66.56 -2.94 39.67
CA SER E 192 66.08 -2.51 40.97
C SER E 192 64.64 -2.05 40.94
N GLY E 193 64.11 -1.73 39.77
CA GLY E 193 62.75 -1.28 39.63
C GLY E 193 62.57 0.21 39.46
N LEU E 194 63.57 0.92 38.93
CA LEU E 194 63.51 2.36 38.77
C LEU E 194 63.86 2.73 37.33
N TYR E 195 63.48 3.94 36.95
CA TYR E 195 63.77 4.47 35.62
C TYR E 195 64.93 5.45 35.67
N SER E 196 65.58 5.63 34.52
CA SER E 196 66.71 6.55 34.42
C SER E 196 66.84 6.97 32.96
N LEU E 197 66.55 8.22 32.67
CA LEU E 197 66.66 8.77 31.32
C LEU E 197 67.82 9.76 31.26
N SER E 198 67.97 10.39 30.10
CA SER E 198 69.00 11.39 29.89
C SER E 198 68.44 12.48 28.98
N SER E 199 69.24 13.53 28.77
CA SER E 199 68.87 14.64 27.90
C SER E 199 70.15 15.33 27.46
N VAL E 200 70.21 15.69 26.18
CA VAL E 200 71.41 16.26 25.59
C VAL E 200 71.03 17.43 24.69
N VAL E 201 71.83 18.49 24.73
CA VAL E 201 71.65 19.66 23.89
C VAL E 201 72.95 19.86 23.11
N THR E 202 72.86 19.81 21.79
CA THR E 202 74.03 19.97 20.94
C THR E 202 74.28 21.44 20.61
N GLN E 211 77.19 31.80 27.33
CA GLN E 211 75.91 31.65 28.02
C GLN E 211 75.78 30.24 28.59
N THR E 212 75.56 30.17 29.91
CA THR E 212 75.47 28.90 30.60
C THR E 212 74.12 28.24 30.35
N TYR E 213 74.04 26.96 30.70
CA TYR E 213 72.84 26.16 30.51
C TYR E 213 72.38 25.61 31.87
N ILE E 214 71.07 25.53 32.05
CA ILE E 214 70.47 25.06 33.30
C ILE E 214 69.55 23.89 32.98
N CYS E 215 69.70 22.82 33.74
CA CYS E 215 68.85 21.64 33.61
C CYS E 215 67.65 21.78 34.52
N ASN E 216 66.44 21.59 33.95
CA ASN E 216 65.19 21.70 34.69
C ASN E 216 64.53 20.34 34.75
N VAL E 217 64.42 19.78 35.95
CA VAL E 217 63.81 18.48 36.17
C VAL E 217 62.65 18.66 37.14
N ASN E 218 61.43 18.54 36.64
CA ASN E 218 60.23 18.60 37.46
C ASN E 218 59.71 17.17 37.65
N HIS E 219 59.62 16.73 38.90
CA HIS E 219 59.23 15.37 39.25
C HIS E 219 57.97 15.44 40.11
N LYS E 220 56.84 15.66 39.46
CA LYS E 220 55.59 15.92 40.20
C LYS E 220 55.10 14.73 41.03
N PRO E 221 55.24 13.47 40.60
CA PRO E 221 54.84 12.36 41.48
C PRO E 221 55.50 12.38 42.86
N SER E 222 56.68 13.00 42.97
CA SER E 222 57.31 13.25 44.26
C SER E 222 57.47 14.73 44.56
N ASN E 223 56.93 15.60 43.70
CA ASN E 223 56.97 17.06 43.82
C ASN E 223 58.40 17.61 43.88
N THR E 224 59.41 16.78 43.67
CA THR E 224 60.80 17.19 43.79
C THR E 224 61.25 17.88 42.51
N LYS E 225 61.33 19.20 42.55
CA LYS E 225 61.89 19.99 41.46
C LYS E 225 63.33 20.35 41.79
N VAL E 226 64.23 20.15 40.83
CA VAL E 226 65.65 20.39 41.05
C VAL E 226 66.24 20.99 39.77
N ASP E 227 67.09 21.99 39.93
CA ASP E 227 67.75 22.68 38.83
C ASP E 227 69.26 22.57 38.99
N LYS E 228 69.94 22.32 37.86
CA LYS E 228 71.39 22.17 37.89
C LYS E 228 71.96 22.69 36.57
N LYS E 229 73.23 23.08 36.62
CA LYS E 229 73.93 23.63 35.47
C LYS E 229 75.04 22.68 35.01
N VAL E 230 75.55 22.96 33.82
CA VAL E 230 76.59 22.14 33.20
C VAL E 230 77.74 23.04 32.80
N GLU E 231 78.94 22.73 33.27
CA GLU E 231 80.15 23.47 32.92
C GLU E 231 81.39 22.65 33.28
N PRO E 232 82.28 22.40 32.31
CA PRO E 232 83.50 21.60 32.53
C PRO E 232 84.42 22.21 33.58
N SER F 4 47.09 -9.47 23.88
CA SER F 4 47.85 -8.77 22.85
C SER F 4 47.49 -9.27 21.47
N TYR F 5 46.58 -8.55 20.80
CA TYR F 5 46.07 -8.93 19.47
C TYR F 5 46.21 -7.73 18.54
N VAL F 6 47.32 -7.67 17.82
CA VAL F 6 47.58 -6.62 16.83
C VAL F 6 47.93 -7.30 15.51
N ARG F 7 47.36 -6.79 14.42
CA ARG F 7 47.57 -7.38 13.10
C ARG F 7 48.44 -6.45 12.25
N PRO F 8 49.54 -6.95 11.71
CA PRO F 8 50.47 -6.07 10.99
C PRO F 8 50.00 -5.78 9.57
N LEU F 9 50.65 -4.80 8.95
CA LEU F 9 50.37 -4.40 7.58
C LEU F 9 51.52 -3.56 7.07
N SER F 10 52.07 -3.93 5.91
CA SER F 10 53.20 -3.23 5.31
C SER F 10 52.77 -2.61 3.98
N VAL F 11 53.02 -1.31 3.84
CA VAL F 11 52.67 -0.56 2.64
C VAL F 11 53.89 0.23 2.18
N ALA F 12 54.11 0.26 0.87
CA ALA F 12 55.27 0.94 0.32
C ALA F 12 55.13 2.46 0.44
N LEU F 13 56.27 3.13 0.42
CA LEU F 13 56.28 4.59 0.49
C LEU F 13 55.83 5.20 -0.83
N GLY F 14 54.97 6.20 -0.75
CA GLY F 14 54.43 6.86 -1.92
C GLY F 14 53.21 6.19 -2.52
N GLU F 15 53.01 4.90 -2.27
CA GLU F 15 51.84 4.19 -2.77
C GLU F 15 50.60 4.56 -1.98
N THR F 16 49.49 3.94 -2.31
CA THR F 16 48.21 4.17 -1.65
C THR F 16 47.87 2.96 -0.79
N ALA F 17 47.56 3.20 0.49
CA ALA F 17 47.22 2.14 1.41
C ALA F 17 45.73 1.81 1.34
N SER F 18 45.40 0.58 1.72
CA SER F 18 44.01 0.10 1.74
C SER F 18 43.83 -0.71 3.03
N ILE F 19 43.63 0.01 4.13
CA ILE F 19 43.48 -0.60 5.44
C ILE F 19 42.03 -1.08 5.58
N SER F 20 41.84 -2.40 5.62
CA SER F 20 40.52 -2.95 5.82
C SER F 20 40.11 -2.84 7.29
N CYS F 21 38.86 -3.19 7.57
CA CYS F 21 38.30 -3.11 8.91
C CYS F 21 37.82 -4.48 9.35
N GLY F 22 38.27 -4.90 10.53
CA GLY F 22 37.79 -6.14 11.12
C GLY F 22 36.32 -6.01 11.52
N ARG F 23 35.82 -7.08 12.14
CA ARG F 23 34.42 -7.23 12.54
C ARG F 23 33.47 -6.58 11.53
N GLN F 24 33.13 -7.31 10.47
CA GLN F 24 32.40 -6.75 9.34
C GLN F 24 31.06 -6.16 9.79
N ALA F 25 30.58 -5.21 9.00
CA ALA F 25 29.34 -4.52 9.30
C ALA F 25 28.15 -5.47 9.19
N LEU F 26 27.24 -5.38 10.16
CA LEU F 26 26.06 -6.23 10.19
C LEU F 26 24.85 -5.59 9.54
N GLY F 27 24.81 -4.28 9.45
CA GLY F 27 23.71 -3.58 8.81
C GLY F 27 24.17 -2.21 8.36
N SER F 28 23.25 -1.25 8.39
CA SER F 28 23.61 0.15 8.15
C SER F 28 24.49 0.64 9.30
N ARG F 29 25.71 1.04 9.00
CA ARG F 29 26.71 1.28 10.03
C ARG F 29 27.33 2.65 9.87
N ALA F 30 27.87 3.15 10.99
CA ALA F 30 28.60 4.42 11.05
C ALA F 30 29.92 4.15 11.76
N VAL F 31 31.03 4.18 11.00
CA VAL F 31 32.33 3.77 11.51
C VAL F 31 33.13 4.99 11.92
N GLN F 32 34.06 4.79 12.84
CA GLN F 32 35.04 5.80 13.24
C GLN F 32 36.44 5.23 13.05
N TRP F 33 37.32 6.03 12.46
CA TRP F 33 38.71 5.66 12.24
C TRP F 33 39.60 6.52 13.13
N TYR F 34 40.39 5.88 13.98
CA TYR F 34 41.31 6.57 14.89
C TYR F 34 42.75 6.23 14.53
N GLN F 35 43.61 7.24 14.56
CA GLN F 35 45.04 7.08 14.30
C GLN F 35 45.77 7.18 15.63
N HIS F 36 46.06 6.04 16.23
CA HIS F 36 46.73 5.98 17.53
C HIS F 36 48.22 5.82 17.31
N ARG F 37 48.98 6.86 17.63
CA ARG F 37 50.43 6.74 17.61
C ARG F 37 50.90 6.07 18.91
N PRO F 38 51.88 5.18 18.83
CA PRO F 38 52.31 4.44 20.03
C PRO F 38 52.80 5.37 21.13
N GLY F 39 52.15 5.28 22.29
CA GLY F 39 52.51 6.13 23.41
C GLY F 39 52.20 7.59 23.21
N GLN F 40 51.14 7.91 22.49
CA GLN F 40 50.78 9.29 22.18
C GLN F 40 49.26 9.41 22.25
N ALA F 41 48.74 10.53 21.76
CA ALA F 41 47.29 10.77 21.77
C ALA F 41 46.68 10.34 20.43
N PRO F 42 45.65 9.50 20.44
CA PRO F 42 45.02 9.11 19.18
C PRO F 42 44.36 10.29 18.50
N ILE F 43 44.44 10.32 17.18
CA ILE F 43 43.87 11.38 16.36
C ILE F 43 42.68 10.81 15.60
N LEU F 44 41.54 11.49 15.68
CA LEU F 44 40.33 11.08 14.97
C LEU F 44 40.48 11.43 13.50
N LEU F 45 40.65 10.41 12.66
CA LEU F 45 40.71 10.64 11.22
C LEU F 45 39.31 10.73 10.62
N ILE F 46 38.52 9.68 10.79
CA ILE F 46 37.16 9.61 10.27
C ILE F 46 36.22 9.35 11.44
N TYR F 47 35.20 10.18 11.59
CA TYR F 47 34.18 9.98 12.61
C TYR F 47 32.86 9.47 12.02
N ASN F 48 32.51 9.93 10.82
CA ASN F 48 31.41 9.36 10.04
C ASN F 48 32.00 8.88 8.73
N ASN F 49 31.94 7.56 8.51
CA ASN F 49 32.42 6.83 7.33
C ASN F 49 33.24 7.64 6.33
N GLN F 50 32.74 8.81 5.91
CA GLN F 50 33.41 9.65 4.94
C GLN F 50 33.77 11.03 5.45
N ASP F 51 33.36 11.40 6.66
CA ASP F 51 33.58 12.76 7.17
C ASP F 51 34.88 12.84 7.95
N ARG F 52 35.60 13.95 7.77
CA ARG F 52 36.87 14.19 8.44
C ARG F 52 36.86 15.56 9.11
N PRO F 53 37.40 15.66 10.32
CA PRO F 53 37.52 16.97 10.97
C PRO F 53 38.52 17.86 10.24
N SER F 54 38.46 19.14 10.54
CA SER F 54 39.37 20.11 9.93
C SER F 54 40.79 19.87 10.43
N GLY F 55 41.74 19.90 9.49
CA GLY F 55 43.14 19.64 9.79
C GLY F 55 43.65 18.32 9.24
N ILE F 56 42.77 17.37 8.98
CA ILE F 56 43.15 16.09 8.39
C ILE F 56 43.08 16.24 6.87
N PRO F 57 44.16 15.95 6.15
CA PRO F 57 44.16 16.19 4.70
C PRO F 57 43.26 15.25 3.91
N GLU F 58 43.17 15.49 2.60
CA GLU F 58 42.35 14.65 1.73
C GLU F 58 42.91 13.24 1.55
N ARG F 59 44.17 13.02 1.93
CA ARG F 59 44.80 11.72 1.70
C ARG F 59 44.12 10.60 2.48
N PHE F 60 43.40 10.93 3.55
CA PHE F 60 42.66 9.95 4.33
C PHE F 60 41.18 10.01 3.94
N SER F 61 40.57 8.85 3.75
CA SER F 61 39.17 8.77 3.37
C SER F 61 38.66 7.36 3.59
N GLY F 62 37.38 7.25 3.95
CA GLY F 62 36.77 5.96 4.17
C GLY F 62 35.82 5.57 3.05
N THR F 63 34.84 4.72 3.36
CA THR F 63 33.85 4.27 2.39
C THR F 63 32.46 4.62 2.88
N PRO F 64 31.69 5.41 2.12
CA PRO F 64 30.33 5.73 2.56
C PRO F 64 29.42 4.50 2.52
N ASP F 65 28.54 4.41 3.52
CA ASP F 65 27.57 3.31 3.60
C ASP F 65 26.33 3.73 2.83
N ILE F 66 26.42 3.65 1.51
CA ILE F 66 25.32 4.03 0.63
C ILE F 66 24.39 2.83 0.44
N ASN F 67 24.89 1.79 -0.20
CA ASN F 67 24.16 0.55 -0.41
C ASN F 67 24.76 -0.53 0.47
N PHE F 68 23.92 -1.22 1.25
CA PHE F 68 24.41 -2.24 2.16
C PHE F 68 25.07 -3.38 1.41
N GLY F 69 26.40 -3.47 1.51
CA GLY F 69 27.15 -4.50 0.83
C GLY F 69 28.64 -4.21 0.84
N THR F 70 29.00 -2.93 0.79
CA THR F 70 30.39 -2.52 0.84
C THR F 70 30.95 -2.75 2.24
N ARG F 71 32.27 -2.61 2.35
CA ARG F 71 32.98 -2.77 3.61
C ARG F 71 33.81 -1.53 3.90
N ALA F 72 33.92 -1.20 5.18
CA ALA F 72 34.66 -0.01 5.60
C ALA F 72 36.15 -0.20 5.40
N THR F 73 36.76 0.63 4.55
CA THR F 73 38.20 0.63 4.33
C THR F 73 38.69 2.06 4.40
N LEU F 74 39.85 2.25 5.04
CA LEU F 74 40.48 3.56 5.17
C LEU F 74 41.63 3.64 4.18
N THR F 75 41.41 4.37 3.09
CA THR F 75 42.43 4.53 2.05
C THR F 75 43.35 5.68 2.42
N ILE F 76 44.66 5.45 2.34
CA ILE F 76 45.67 6.44 2.68
C ILE F 76 46.56 6.59 1.46
N SER F 77 46.37 7.66 0.69
CA SER F 77 47.17 7.92 -0.50
C SER F 77 48.36 8.80 -0.14
N GLY F 78 49.47 8.56 -0.84
CA GLY F 78 50.69 9.29 -0.58
C GLY F 78 51.18 9.08 0.84
N VAL F 79 51.51 7.83 1.18
CA VAL F 79 51.86 7.49 2.55
C VAL F 79 53.20 8.11 2.91
N GLU F 80 53.23 8.86 4.01
CA GLU F 80 54.44 9.44 4.54
C GLU F 80 55.00 8.54 5.65
N ALA F 81 56.17 8.93 6.17
CA ALA F 81 56.73 8.22 7.31
C ALA F 81 56.01 8.57 8.60
N GLY F 82 55.27 9.67 8.63
CA GLY F 82 54.51 10.04 9.81
C GLY F 82 53.19 9.32 9.96
N ASP F 83 52.67 8.76 8.86
CA ASP F 83 51.42 7.99 8.90
C ASP F 83 51.63 6.59 9.47
N GLU F 84 52.85 6.24 9.85
CA GLU F 84 53.17 4.91 10.38
C GLU F 84 52.78 4.87 11.86
N ALA F 85 51.65 4.24 12.15
CA ALA F 85 51.16 4.10 13.52
C ALA F 85 50.09 3.02 13.54
N ASP F 86 49.34 2.96 14.64
CA ASP F 86 48.22 2.03 14.76
C ASP F 86 46.94 2.68 14.25
N TYR F 87 46.06 1.85 13.68
CA TYR F 87 44.79 2.31 13.15
C TYR F 87 43.70 1.39 13.65
N TYR F 88 42.72 1.98 14.36
CA TYR F 88 41.59 1.24 14.90
C TYR F 88 40.33 1.56 14.09
N CYS F 89 39.41 0.60 14.07
CA CYS F 89 38.16 0.73 13.32
C CYS F 89 37.00 0.60 14.31
N HIS F 90 36.47 1.73 14.75
CA HIS F 90 35.28 1.73 15.59
C HIS F 90 34.07 1.38 14.73
N MET F 91 33.27 0.42 15.18
CA MET F 91 32.17 -0.12 14.41
C MET F 91 30.85 0.12 15.13
N TRP F 92 30.00 0.96 14.55
CA TRP F 92 28.65 1.23 15.05
C TRP F 92 27.67 0.89 13.94
N ASP F 93 26.93 -0.20 14.11
CA ASP F 93 25.97 -0.65 13.11
C ASP F 93 24.56 -0.67 13.69
N SER F 94 23.63 -1.26 12.95
CA SER F 94 22.23 -1.32 13.33
C SER F 94 21.82 -2.70 13.84
N ARG F 95 22.74 -3.64 13.93
CA ARG F 95 22.46 -4.98 14.45
C ARG F 95 23.27 -5.32 15.70
N SER F 96 24.32 -4.57 15.99
CA SER F 96 25.09 -4.73 17.22
C SER F 96 24.85 -3.52 18.11
N GLY F 97 24.71 -3.76 19.41
CA GLY F 97 24.38 -2.70 20.35
C GLY F 97 25.50 -1.72 20.61
N PHE F 98 25.71 -1.38 21.88
CA PHE F 98 26.73 -0.42 22.27
C PHE F 98 28.10 -1.05 22.10
N SER F 99 28.75 -0.77 20.97
CA SER F 99 30.09 -1.29 20.73
C SER F 99 31.09 -0.56 21.63
N TRP F 100 31.35 -1.13 22.80
CA TRP F 100 32.18 -0.46 23.80
C TRP F 100 33.67 -0.56 23.51
N SER F 101 34.09 -1.46 22.62
CA SER F 101 35.50 -1.66 22.34
C SER F 101 35.83 -1.18 20.93
N PHE F 102 37.08 -0.72 20.77
CA PHE F 102 37.57 -0.34 19.46
C PHE F 102 37.95 -1.58 18.66
N GLY F 103 38.20 -1.38 17.38
CA GLY F 103 38.54 -2.48 16.49
C GLY F 103 39.94 -3.01 16.74
N GLY F 104 40.32 -3.99 15.92
CA GLY F 104 41.66 -4.54 16.00
C GLY F 104 42.68 -3.57 15.42
N ALA F 105 43.78 -3.38 16.14
CA ALA F 105 44.80 -2.42 15.71
C ALA F 105 45.52 -2.91 14.47
N THR F 106 45.64 -2.05 13.48
CA THR F 106 46.37 -2.34 12.24
C THR F 106 47.72 -1.64 12.31
N ARG F 107 48.78 -2.42 12.51
CA ARG F 107 50.13 -1.89 12.64
C ARG F 107 50.65 -1.55 11.24
N LEU F 108 50.38 -0.33 10.81
CA LEU F 108 50.87 0.13 9.51
C LEU F 108 52.36 0.40 9.58
N THR F 109 53.12 -0.17 8.63
CA THR F 109 54.56 0.05 8.53
C THR F 109 54.88 0.47 7.11
N VAL F 110 55.50 1.64 6.97
CA VAL F 110 55.83 2.21 5.66
C VAL F 110 57.18 1.65 5.21
N LEU F 111 57.16 0.92 4.10
CA LEU F 111 58.37 0.33 3.55
C LEU F 111 59.02 1.27 2.54
N GLY F 112 60.34 1.20 2.45
CA GLY F 112 61.08 1.99 1.49
C GLY F 112 61.48 3.37 1.99
N GLN F 113 61.95 3.44 3.25
CA GLN F 113 62.40 4.71 3.80
C GLN F 113 63.92 4.80 3.75
N PRO F 114 64.47 6.00 3.64
CA PRO F 114 65.94 6.14 3.62
C PRO F 114 66.53 5.79 4.98
N LYS F 115 67.58 4.96 4.97
CA LYS F 115 68.23 4.58 6.21
C LYS F 115 69.03 5.74 6.77
N ALA F 116 69.32 5.67 8.07
CA ALA F 116 70.03 6.71 8.77
C ALA F 116 71.17 6.12 9.59
N ALA F 117 72.32 6.77 9.55
CA ALA F 117 73.47 6.37 10.35
C ALA F 117 73.41 7.01 11.73
N PRO F 118 73.64 6.26 12.80
CA PRO F 118 73.46 6.82 14.15
C PRO F 118 74.52 7.86 14.48
N SER F 119 74.19 8.68 15.47
CA SER F 119 75.08 9.70 16.02
C SER F 119 75.37 9.31 17.47
N VAL F 120 76.53 8.75 17.71
CA VAL F 120 76.88 8.18 19.00
C VAL F 120 77.62 9.22 19.83
N THR F 121 77.30 9.26 21.12
CA THR F 121 77.96 10.18 22.05
C THR F 121 78.19 9.44 23.37
N LEU F 122 79.44 9.36 23.79
CA LEU F 122 79.82 8.65 25.00
C LEU F 122 80.22 9.65 26.07
N PHE F 123 79.61 9.53 27.26
CA PHE F 123 79.86 10.44 28.35
C PHE F 123 80.56 9.74 29.49
N PRO F 124 81.62 10.31 30.05
CA PRO F 124 82.25 9.73 31.23
C PRO F 124 81.40 9.97 32.47
N PRO F 125 81.69 9.31 33.59
CA PRO F 125 80.92 9.56 34.81
C PRO F 125 81.03 11.02 35.24
N SER F 126 79.94 11.53 35.80
CA SER F 126 79.89 12.92 36.22
C SER F 126 80.86 13.18 37.37
N SER F 127 81.16 14.46 37.58
CA SER F 127 82.09 14.82 38.64
C SER F 127 81.48 14.59 40.02
N GLU F 128 80.20 14.93 40.20
CA GLU F 128 79.54 14.71 41.47
C GLU F 128 79.11 13.27 41.67
N GLU F 129 79.06 12.48 40.60
CA GLU F 129 78.75 11.05 40.74
C GLU F 129 79.86 10.33 41.49
N LEU F 130 81.11 10.58 41.09
CA LEU F 130 82.24 9.94 41.77
C LEU F 130 82.32 10.37 43.23
N GLN F 131 81.83 11.57 43.55
CA GLN F 131 81.76 12.01 44.94
C GLN F 131 80.73 11.22 45.72
N ALA F 132 79.74 10.64 45.05
CA ALA F 132 78.76 9.76 45.68
C ALA F 132 79.15 8.29 45.55
N ASN F 133 80.34 8.00 45.06
CA ASN F 133 80.88 6.63 44.97
C ASN F 133 80.04 5.77 44.03
N LYS F 134 79.58 6.37 42.93
CA LYS F 134 78.85 5.63 41.90
C LYS F 134 79.19 6.23 40.55
N ALA F 135 79.52 5.37 39.58
CA ALA F 135 79.88 5.78 38.23
C ALA F 135 79.00 5.07 37.22
N THR F 136 78.56 5.80 36.20
CA THR F 136 77.69 5.25 35.17
C THR F 136 78.12 5.81 33.82
N LEU F 137 78.41 4.91 32.88
CA LEU F 137 78.74 5.29 31.51
C LEU F 137 77.45 5.38 30.69
N VAL F 138 77.26 6.50 30.00
CA VAL F 138 76.04 6.75 29.24
C VAL F 138 76.42 6.88 27.77
N CYS F 139 75.85 6.01 26.94
CA CYS F 139 76.10 5.99 25.50
C CYS F 139 74.79 6.32 24.80
N LEU F 140 74.71 7.50 24.20
CA LEU F 140 73.49 8.00 23.58
C LEU F 140 73.55 7.80 22.08
N ILE F 141 72.57 7.07 21.54
CA ILE F 141 72.49 6.76 20.11
C ILE F 141 71.18 7.34 19.59
N SER F 142 71.27 8.14 18.52
CA SER F 142 70.10 8.80 17.97
C SER F 142 70.23 8.92 16.46
N ASP F 143 69.09 9.16 15.82
CA ASP F 143 68.99 9.39 14.38
C ASP F 143 69.53 8.20 13.59
N PHE F 144 68.87 7.06 13.76
CA PHE F 144 69.21 5.85 13.03
C PHE F 144 67.94 5.13 12.60
N TYR F 145 67.99 4.52 11.42
CA TYR F 145 66.87 3.78 10.86
C TYR F 145 67.43 2.68 9.96
N PRO F 146 66.89 1.46 10.04
CA PRO F 146 65.83 1.03 10.98
C PRO F 146 66.31 0.86 12.40
N GLY F 147 65.38 0.85 13.36
CA GLY F 147 65.71 0.69 14.76
C GLY F 147 66.19 -0.72 15.08
N ALA F 148 67.46 -1.01 14.77
CA ALA F 148 68.03 -2.34 15.01
C ALA F 148 69.54 -2.14 15.22
N VAL F 149 69.90 -1.72 16.43
CA VAL F 149 71.29 -1.48 16.80
C VAL F 149 71.62 -2.35 18.01
N THR F 150 72.78 -2.99 17.97
CA THR F 150 73.28 -3.82 19.07
C THR F 150 74.48 -3.13 19.69
N VAL F 151 74.38 -2.82 20.98
CA VAL F 151 75.44 -2.12 21.69
C VAL F 151 76.39 -3.15 22.29
N ALA F 152 77.69 -2.89 22.18
CA ALA F 152 78.72 -3.75 22.74
C ALA F 152 79.70 -2.88 23.52
N TRP F 153 79.83 -3.14 24.82
CA TRP F 153 80.73 -2.40 25.68
C TRP F 153 82.05 -3.14 25.83
N LYS F 154 83.15 -2.40 25.75
CA LYS F 154 84.50 -2.97 25.81
C LYS F 154 85.36 -2.13 26.74
N ALA F 155 85.82 -2.73 27.82
CA ALA F 155 86.80 -2.11 28.72
C ALA F 155 88.19 -2.39 28.15
N ASP F 156 88.88 -1.33 27.72
CA ASP F 156 90.15 -1.46 27.00
C ASP F 156 89.97 -2.31 25.75
N SER F 157 90.41 -3.57 25.81
CA SER F 157 90.28 -4.48 24.69
C SER F 157 89.33 -5.64 24.94
N SER F 158 88.91 -5.85 26.19
CA SER F 158 88.01 -6.96 26.48
C SER F 158 86.58 -6.48 26.65
N PRO F 159 85.60 -7.24 26.17
CA PRO F 159 84.20 -6.82 26.31
C PRO F 159 83.75 -6.87 27.76
N VAL F 160 82.62 -6.21 28.02
CA VAL F 160 82.08 -6.10 29.37
C VAL F 160 80.77 -6.86 29.46
N LYS F 161 79.66 -6.18 29.11
CA LYS F 161 78.31 -6.74 29.20
C LYS F 161 77.98 -7.19 30.63
N ALA F 162 78.62 -6.57 31.62
CA ALA F 162 78.39 -6.88 33.04
C ALA F 162 77.84 -5.63 33.70
N GLY F 163 76.52 -5.58 33.86
CA GLY F 163 75.86 -4.40 34.39
C GLY F 163 75.26 -3.47 33.36
N VAL F 164 75.20 -3.88 32.10
CA VAL F 164 74.65 -3.04 31.05
C VAL F 164 73.13 -3.06 31.11
N GLU F 165 72.52 -1.88 30.94
CA GLU F 165 71.07 -1.72 30.98
C GLU F 165 70.67 -0.92 29.74
N THR F 166 70.48 -1.61 28.62
CA THR F 166 70.20 -0.97 27.34
C THR F 166 68.70 -0.83 27.13
N THR F 167 68.29 0.29 26.54
CA THR F 167 66.89 0.54 26.24
C THR F 167 66.48 -0.12 24.93
N THR F 168 65.35 0.29 24.37
CA THR F 168 64.86 -0.17 23.09
C THR F 168 64.67 1.01 22.15
N PRO F 169 64.82 0.79 20.84
CA PRO F 169 64.69 1.91 19.89
C PRO F 169 63.31 2.54 19.93
N SER F 170 63.26 3.81 20.32
CA SER F 170 62.03 4.59 20.34
C SER F 170 62.09 5.66 19.25
N LYS F 171 60.97 5.85 18.56
CA LYS F 171 60.93 6.77 17.44
C LYS F 171 60.85 8.22 17.93
N GLN F 172 61.53 9.11 17.23
CA GLN F 172 61.58 10.52 17.57
C GLN F 172 60.55 11.29 16.76
N SER F 173 60.60 12.62 16.86
CA SER F 173 59.78 13.48 16.00
C SER F 173 60.42 13.69 14.63
N ASN F 174 61.63 13.20 14.42
CA ASN F 174 62.32 13.28 13.13
C ASN F 174 62.11 12.03 12.28
N ASN F 175 61.13 11.20 12.63
CA ASN F 175 60.90 9.91 11.98
C ASN F 175 62.13 9.01 12.03
N LYS F 176 62.91 9.13 13.10
CA LYS F 176 64.07 8.30 13.33
C LYS F 176 64.00 7.74 14.75
N TYR F 177 64.89 6.80 15.05
CA TYR F 177 64.89 6.11 16.33
C TYR F 177 66.06 6.58 17.20
N ALA F 178 65.92 6.36 18.50
CA ALA F 178 66.94 6.75 19.47
C ALA F 178 66.90 5.79 20.64
N ALA F 179 68.08 5.30 21.05
CA ALA F 179 68.19 4.37 22.16
C ALA F 179 69.34 4.78 23.05
N SER F 180 69.30 4.34 24.30
CA SER F 180 70.32 4.63 25.29
C SER F 180 70.95 3.34 25.79
N SER F 181 72.19 3.44 26.24
CA SER F 181 72.93 2.30 26.79
C SER F 181 73.68 2.75 28.02
N TYR F 182 73.35 2.17 29.17
CA TYR F 182 73.97 2.52 30.44
C TYR F 182 74.83 1.37 30.94
N LEU F 183 75.84 1.72 31.73
CA LEU F 183 76.75 0.73 32.31
C LEU F 183 77.21 1.26 33.66
N SER F 184 76.82 0.59 34.74
CA SER F 184 77.16 1.03 36.08
C SER F 184 78.58 0.61 36.43
N LEU F 185 79.37 1.54 36.93
CA LEU F 185 80.75 1.29 37.34
C LEU F 185 80.95 1.76 38.77
N THR F 186 81.95 1.19 39.42
CA THR F 186 82.49 1.70 40.66
C THR F 186 83.61 2.69 40.36
N PRO F 187 83.70 3.82 41.10
CA PRO F 187 84.79 4.77 40.85
C PRO F 187 86.18 4.13 40.86
N MET F 188 86.28 2.92 41.44
CA MET F 188 87.52 2.16 41.39
C MET F 188 87.61 1.34 40.10
N GLN F 189 86.48 0.90 39.55
CA GLN F 189 86.48 0.13 38.31
C GLN F 189 86.76 1.01 37.10
N TRP F 190 86.11 2.18 37.02
CA TRP F 190 86.31 3.06 35.87
C TRP F 190 87.69 3.70 35.89
N LYS F 191 88.28 3.90 37.07
CA LYS F 191 89.56 4.60 37.16
C LYS F 191 90.74 3.71 36.77
N MET F 192 90.60 2.39 36.92
CA MET F 192 91.73 1.50 36.67
C MET F 192 91.91 1.20 35.19
N HIS F 193 90.84 1.14 34.42
CA HIS F 193 90.93 0.77 33.01
C HIS F 193 91.46 1.94 32.17
N LYS F 194 92.17 1.58 31.11
CA LYS F 194 92.79 2.61 30.26
C LYS F 194 91.75 3.38 29.46
N SER F 195 90.74 2.68 28.92
CA SER F 195 89.72 3.33 28.11
C SER F 195 88.49 2.45 28.06
N TYR F 196 87.37 3.07 27.70
CA TYR F 196 86.10 2.39 27.53
C TYR F 196 85.53 2.72 26.15
N SER F 197 84.83 1.75 25.56
CA SER F 197 84.29 1.90 24.23
C SER F 197 82.83 1.46 24.18
N CYS F 198 82.05 2.13 23.33
CA CYS F 198 80.65 1.81 23.10
C CYS F 198 80.51 1.51 21.61
N GLN F 199 80.58 0.23 21.25
CA GLN F 199 80.46 -0.20 19.86
C GLN F 199 79.01 -0.46 19.53
N VAL F 200 78.50 0.22 18.50
CA VAL F 200 77.12 0.07 18.04
C VAL F 200 77.16 -0.49 16.62
N THR F 201 76.60 -1.69 16.46
CA THR F 201 76.61 -2.38 15.17
C THR F 201 75.23 -2.22 14.54
N HIS F 202 75.10 -1.21 13.67
CA HIS F 202 73.88 -0.96 12.91
C HIS F 202 74.05 -1.50 11.50
N GLU F 203 73.08 -2.30 11.06
CA GLU F 203 73.13 -2.99 9.76
C GLU F 203 74.37 -3.88 9.75
N GLY F 204 75.31 -3.69 8.83
CA GLY F 204 76.54 -4.46 8.85
C GLY F 204 77.75 -3.62 9.17
N SER F 205 77.52 -2.47 9.80
CA SER F 205 78.57 -1.51 10.11
C SER F 205 78.61 -1.25 11.61
N THR F 206 79.81 -0.94 12.11
CA THR F 206 80.03 -0.71 13.53
C THR F 206 80.75 0.62 13.71
N VAL F 207 80.25 1.44 14.64
CA VAL F 207 80.86 2.72 15.00
C VAL F 207 81.30 2.64 16.46
N GLU F 208 82.48 3.17 16.75
CA GLU F 208 83.07 3.09 18.08
C GLU F 208 83.31 4.48 18.63
N LYS F 209 82.89 4.70 19.87
CA LYS F 209 83.19 5.91 20.62
C LYS F 209 83.97 5.55 21.87
N THR F 210 84.97 6.36 22.20
CA THR F 210 85.92 6.03 23.26
C THR F 210 86.01 7.16 24.28
N VAL F 211 86.21 6.78 25.54
CA VAL F 211 86.46 7.72 26.62
C VAL F 211 87.50 7.11 27.55
N ALA F 212 88.31 7.98 28.16
CA ALA F 212 89.40 7.53 29.03
C ALA F 212 89.48 8.39 30.28
N PRO F 213 89.84 7.80 31.42
CA PRO F 213 89.99 8.59 32.66
C PRO F 213 91.20 9.50 32.56
N THR F 214 90.95 10.81 32.67
CA THR F 214 92.02 11.80 32.60
C THR F 214 92.02 12.70 33.83
C1 NAG G . -3.30 -4.26 -6.88
C2 NAG G . -2.65 -5.63 -6.73
C3 NAG G . -1.13 -5.50 -6.67
C4 NAG G . -0.62 -5.05 -8.03
C5 NAG G . -1.47 -3.93 -8.62
C6 NAG G . -2.26 -4.33 -9.85
C7 NAG G . -3.18 -6.17 -4.30
C8 NAG G . -2.55 -4.89 -3.84
N2 NAG G . -3.18 -6.44 -5.62
O3 NAG G . -0.56 -6.76 -6.32
O4 NAG G . 0.74 -4.62 -7.94
O5 NAG G . -2.42 -3.37 -7.67
O6 NAG G . -1.46 -4.21 -11.02
O7 NAG G . -3.68 -6.96 -3.50
C1 NAG G . 1.44 -5.14 -9.09
C2 NAG G . 2.85 -4.54 -9.16
C3 NAG G . 3.61 -5.12 -10.34
C4 NAG G . 3.59 -6.65 -10.30
C5 NAG G . 2.15 -7.16 -10.16
C6 NAG G . 2.08 -8.66 -9.97
C7 NAG G . 2.27 -2.39 -10.23
C8 NAG G . 2.35 -0.90 -10.11
N2 NAG G . 2.82 -3.09 -9.22
O3 NAG G . 4.96 -4.66 -10.31
O4 NAG G . 4.14 -7.16 -11.51
O5 NAG G . 1.52 -6.56 -9.03
O6 NAG G . 2.93 -9.08 -8.91
O7 NAG G . 1.73 -2.92 -11.19
C1 BMA G . 5.45 -7.70 -11.29
C2 BMA G . 5.50 -9.09 -11.94
C3 BMA G . 6.92 -9.68 -11.86
C4 BMA G . 8.01 -8.65 -12.23
C5 BMA G . 7.78 -7.27 -11.58
C6 BMA G . 8.71 -6.22 -12.16
O2 BMA G . 5.17 -9.01 -13.31
O3 BMA G . 7.05 -10.79 -12.74
O4 BMA G . 9.28 -9.15 -11.84
O5 BMA G . 6.44 -6.86 -11.84
O6 BMA G . 8.70 -6.39 -13.58
C1 MAN G . 6.89 -12.02 -12.02
C2 MAN G . 7.78 -13.06 -12.74
C3 MAN G . 7.23 -13.30 -14.15
C4 MAN G . 5.74 -13.64 -14.12
C5 MAN G . 4.95 -12.57 -13.35
C6 MAN G . 3.49 -12.92 -13.16
O2 MAN G . 7.73 -14.33 -12.08
O3 MAN G . 7.97 -14.32 -14.83
O4 MAN G . 5.24 -13.73 -15.45
O5 MAN G . 5.54 -12.42 -12.04
O6 MAN G . 3.40 -13.96 -12.21
C1 MAN G . 9.78 -5.63 -14.16
C2 MAN G . 9.24 -4.95 -15.45
C3 MAN G . 9.09 -5.97 -16.58
C4 MAN G . 10.37 -6.79 -16.76
C5 MAN G . 10.70 -7.48 -15.44
C6 MAN G . 11.98 -8.31 -15.52
O2 MAN G . 10.15 -3.96 -15.95
O3 MAN G . 8.73 -5.35 -17.81
O4 MAN G . 10.20 -7.76 -17.78
O5 MAN G . 10.90 -6.47 -14.42
O6 MAN G . 12.00 -8.97 -16.78
C1 NAG H . -38.53 3.50 -27.36
C2 NAG H . -38.68 3.04 -28.82
C3 NAG H . -39.05 4.23 -29.71
C4 NAG H . -40.27 4.96 -29.15
C5 NAG H . -40.03 5.33 -27.70
C6 NAG H . -41.23 5.97 -27.03
C7 NAG H . -37.09 1.17 -29.00
C8 NAG H . -35.79 0.71 -29.59
N2 NAG H . -37.45 2.42 -29.31
O3 NAG H . -39.34 3.75 -31.03
O4 NAG H . -40.50 6.16 -29.89
O5 NAG H . -39.72 4.15 -26.95
O6 NAG H . -42.17 4.98 -26.62
O7 NAG H . -37.78 0.45 -28.28
C1 NAG H . -41.70 6.07 -30.68
C2 NAG H . -42.21 7.49 -30.91
C3 NAG H . -43.43 7.51 -31.85
C4 NAG H . -43.13 6.73 -33.12
C5 NAG H . -42.64 5.33 -32.76
C6 NAG H . -42.26 4.51 -33.98
C7 NAG H . -43.36 7.98 -28.70
C8 NAG H . -44.25 6.77 -28.84
N2 NAG H . -42.47 8.24 -29.68
O3 NAG H . -43.77 8.86 -32.16
O4 NAG H . -44.30 6.66 -33.94
O5 NAG H . -41.48 5.42 -31.94
O6 NAG H . -40.85 4.35 -34.06
O7 NAG H . -43.44 8.71 -27.71
C1 BMA H . -44.06 7.38 -35.17
C2 BMA H . -45.02 6.83 -36.23
C3 BMA H . -44.82 7.58 -37.54
C4 BMA H . -44.81 9.12 -37.35
C5 BMA H . -43.93 9.55 -36.17
C6 BMA H . -44.11 11.02 -35.82
O2 BMA H . -46.36 7.03 -35.84
O3 BMA H . -45.84 7.23 -38.48
O4 BMA H . -44.35 9.73 -38.53
O5 BMA H . -44.28 8.78 -35.00
O6 BMA H . -42.86 11.66 -35.93
C1 MAN H . -42.81 12.40 -37.17
C2 MAN H . -41.32 12.53 -37.55
C3 MAN H . -40.63 13.41 -36.52
C4 MAN H . -41.32 14.78 -36.48
C5 MAN H . -42.79 14.58 -36.08
C6 MAN H . -43.58 15.88 -36.08
O2 MAN H . -41.17 13.20 -38.80
O3 MAN H . -39.23 13.54 -36.77
O4 MAN H . -40.68 15.62 -35.54
O5 MAN H . -43.43 13.68 -37.02
O6 MAN H . -43.51 16.45 -37.39
C1 MAN H . -38.50 12.48 -36.11
C2 MAN H . -37.91 11.57 -37.23
C3 MAN H . -38.09 10.10 -36.85
C4 MAN H . -37.73 9.88 -35.39
C5 MAN H . -38.73 10.63 -34.48
C6 MAN H . -38.12 11.15 -33.19
O2 MAN H . -36.51 11.76 -37.37
O3 MAN H . -37.31 9.25 -37.68
O4 MAN H . -37.77 8.49 -35.07
O5 MAN H . -39.33 11.76 -35.20
O6 MAN H . -38.79 10.53 -32.10
C1 MAN H . -45.26 6.49 -39.58
C2 MAN H . -46.32 6.47 -40.72
C3 MAN H . -47.49 5.55 -40.36
C4 MAN H . -46.99 4.17 -39.90
C5 MAN H . -46.01 4.35 -38.73
C6 MAN H . -45.43 3.04 -38.24
O2 MAN H . -45.77 5.94 -41.93
O3 MAN H . -48.41 5.42 -41.44
O4 MAN H . -48.09 3.38 -39.47
O5 MAN H . -44.91 5.18 -39.17
O6 MAN H . -44.72 3.30 -37.03
C1 NAG I . 19.31 -17.74 14.50
C2 NAG I . 20.40 -16.80 13.97
C3 NAG I . 21.46 -17.60 13.21
C4 NAG I . 22.01 -18.72 14.08
C5 NAG I . 20.86 -19.57 14.63
C6 NAG I . 21.31 -20.62 15.61
C7 NAG I . 19.69 -14.50 13.49
C8 NAG I . 19.08 -13.57 12.48
N2 NAG I . 19.83 -15.76 13.12
O3 NAG I . 22.52 -16.72 12.82
O4 NAG I . 22.88 -19.55 13.33
O5 NAG I . 19.92 -18.74 15.32
O6 NAG I . 20.31 -20.91 16.58
O7 NAG I . 20.06 -14.10 14.60
C1 NAG I . 24.23 -19.26 13.72
C2 NAG I . 25.10 -20.49 13.47
C3 NAG I . 26.56 -20.19 13.81
C4 NAG I . 27.04 -18.92 13.13
C5 NAG I . 26.06 -17.78 13.37
C6 NAG I . 26.40 -16.52 12.58
C7 NAG I . 23.68 -22.48 13.78
C8 NAG I . 23.31 -23.61 14.69
N2 NAG I . 24.63 -21.63 14.22
O3 NAG I . 27.36 -21.30 13.43
O4 NAG I . 28.30 -18.56 13.65
O5 NAG I . 24.74 -18.15 12.98
O6 NAG I . 25.93 -15.36 13.25
O7 NAG I . 23.15 -22.33 12.67
C1 BMA I . 29.31 -18.47 12.62
C2 BMA I . 30.45 -17.60 13.21
C3 BMA I . 31.71 -17.63 12.32
C4 BMA I . 32.04 -19.06 11.87
C5 BMA I . 30.81 -19.72 11.24
C6 BMA I . 31.07 -21.14 10.77
O2 BMA I . 30.84 -18.07 14.49
O3 BMA I . 32.82 -17.08 13.02
O4 BMA I . 33.10 -19.03 10.93
O5 BMA I . 29.78 -19.76 12.22
O6 BMA I . 32.48 -21.36 10.77
C1 MAN I . 33.23 -15.85 12.38
C2 MAN I . 34.76 -15.73 12.59
C3 MAN I . 35.06 -15.46 14.06
C4 MAN I . 34.25 -14.26 14.57
C5 MAN I . 32.75 -14.51 14.33
C6 MAN I . 31.88 -13.32 14.73
O2 MAN I . 35.30 -14.61 11.88
O3 MAN I . 36.45 -15.26 14.30
O4 MAN I . 34.47 -14.09 15.97
O5 MAN I . 32.54 -14.74 12.92
O6 MAN I . 32.31 -12.88 16.01
C1 NAG J . -5.76 -23.93 20.66
C2 NAG J . -7.18 -23.81 21.23
C3 NAG J . -7.53 -22.34 21.51
C4 NAG J . -6.46 -21.67 22.36
C5 NAG J . -5.08 -21.88 21.72
C6 NAG J . -3.94 -21.37 22.55
C7 NAG J . -8.46 -25.69 20.30
C8 NAG J . -9.48 -26.11 19.29
N2 NAG J . -8.15 -24.39 20.31
O3 NAG J . -8.79 -22.28 22.17
O4 NAG J . -6.75 -20.28 22.43
O5 NAG J . -4.84 -23.29 21.54
O6 NAG J . -3.66 -20.00 22.28
O7 NAG J . -7.94 -26.49 21.08
C1 NAG J . -6.60 -19.75 23.77
C2 NAG J . -7.11 -18.31 23.79
C3 NAG J . -7.00 -17.71 25.18
C4 NAG J . -7.67 -18.62 26.21
C5 NAG J . -7.13 -20.04 26.09
C6 NAG J . -7.83 -21.01 27.01
C7 NAG J . -6.70 -17.49 21.51
C8 NAG J . -5.85 -16.58 20.65
N2 NAG J . -6.41 -17.49 22.82
O3 NAG J . -7.59 -16.42 25.20
O4 NAG J . -7.40 -18.13 27.53
O5 NAG J . -7.32 -20.52 24.76
O6 NAG J . -9.18 -21.23 26.61
O7 NAG J . -7.58 -18.19 21.04
C1 NAG K . -30.66 7.21 -13.84
C2 NAG K . -30.97 7.48 -12.36
C3 NAG K . -31.52 8.89 -12.17
C4 NAG K . -30.61 9.92 -12.85
C5 NAG K . -30.35 9.54 -14.30
C6 NAG K . -29.38 10.45 -15.00
C7 NAG K . -31.52 5.38 -11.23
C8 NAG K . -32.62 4.47 -10.76
N2 NAG K . -31.91 6.49 -11.85
O3 NAG K . -31.60 9.15 -10.78
O4 NAG K . -31.19 11.22 -12.84
O5 NAG K . -29.78 8.22 -14.35
O6 NAG K . -29.99 11.68 -15.34
O7 NAG K . -30.34 5.11 -11.03
C1 NAG K . -32.59 10.15 -10.41
C2 NAG K . -32.97 9.97 -8.94
C3 NAG K . -33.94 11.08 -8.51
C4 NAG K . -33.37 12.45 -8.84
C5 NAG K . -33.01 12.51 -10.32
C6 NAG K . -32.33 13.81 -10.71
C7 NAG K . -32.87 7.65 -8.15
C8 NAG K . -33.65 6.38 -7.96
N2 NAG K . -33.56 8.67 -8.69
O3 NAG K . -34.18 10.98 -7.11
O4 NAG K . -34.33 13.46 -8.55
O5 NAG K . -32.09 11.46 -10.63
O6 NAG K . -32.72 14.24 -12.00
O7 NAG K . -31.69 7.75 -7.84
C1 NAG L . 2.59 5.60 -4.47
C2 NAG L . 2.58 7.09 -4.19
C3 NAG L . 2.15 7.87 -5.44
C4 NAG L . 3.01 7.47 -6.63
C5 NAG L . 3.00 5.96 -6.80
C6 NAG L . 3.91 5.47 -7.90
C7 NAG L . 2.12 7.39 -1.80
C8 NAG L . 1.10 7.75 -0.77
N2 NAG L . 1.71 7.42 -3.07
O3 NAG L . 2.26 9.27 -5.17
O4 NAG L . 2.52 8.06 -7.83
O5 NAG L . 3.43 5.32 -5.59
O6 NAG L . 4.71 4.38 -7.47
O7 NAG L . 3.27 7.08 -1.49
C1 NAG L . 3.10 9.35 -8.09
C2 NAG L . 4.09 9.26 -9.25
C3 NAG L . 4.64 10.65 -9.60
C4 NAG L . 3.50 11.62 -9.84
C5 NAG L . 2.54 11.63 -8.65
C6 NAG L . 1.32 12.50 -8.87
C7 NAG L . 5.87 7.67 -9.87
C8 NAG L . 6.96 6.78 -9.36
N2 NAG L . 5.19 8.36 -8.94
O3 NAG L . 5.47 10.57 -10.76
O4 NAG L . 4.01 12.94 -10.04
O5 NAG L . 2.07 10.30 -8.41
O6 NAG L . 1.40 13.69 -8.11
O7 NAG L . 5.59 7.76 -11.07
C1 NAG M . 19.70 -9.02 0.10
C2 NAG M . 20.57 -8.05 -0.69
C3 NAG M . 21.15 -8.74 -1.91
C4 NAG M . 21.87 -10.03 -1.52
C5 NAG M . 20.97 -10.91 -0.64
C6 NAG M . 21.68 -12.12 -0.09
C7 NAG M . 19.75 -5.77 -0.33
C8 NAG M . 18.92 -4.64 -0.89
N2 NAG M . 19.81 -6.87 -1.07
O3 NAG M . 22.05 -7.86 -2.57
O4 NAG M . 22.22 -10.77 -2.68
O5 NAG M . 20.47 -10.16 0.48
O6 NAG M . 20.76 -13.06 0.46
O7 NAG M . 20.32 -5.68 0.75
C1 NAG M . 23.62 -10.63 -2.97
C2 NAG M . 24.15 -11.97 -3.48
C3 NAG M . 25.63 -11.84 -3.87
C4 NAG M . 25.81 -10.70 -4.85
C5 NAG M . 25.22 -9.41 -4.28
C6 NAG M . 25.28 -8.26 -5.26
C7 NAG M . 23.30 -14.14 -2.71
C8 NAG M . 23.21 -15.10 -1.57
N2 NAG M . 23.98 -13.02 -2.48
O3 NAG M . 26.07 -13.06 -4.44
O4 NAG M . 27.21 -10.50 -5.10
O5 NAG M . 23.85 -9.61 -3.96
O6 NAG M . 24.06 -8.15 -6.00
O7 NAG M . 22.75 -14.36 -3.79
C1 NAG N . 6.64 6.13 3.17
C2 NAG N . 7.84 6.28 2.27
C3 NAG N . 9.12 6.08 3.07
C4 NAG N . 9.14 7.03 4.27
C5 NAG N . 7.83 6.95 5.06
C6 NAG N . 7.73 8.02 6.13
C7 NAG N . 7.74 4.02 1.24
C8 NAG N . 7.68 3.27 -0.05
N2 NAG N . 7.79 5.36 1.14
O3 NAG N . 10.23 6.33 2.21
O4 NAG N . 10.20 6.67 5.16
O5 NAG N . 6.70 7.12 4.20
O6 NAG N . 7.29 9.25 5.58
O7 NAG N . 7.74 3.45 2.33
C1 NAG N . 11.44 7.28 4.77
C2 NAG N . 12.01 8.10 5.94
C3 NAG N . 13.35 8.71 5.53
C4 NAG N . 14.29 7.65 4.98
C5 NAG N . 13.61 6.81 3.90
C6 NAG N . 14.45 5.63 3.46
C7 NAG N . 11.07 9.66 7.58
C8 NAG N . 10.04 10.71 7.84
N2 NAG N . 11.07 9.13 6.35
O3 NAG N . 13.94 9.35 6.66
O4 NAG N . 15.42 8.28 4.39
O5 NAG N . 12.37 6.27 4.39
O6 NAG N . 15.09 5.89 2.21
O7 NAG N . 11.87 9.31 8.44
C1 BMA N . 16.56 8.22 5.27
C2 BMA N . 17.78 7.89 4.40
C3 BMA N . 19.10 8.10 5.15
C4 BMA N . 19.10 9.41 5.98
C5 BMA N . 17.81 9.53 6.82
C6 BMA N . 17.72 10.86 7.52
O2 BMA N . 17.82 8.74 3.26
O3 BMA N . 20.18 8.12 4.22
O4 BMA N . 20.21 9.46 6.85
O5 BMA N . 16.70 9.44 5.94
O6 BMA N . 17.93 11.86 6.53
C1 MAN N . 21.33 7.43 4.73
C2 MAN N . 22.45 7.51 3.62
C3 MAN N . 22.22 6.46 2.53
C4 MAN N . 22.01 5.08 3.15
C5 MAN N . 20.78 5.13 4.05
C6 MAN N . 20.46 3.80 4.70
O2 MAN N . 23.74 7.25 4.14
O3 MAN N . 23.29 6.42 1.60
O4 MAN N . 21.81 4.11 2.14
O5 MAN N . 21.03 6.08 5.12
O6 MAN N . 21.16 3.73 5.94
C1 MAN N . 24.49 8.48 4.11
C2 MAN N . 25.97 8.14 3.79
C3 MAN N . 26.58 7.37 4.95
C4 MAN N . 26.39 8.16 6.26
C5 MAN N . 24.90 8.44 6.49
C6 MAN N . 24.63 9.31 7.71
O2 MAN N . 26.78 9.32 3.67
O3 MAN N . 27.95 7.07 4.74
O4 MAN N . 26.90 7.41 7.35
O5 MAN N . 24.38 9.15 5.35
O6 MAN N . 24.81 10.67 7.34
C1 MAN N . 26.62 9.96 2.38
C2 MAN N . 28.02 10.58 2.04
C3 MAN N . 27.98 11.91 1.23
C4 MAN N . 26.70 12.74 1.42
C5 MAN N . 25.45 11.87 1.40
C6 MAN N . 25.18 11.16 0.07
O2 MAN N . 28.78 9.69 1.23
O3 MAN N . 28.27 11.69 -0.16
O4 MAN N . 26.77 13.47 2.64
O5 MAN N . 25.55 10.89 2.44
O6 MAN N . 24.02 10.33 0.23
C1 MAN N . 17.34 13.12 6.91
C2 MAN N . 17.00 13.85 5.61
C3 MAN N . 18.33 14.12 4.86
C4 MAN N . 19.30 14.93 5.75
C5 MAN N . 19.52 14.07 7.03
C6 MAN N . 20.53 14.63 8.04
O2 MAN N . 16.43 15.11 5.89
O3 MAN N . 18.15 14.62 3.49
O4 MAN N . 20.55 15.12 5.12
O5 MAN N . 18.24 13.85 7.69
O6 MAN N . 19.97 15.70 8.81
C1 MAN N . 20.85 15.92 9.95
C2 MAN N . 20.39 17.16 10.76
C3 MAN N . 20.69 18.44 9.95
C4 MAN N . 22.18 18.51 9.62
C5 MAN N . 22.54 17.29 8.77
C6 MAN N . 24.01 17.22 8.39
O2 MAN N . 21.15 17.25 11.99
O3 MAN N . 20.26 19.65 10.58
O4 MAN N . 22.46 19.69 8.88
O5 MAN N . 22.22 16.07 9.50
O6 MAN N . 24.14 16.31 7.30
C1 MAN N . 20.43 17.90 13.07
C2 MAN N . 21.33 17.81 14.36
C3 MAN N . 21.15 16.46 15.06
C4 MAN N . 19.67 16.16 15.27
C5 MAN N . 19.00 16.07 13.90
C6 MAN N . 17.53 15.73 13.99
O2 MAN N . 20.96 18.80 15.33
O3 MAN N . 21.84 16.42 16.31
O4 MAN N . 19.53 14.92 15.96
O5 MAN N . 19.11 17.35 13.24
O6 MAN N . 16.96 15.88 12.70
C1 MAN N . 18.20 16.04 3.29
C2 MAN N . 16.77 16.56 3.17
C3 MAN N . 16.11 15.88 1.97
C4 MAN N . 16.93 16.16 0.70
C5 MAN N . 18.40 15.74 0.90
C6 MAN N . 19.29 16.17 -0.26
O2 MAN N . 16.74 17.96 2.88
O3 MAN N . 14.77 16.32 1.80
O4 MAN N . 16.38 15.43 -0.39
O5 MAN N . 18.93 16.33 2.12
O6 MAN N . 20.57 15.58 -0.07
C1 NAG O . -3.29 0.79 16.65
C2 NAG O . -3.84 -0.20 17.67
C3 NAG O . -4.67 0.55 18.71
C4 NAG O . -3.89 1.71 19.31
C5 NAG O . -3.23 2.57 18.22
C6 NAG O . -2.26 3.59 18.77
C7 NAG O . -4.59 -2.52 17.36
C8 NAG O . -5.48 -3.44 16.60
N2 NAG O . -4.65 -1.23 17.02
O3 NAG O . -5.05 -0.37 19.74
O4 NAG O . -4.77 2.55 20.02
O5 NAG O . -2.48 1.75 17.30
O6 NAG O . -1.39 4.07 17.76
O7 NAG O . -3.84 -2.92 18.25
C1 NAG O . -4.64 2.40 21.45
C2 NAG O . -5.14 3.70 22.09
C3 NAG O . -5.08 3.60 23.61
C4 NAG O . -5.82 2.35 24.09
C5 NAG O . -5.29 1.12 23.37
C6 NAG O . -6.05 -0.14 23.70
C7 NAG O . -4.93 5.86 20.94
C8 NAG O . -4.00 6.96 20.53
N2 NAG O . -4.39 4.85 21.62
O3 NAG O . -5.66 4.77 24.18
O4 NAG O . -5.65 2.19 25.49
O5 NAG O . -5.39 1.29 21.95
O6 NAG O . -5.36 -1.31 23.29
O7 NAG O . -6.13 5.88 20.65
C1 NAG P . -3.73 3.18 -9.62
C2 NAG P . -3.22 2.37 -10.81
C3 NAG P . -2.47 3.27 -11.79
C4 NAG P . -3.33 4.46 -12.19
C5 NAG P . -3.79 5.20 -10.94
C6 NAG P . -4.72 6.35 -11.23
C7 NAG P . -2.23 0.14 -11.08
C8 NAG P . -1.31 -0.88 -10.49
N2 NAG P . -2.37 1.27 -10.38
O3 NAG P . -2.11 2.51 -12.94
O4 NAG P . -2.59 5.36 -13.01
O5 NAG P . -4.51 4.30 -10.09
O6 NAG P . -6.00 5.90 -11.65
O7 NAG P . -2.82 -0.05 -12.13
C1 NAG P . -2.91 5.14 -14.40
C2 NAG P . -2.52 6.40 -15.19
C3 NAG P . -2.76 6.18 -16.68
C4 NAG P . -2.06 4.91 -17.16
C5 NAG P . -2.48 3.73 -16.30
C6 NAG P . -1.75 2.45 -16.64
C7 NAG P . -2.86 8.36 -13.74
C8 NAG P . -3.76 9.50 -13.39
N2 NAG P . -3.29 7.56 -14.72
O3 NAG P . -2.27 7.31 -17.41
O4 NAG P . -2.38 4.65 -18.52
O5 NAG P . -2.20 4.01 -14.92
O6 NAG P . -2.27 1.35 -15.92
O7 NAG P . -1.80 8.16 -13.16
C1 NAG Q . -62.34 -19.88 -23.17
C2 NAG Q . -63.16 -21.02 -23.80
C3 NAG Q . -64.26 -21.46 -22.83
C4 NAG Q . -63.68 -21.80 -21.47
C5 NAG Q . -62.86 -20.62 -20.93
C6 NAG Q . -62.16 -20.94 -19.64
C7 NAG Q . -63.08 -20.78 -26.23
C8 NAG Q . -63.82 -20.31 -27.45
N2 NAG Q . -63.72 -20.62 -25.07
O3 NAG Q . -64.93 -22.60 -23.37
O4 NAG Q . -64.73 -22.10 -20.55
O5 NAG Q . -61.84 -20.28 -21.89
O6 NAG Q . -62.55 -20.03 -18.61
O7 NAG Q . -61.96 -21.28 -26.30
C1 NAG R . -53.29 -15.00 -12.34
C2 NAG R . -53.48 -13.49 -12.17
C3 NAG R . -53.41 -13.13 -10.69
C4 NAG R . -54.38 -13.96 -9.88
C5 NAG R . -54.15 -15.45 -10.14
C6 NAG R . -55.17 -16.34 -9.46
C7 NAG R . -52.73 -12.29 -14.17
C8 NAG R . -51.61 -11.53 -14.81
N2 NAG R . -52.50 -12.75 -12.94
O3 NAG R . -53.70 -11.74 -10.53
O4 NAG R . -54.21 -13.70 -8.49
O5 NAG R . -54.25 -15.71 -11.54
O6 NAG R . -56.47 -16.15 -10.02
O7 NAG R . -53.81 -12.48 -14.74
C1 NAG S . -32.04 2.31 -3.31
C2 NAG S . -32.54 2.24 -1.86
C3 NAG S . -33.97 1.70 -1.81
C4 NAG S . -34.87 2.52 -2.73
C5 NAG S . -34.29 2.58 -4.13
C6 NAG S . -35.08 3.46 -5.07
C7 NAG S . -30.59 1.92 -0.41
C8 NAG S . -29.79 0.93 0.39
N2 NAG S . -31.66 1.43 -1.04
O3 NAG S . -34.45 1.76 -0.48
O4 NAG S . -36.16 1.93 -2.78
O5 NAG S . -32.95 3.10 -4.09
O6 NAG S . -36.31 2.87 -5.45
O7 NAG S . -30.27 3.10 -0.48
C1 NAG T . 17.41 -23.62 23.70
C2 NAG T . 17.53 -24.67 24.81
C3 NAG T . 18.50 -24.19 25.89
C4 NAG T . 19.84 -23.83 25.25
C5 NAG T . 19.64 -22.82 24.14
C6 NAG T . 20.91 -22.48 23.40
C7 NAG T . 15.59 -26.12 25.26
C8 NAG T . 14.26 -26.23 25.94
N2 NAG T . 16.23 -24.94 25.40
O3 NAG T . 18.68 -25.22 26.86
O4 NAG T . 20.70 -23.27 26.25
O5 NAG T . 18.72 -23.34 23.17
O6 NAG T . 20.66 -22.20 22.03
O7 NAG T . 16.08 -27.05 24.63
C1 NAG U . 16.41 -33.31 19.23
C2 NAG U . 17.86 -33.50 18.73
C3 NAG U . 18.77 -33.83 19.90
C4 NAG U . 18.63 -32.80 21.00
C5 NAG U . 17.16 -32.63 21.40
C6 NAG U . 16.94 -31.53 22.41
C7 NAG U . 18.91 -34.60 16.81
C8 NAG U . 18.84 -35.74 15.84
N2 NAG U . 17.93 -34.54 17.71
O3 NAG U . 20.12 -33.88 19.46
O4 NAG U . 19.38 -33.20 22.15
O5 NAG U . 16.38 -32.30 20.24
O6 NAG U . 15.99 -30.58 21.93
O7 NAG U . 19.81 -33.77 16.77
C1 NAG V . -25.76 4.42 -21.72
C2 NAG V . -25.48 5.92 -21.84
C3 NAG V . -24.63 6.20 -23.06
C4 NAG V . -23.38 5.34 -23.04
C5 NAG V . -23.74 3.87 -22.88
C6 NAG V . -22.52 2.98 -22.73
C7 NAG V . -27.15 7.45 -20.90
C8 NAG V . -28.46 8.15 -21.13
N2 NAG V . -26.73 6.67 -21.89
O3 NAG V . -24.28 7.57 -23.10
O4 NAG V . -22.65 5.50 -24.26
O5 NAG V . -24.52 3.70 -21.68
O6 NAG V . -21.61 3.18 -23.79
O7 NAG V . -26.52 7.59 -19.86
C1 NAG W . -35.03 -2.43 8.69
C2 NAG W . -36.21 -3.31 8.32
C3 NAG W . -37.47 -2.87 9.06
C4 NAG W . -37.20 -2.81 10.57
C5 NAG W . -35.99 -1.93 10.85
C6 NAG W . -35.59 -1.92 12.30
C7 NAG W . -36.57 -4.40 6.14
C8 NAG W . -36.80 -4.19 4.68
N2 NAG W . -36.44 -3.29 6.88
O3 NAG W . -38.52 -3.77 8.79
O4 NAG W . -38.33 -2.27 11.24
O5 NAG W . -34.85 -2.43 10.13
O6 NAG W . -35.21 -0.61 12.73
O7 NAG W . -36.50 -5.52 6.64
C1 NAG X . -16.11 13.29 -6.58
C2 NAG X . -16.08 14.07 -7.90
C3 NAG X . -15.90 15.57 -7.62
C4 NAG X . -16.97 16.06 -6.66
C5 NAG X . -16.95 15.23 -5.38
C6 NAG X . -18.07 15.60 -4.43
C7 NAG X . -15.00 13.78 -10.08
C8 NAG X . -13.82 13.21 -10.81
N2 NAG X . -15.02 13.58 -8.77
O3 NAG X . -15.98 16.29 -8.84
O4 NAG X . -16.73 17.43 -6.34
O5 NAG X . -17.13 13.84 -5.70
O6 NAG X . -17.70 15.37 -3.08
O7 NAG X . -15.89 14.40 -10.66
C1 NAG Y . 14.23 -2.14 -2.56
C2 NAG Y . 14.86 -1.84 -3.91
C3 NAG Y . 15.02 -0.34 -4.09
C4 NAG Y . 13.70 0.38 -3.87
C5 NAG Y . 13.10 -0.03 -2.52
C6 NAG Y . 11.71 0.55 -2.31
C7 NAG Y . 16.26 -3.72 -4.64
C8 NAG Y . 17.65 -4.27 -4.71
N2 NAG Y . 16.14 -2.52 -4.06
O3 NAG Y . 15.52 -0.06 -5.40
O4 NAG Y . 13.89 1.79 -3.89
O5 NAG Y . 12.97 -1.45 -2.45
O6 NAG Y . 10.97 0.60 -3.53
O7 NAG Y . 15.30 -4.32 -5.09
#